data_2KG5
#
_entry.id   2KG5
#
_entity_poly.entity_id   1
_entity_poly.type   'polypeptide(L)'
_entity_poly.pdbx_seq_one_letter_code
;MGSSHHHHHHSSGLVPRGSHMAAPQDLDIAVWLATVHLEQYADTFRRHGLATAGAARGLGHEELKQLGISATGHRKRILR
LLQTGTEEGSLDPKSDSAME
;
_entity_poly.pdbx_strand_id   A
#
# COMPACT_ATOMS: atom_id res chain seq x y z
N HIS A 20 -14.34 9.58 8.02
CA HIS A 20 -12.94 9.94 7.86
C HIS A 20 -12.31 9.19 6.69
N MET A 21 -11.77 9.94 5.73
CA MET A 21 -11.14 9.34 4.55
C MET A 21 -9.65 9.15 4.78
N ALA A 22 -9.08 8.15 4.12
CA ALA A 22 -7.65 7.86 4.24
C ALA A 22 -7.26 7.67 5.71
N ALA A 23 -5.96 7.53 5.94
CA ALA A 23 -5.44 7.34 7.30
C ALA A 23 -4.55 8.50 7.71
N PRO A 24 -4.38 8.67 9.03
CA PRO A 24 -3.55 9.75 9.58
C PRO A 24 -2.06 9.53 9.33
N GLN A 25 -1.29 10.60 9.41
CA GLN A 25 0.15 10.53 9.17
C GLN A 25 0.82 9.64 10.23
N ASP A 26 0.26 9.64 11.43
CA ASP A 26 0.82 8.84 12.52
C ASP A 26 0.16 7.46 12.57
N LEU A 27 0.04 6.83 11.41
CA LEU A 27 -0.58 5.51 11.31
C LEU A 27 0.49 4.43 11.19
N ASP A 28 0.52 3.52 12.17
CA ASP A 28 1.49 2.43 12.17
C ASP A 28 1.55 1.76 10.79
N ILE A 29 2.77 1.52 10.32
CA ILE A 29 2.97 0.88 9.03
C ILE A 29 2.31 -0.49 8.99
N ALA A 30 2.06 -1.06 10.16
CA ALA A 30 1.43 -2.37 10.26
C ALA A 30 -0.06 -2.28 9.95
N VAL A 31 -0.69 -1.19 10.36
CA VAL A 31 -2.11 -0.98 10.14
C VAL A 31 -2.39 -0.64 8.67
N TRP A 32 -1.38 -0.09 8.00
CA TRP A 32 -1.52 0.30 6.60
C TRP A 32 -1.48 -0.93 5.70
N LEU A 33 -0.46 -1.75 5.87
CA LEU A 33 -0.30 -2.96 5.07
C LEU A 33 -1.32 -4.02 5.48
N ALA A 34 -1.82 -3.91 6.70
CA ALA A 34 -2.80 -4.87 7.21
C ALA A 34 -4.09 -4.79 6.40
N THR A 35 -4.28 -3.69 5.68
CA THR A 35 -5.46 -3.49 4.86
C THR A 35 -5.49 -4.46 3.69
N VAL A 36 -4.32 -4.90 3.26
CA VAL A 36 -4.20 -5.83 2.14
C VAL A 36 -3.68 -7.19 2.61
N HIS A 37 -3.72 -7.41 3.92
CA HIS A 37 -3.25 -8.67 4.50
C HIS A 37 -1.76 -8.86 4.26
N LEU A 38 -1.00 -7.78 4.42
CA LEU A 38 0.44 -7.82 4.22
C LEU A 38 1.16 -7.02 5.30
N GLU A 39 0.53 -6.89 6.46
CA GLU A 39 1.11 -6.14 7.57
C GLU A 39 2.47 -6.72 7.94
N GLN A 40 2.70 -7.98 7.60
CA GLN A 40 3.96 -8.64 7.91
C GLN A 40 5.14 -7.88 7.28
N TYR A 41 4.85 -7.15 6.21
CA TYR A 41 5.88 -6.38 5.53
C TYR A 41 6.27 -5.13 6.33
N ALA A 42 5.51 -4.86 7.38
CA ALA A 42 5.77 -3.70 8.24
C ALA A 42 7.16 -3.80 8.86
N ASP A 43 7.65 -5.02 9.02
CA ASP A 43 8.97 -5.23 9.60
C ASP A 43 10.05 -4.54 8.79
N THR A 44 10.30 -5.06 7.59
CA THR A 44 11.31 -4.49 6.70
C THR A 44 11.09 -2.99 6.50
N PHE A 45 9.82 -2.58 6.53
CA PHE A 45 9.46 -1.18 6.34
C PHE A 45 10.02 -0.33 7.48
N ARG A 46 9.70 -0.72 8.71
CA ARG A 46 10.17 0.01 9.89
C ARG A 46 11.68 0.10 9.91
N ARG A 47 12.34 -1.02 9.64
CA ARG A 47 13.80 -1.08 9.63
C ARG A 47 14.36 -0.18 8.52
N HIS A 48 13.50 0.21 7.58
CA HIS A 48 13.93 1.06 6.48
C HIS A 48 13.84 2.54 6.86
N GLY A 49 13.32 2.80 8.06
CA GLY A 49 13.19 4.17 8.52
C GLY A 49 11.80 4.72 8.33
N LEU A 50 10.84 3.84 8.09
CA LEU A 50 9.45 4.25 7.89
C LEU A 50 8.49 3.28 8.58
N ALA A 51 8.10 3.63 9.80
CA ALA A 51 7.19 2.81 10.57
C ALA A 51 5.77 3.37 10.52
N THR A 52 5.55 4.30 9.61
CA THR A 52 4.23 4.93 9.46
C THR A 52 3.94 5.25 8.00
N ALA A 53 2.67 5.25 7.64
CA ALA A 53 2.25 5.54 6.26
C ALA A 53 2.70 6.94 5.85
N GLY A 54 2.97 7.79 6.84
CA GLY A 54 3.40 9.14 6.55
C GLY A 54 4.89 9.23 6.27
N ALA A 55 5.66 8.32 6.85
CA ALA A 55 7.10 8.29 6.66
C ALA A 55 7.47 7.56 5.37
N ALA A 56 6.52 6.81 4.83
CA ALA A 56 6.74 6.06 3.60
C ALA A 56 6.04 6.71 2.42
N ARG A 57 5.12 7.63 2.72
CA ARG A 57 4.37 8.33 1.68
C ARG A 57 5.32 8.91 0.62
N GLY A 58 5.24 8.37 -0.59
CA GLY A 58 6.10 8.83 -1.67
C GLY A 58 6.78 7.70 -2.40
N LEU A 59 7.00 6.59 -1.69
CA LEU A 59 7.65 5.43 -2.28
C LEU A 59 6.91 4.96 -3.53
N GLY A 60 7.67 4.47 -4.51
CA GLY A 60 7.06 4.00 -5.74
C GLY A 60 7.31 2.52 -5.96
N HIS A 61 7.08 2.06 -7.19
CA HIS A 61 7.28 0.65 -7.53
C HIS A 61 8.75 0.28 -7.49
N GLU A 62 9.55 0.95 -8.31
CA GLU A 62 10.98 0.69 -8.37
C GLU A 62 11.61 0.80 -6.98
N GLU A 63 11.05 1.68 -6.15
CA GLU A 63 11.55 1.89 -4.80
C GLU A 63 11.13 0.74 -3.88
N LEU A 64 9.98 0.15 -4.18
CA LEU A 64 9.47 -0.96 -3.38
C LEU A 64 10.34 -2.20 -3.54
N LYS A 65 11.01 -2.30 -4.69
CA LYS A 65 11.88 -3.43 -4.96
C LYS A 65 13.05 -3.47 -3.98
N GLN A 66 13.63 -2.31 -3.72
CA GLN A 66 14.77 -2.22 -2.80
C GLN A 66 14.29 -2.18 -1.35
N LEU A 67 12.99 -1.97 -1.17
CA LEU A 67 12.40 -1.91 0.17
C LEU A 67 12.37 -3.30 0.81
N GLY A 68 12.41 -4.33 -0.02
CA GLY A 68 12.38 -5.70 0.47
C GLY A 68 11.21 -6.49 -0.06
N ILE A 69 10.58 -5.98 -1.11
CA ILE A 69 9.44 -6.65 -1.72
C ILE A 69 9.84 -7.31 -3.04
N SER A 70 9.48 -8.58 -3.20
CA SER A 70 9.81 -9.33 -4.40
C SER A 70 8.54 -9.75 -5.13
N ALA A 71 7.44 -9.86 -4.39
CA ALA A 71 6.16 -10.26 -4.95
C ALA A 71 5.53 -9.11 -5.75
N THR A 72 5.20 -9.39 -7.00
CA THR A 72 4.60 -8.38 -7.87
C THR A 72 3.17 -8.08 -7.45
N GLY A 73 2.35 -9.12 -7.37
CA GLY A 73 0.95 -8.95 -6.97
C GLY A 73 0.82 -8.20 -5.67
N HIS A 74 1.84 -8.29 -4.83
CA HIS A 74 1.83 -7.61 -3.53
C HIS A 74 2.23 -6.15 -3.67
N ARG A 75 3.23 -5.90 -4.51
CA ARG A 75 3.72 -4.54 -4.73
C ARG A 75 2.59 -3.64 -5.22
N LYS A 76 1.91 -4.07 -6.27
CA LYS A 76 0.80 -3.31 -6.84
C LYS A 76 -0.35 -3.21 -5.86
N ARG A 77 -0.34 -4.07 -4.85
CA ARG A 77 -1.39 -4.08 -3.84
C ARG A 77 -1.19 -2.94 -2.83
N ILE A 78 0.04 -2.50 -2.68
CA ILE A 78 0.37 -1.42 -1.77
C ILE A 78 0.18 -0.06 -2.42
N LEU A 79 0.85 0.13 -3.57
CA LEU A 79 0.75 1.38 -4.30
C LEU A 79 -0.71 1.74 -4.60
N ARG A 80 -1.51 0.72 -4.85
CA ARG A 80 -2.92 0.92 -5.15
C ARG A 80 -3.65 1.57 -3.98
N LEU A 81 -3.06 1.43 -2.79
CA LEU A 81 -3.64 2.00 -1.58
C LEU A 81 -3.04 3.38 -1.28
N LEU A 82 -1.78 3.55 -1.64
CA LEU A 82 -1.09 4.82 -1.41
C LEU A 82 -1.71 5.94 -2.25
N GLN A 83 -2.24 5.57 -3.42
CA GLN A 83 -2.86 6.54 -4.30
C GLN A 83 -4.03 7.24 -3.62
N THR A 84 -4.53 6.63 -2.55
CA THR A 84 -5.65 7.20 -1.81
C THR A 84 -5.41 8.66 -1.48
N GLY A 85 -6.46 9.47 -1.59
CA GLY A 85 -6.34 10.89 -1.31
C GLY A 85 -7.01 11.75 -2.36
N THR A 86 -6.29 12.04 -3.43
CA THR A 86 -6.82 12.87 -4.52
C THR A 86 -7.99 12.17 -5.22
N GLU A 87 -7.97 10.83 -5.21
CA GLU A 87 -9.02 10.05 -5.84
C GLU A 87 -9.74 9.18 -4.82
N GLU A 88 -8.98 8.60 -3.91
CA GLU A 88 -9.54 7.73 -2.88
C GLU A 88 -10.35 6.61 -3.49
N GLY A 89 -9.66 5.52 -3.84
CA GLY A 89 -10.34 4.37 -4.44
C GLY A 89 -9.58 3.08 -4.22
N SER A 90 -10.09 2.25 -3.32
CA SER A 90 -9.45 0.97 -3.02
C SER A 90 -10.50 -0.11 -2.78
N LEU A 91 -10.18 -1.33 -3.20
CA LEU A 91 -11.08 -2.46 -3.03
C LEU A 91 -12.46 -2.14 -3.60
N ASP A 92 -12.60 -2.30 -4.91
CA ASP A 92 -13.87 -2.03 -5.58
C ASP A 92 -13.94 -2.75 -6.93
N PRO A 93 -15.17 -2.92 -7.44
CA PRO A 93 -15.40 -3.59 -8.72
C PRO A 93 -14.92 -2.76 -9.91
N LYS A 94 -14.64 -3.43 -11.02
CA LYS A 94 -14.17 -2.75 -12.22
C LYS A 94 -14.60 -3.51 -13.48
N SER A 95 -15.90 -3.69 -13.63
CA SER A 95 -16.45 -4.41 -14.78
C SER A 95 -17.93 -4.10 -14.96
N ASP A 96 -18.41 -4.22 -16.19
CA ASP A 96 -19.82 -3.96 -16.49
C ASP A 96 -20.26 -4.73 -17.73
N SER A 97 -21.33 -5.50 -17.59
CA SER A 97 -21.85 -6.29 -18.70
C SER A 97 -20.84 -7.34 -19.15
N ALA A 98 -21.29 -8.28 -19.98
CA ALA A 98 -20.41 -9.33 -20.48
C ALA A 98 -20.81 -9.74 -21.89
N MET A 99 -22.09 -10.02 -22.09
CA MET A 99 -22.59 -10.42 -23.39
C MET A 99 -24.12 -10.27 -23.46
N GLU A 100 -24.80 -10.92 -22.52
CA GLU A 100 -26.26 -10.86 -22.46
C GLU A 100 -26.76 -10.92 -21.02
N HIS A 20 -5.79 14.54 0.57
CA HIS A 20 -4.42 14.61 1.09
C HIS A 20 -3.95 13.25 1.57
N MET A 21 -4.54 12.77 2.66
CA MET A 21 -4.18 11.47 3.23
C MET A 21 -5.40 10.57 3.34
N ALA A 22 -6.54 11.15 3.71
CA ALA A 22 -7.77 10.40 3.85
C ALA A 22 -7.62 9.29 4.89
N ALA A 23 -6.70 9.48 5.82
CA ALA A 23 -6.45 8.49 6.87
C ALA A 23 -5.52 9.04 7.93
N PRO A 24 -5.57 8.44 9.13
CA PRO A 24 -4.73 8.86 10.26
C PRO A 24 -3.25 8.53 10.05
N GLN A 25 -2.39 9.49 10.36
CA GLN A 25 -0.95 9.31 10.20
C GLN A 25 -0.43 8.20 11.12
N ASP A 26 -1.13 8.00 12.24
CA ASP A 26 -0.74 6.97 13.20
C ASP A 26 -1.44 5.65 12.89
N LEU A 27 -1.41 5.25 11.62
CA LEU A 27 -2.03 4.01 11.19
C LEU A 27 -0.98 2.92 10.98
N ASP A 28 -1.08 1.84 11.75
CA ASP A 28 -0.15 0.74 11.65
C ASP A 28 0.05 0.33 10.20
N ILE A 29 1.30 0.12 9.81
CA ILE A 29 1.63 -0.28 8.44
C ILE A 29 0.94 -1.58 8.07
N ALA A 30 0.54 -2.34 9.08
CA ALA A 30 -0.13 -3.61 8.87
C ALA A 30 -1.58 -3.40 8.43
N VAL A 31 -2.20 -2.36 8.97
CA VAL A 31 -3.59 -2.05 8.64
C VAL A 31 -3.69 -1.44 7.25
N TRP A 32 -2.61 -0.83 6.79
CA TRP A 32 -2.59 -0.20 5.47
C TRP A 32 -2.48 -1.25 4.38
N LEU A 33 -1.50 -2.13 4.48
CA LEU A 33 -1.29 -3.19 3.50
C LEU A 33 -2.39 -4.24 3.59
N ALA A 34 -3.02 -4.33 4.76
CA ALA A 34 -4.09 -5.29 4.97
C ALA A 34 -5.27 -5.02 4.05
N THR A 35 -5.33 -3.80 3.53
CA THR A 35 -6.41 -3.41 2.63
C THR A 35 -6.31 -4.14 1.30
N VAL A 36 -5.10 -4.58 0.95
CA VAL A 36 -4.88 -5.30 -0.30
C VAL A 36 -4.45 -6.74 -0.02
N HIS A 37 -4.65 -7.19 1.21
CA HIS A 37 -4.30 -8.55 1.60
C HIS A 37 -2.79 -8.77 1.50
N LEU A 38 -2.02 -7.78 1.95
CA LEU A 38 -0.57 -7.86 1.91
C LEU A 38 0.04 -7.31 3.19
N GLU A 39 -0.74 -7.31 4.27
CA GLU A 39 -0.27 -6.82 5.56
C GLU A 39 1.01 -7.54 5.98
N GLN A 40 1.20 -8.75 5.48
CA GLN A 40 2.38 -9.53 5.82
C GLN A 40 3.66 -8.79 5.45
N TYR A 41 3.55 -7.88 4.47
CA TYR A 41 4.70 -7.10 4.03
C TYR A 41 5.05 -6.01 5.04
N ALA A 42 4.17 -5.83 6.02
CA ALA A 42 4.39 -4.82 7.06
C ALA A 42 5.70 -5.07 7.79
N ASP A 43 6.12 -6.33 7.85
CA ASP A 43 7.35 -6.70 8.52
C ASP A 43 8.54 -5.93 7.94
N THR A 44 8.87 -6.22 6.69
CA THR A 44 9.98 -5.56 6.02
C THR A 44 9.83 -4.04 6.07
N PHE A 45 8.58 -3.57 6.05
CA PHE A 45 8.30 -2.14 6.10
C PHE A 45 8.76 -1.54 7.42
N ARG A 46 8.31 -2.13 8.52
CA ARG A 46 8.66 -1.66 9.85
C ARG A 46 10.17 -1.64 10.03
N ARG A 47 10.83 -2.73 9.62
CA ARG A 47 12.27 -2.85 9.74
C ARG A 47 12.99 -1.79 8.89
N HIS A 48 12.24 -1.20 7.96
CA HIS A 48 12.78 -0.18 7.07
C HIS A 48 12.71 1.21 7.73
N GLY A 49 12.06 1.27 8.89
CA GLY A 49 11.92 2.53 9.59
C GLY A 49 10.57 3.18 9.37
N LEU A 50 9.62 2.40 8.87
CA LEU A 50 8.28 2.91 8.61
C LEU A 50 7.22 1.89 9.02
N ALA A 51 6.72 2.02 10.24
CA ALA A 51 5.71 1.11 10.75
C ALA A 51 4.32 1.74 10.67
N THR A 52 4.22 2.85 9.94
CA THR A 52 2.95 3.55 9.77
C THR A 52 2.82 4.15 8.39
N ALA A 53 1.59 4.29 7.91
CA ALA A 53 1.34 4.85 6.59
C ALA A 53 1.84 6.30 6.51
N GLY A 54 1.99 6.93 7.68
CA GLY A 54 2.47 8.30 7.71
C GLY A 54 3.98 8.39 7.65
N ALA A 55 4.65 7.31 8.02
CA ALA A 55 6.11 7.28 8.00
C ALA A 55 6.63 6.66 6.70
N ALA A 56 5.71 6.18 5.87
CA ALA A 56 6.08 5.57 4.60
C ALA A 56 5.63 6.43 3.42
N ARG A 57 4.74 7.38 3.70
CA ARG A 57 4.23 8.27 2.66
C ARG A 57 5.37 8.89 1.87
N GLY A 58 5.58 8.39 0.65
CA GLY A 58 6.64 8.90 -0.19
C GLY A 58 7.37 7.81 -0.95
N LEU A 59 7.27 6.58 -0.45
CA LEU A 59 7.92 5.44 -1.09
C LEU A 59 7.47 5.30 -2.54
N GLY A 60 8.39 4.87 -3.41
CA GLY A 60 8.07 4.71 -4.81
C GLY A 60 8.38 3.31 -5.31
N HIS A 61 8.03 3.04 -6.57
CA HIS A 61 8.27 1.73 -7.16
C HIS A 61 9.74 1.35 -7.03
N GLU A 62 10.63 2.25 -7.43
CA GLU A 62 12.06 2.01 -7.36
C GLU A 62 12.49 1.70 -5.93
N GLU A 63 11.82 2.34 -4.97
CA GLU A 63 12.15 2.14 -3.56
C GLU A 63 11.59 0.81 -3.06
N LEU A 64 10.45 0.41 -3.61
CA LEU A 64 9.80 -0.84 -3.23
C LEU A 64 10.63 -2.04 -3.68
N LYS A 65 11.36 -1.86 -4.77
CA LYS A 65 12.21 -2.93 -5.32
C LYS A 65 13.30 -3.32 -4.33
N GLN A 66 13.91 -2.31 -3.70
CA GLN A 66 14.96 -2.56 -2.74
C GLN A 66 14.39 -2.91 -1.37
N LEU A 67 13.08 -2.71 -1.22
CA LEU A 67 12.41 -3.01 0.04
C LEU A 67 12.30 -4.51 0.26
N GLY A 68 12.36 -5.27 -0.83
CA GLY A 68 12.27 -6.72 -0.75
C GLY A 68 11.11 -7.28 -1.57
N ILE A 69 10.58 -6.45 -2.46
CA ILE A 69 9.46 -6.86 -3.30
C ILE A 69 9.93 -7.13 -4.73
N SER A 70 9.31 -8.11 -5.38
CA SER A 70 9.67 -8.46 -6.75
C SER A 70 8.54 -9.24 -7.42
N ALA A 71 7.31 -9.02 -6.94
CA ALA A 71 6.15 -9.70 -7.49
C ALA A 71 5.47 -8.85 -8.57
N THR A 72 5.77 -7.55 -8.56
CA THR A 72 5.20 -6.64 -9.54
C THR A 72 3.73 -6.38 -9.26
N GLY A 73 2.90 -7.41 -9.45
CA GLY A 73 1.48 -7.26 -9.22
C GLY A 73 1.17 -6.72 -7.83
N HIS A 74 2.04 -7.02 -6.86
CA HIS A 74 1.86 -6.55 -5.49
C HIS A 74 2.36 -5.12 -5.34
N ARG A 75 3.46 -4.80 -6.03
CA ARG A 75 4.04 -3.46 -5.97
C ARG A 75 3.02 -2.41 -6.40
N LYS A 76 2.44 -2.61 -7.58
CA LYS A 76 1.45 -1.67 -8.11
C LYS A 76 0.19 -1.67 -7.26
N ARG A 77 0.06 -2.69 -6.41
CA ARG A 77 -1.11 -2.80 -5.53
C ARG A 77 -0.97 -1.87 -4.33
N ILE A 78 0.26 -1.54 -3.99
CA ILE A 78 0.52 -0.66 -2.84
C ILE A 78 0.51 0.80 -3.27
N LEU A 79 1.35 1.14 -4.24
CA LEU A 79 1.42 2.51 -4.73
C LEU A 79 0.06 3.00 -5.20
N ARG A 80 -0.75 2.08 -5.73
CA ARG A 80 -2.08 2.43 -6.21
C ARG A 80 -2.96 2.90 -5.07
N LEU A 81 -2.60 2.51 -3.85
CA LEU A 81 -3.36 2.89 -2.66
C LEU A 81 -2.78 4.16 -2.03
N LEU A 82 -1.47 4.32 -2.14
CA LEU A 82 -0.79 5.49 -1.59
C LEU A 82 -1.23 6.77 -2.30
N GLN A 83 -1.56 6.64 -3.57
CA GLN A 83 -2.00 7.79 -4.36
C GLN A 83 -3.24 8.42 -3.75
N THR A 84 -3.94 7.67 -2.91
CA THR A 84 -5.15 8.16 -2.25
C THR A 84 -4.90 9.53 -1.62
N GLY A 85 -5.87 10.43 -1.78
CA GLY A 85 -5.75 11.76 -1.22
C GLY A 85 -6.35 12.83 -2.12
N THR A 86 -5.81 12.95 -3.33
CA THR A 86 -6.29 13.93 -4.29
C THR A 86 -7.42 13.36 -5.14
N GLU A 87 -7.41 12.05 -5.33
CA GLU A 87 -8.42 11.37 -6.14
C GLU A 87 -9.32 10.50 -5.26
N GLU A 88 -10.39 9.99 -5.84
CA GLU A 88 -11.33 9.13 -5.12
C GLU A 88 -10.59 7.99 -4.43
N GLY A 89 -10.92 7.75 -3.16
CA GLY A 89 -10.27 6.69 -2.41
C GLY A 89 -11.15 5.46 -2.29
N SER A 90 -11.14 4.63 -3.34
CA SER A 90 -11.94 3.41 -3.34
C SER A 90 -11.27 2.31 -2.52
N LEU A 91 -11.95 1.18 -2.39
CA LEU A 91 -11.43 0.05 -1.63
C LEU A 91 -11.31 -1.19 -2.51
N ASP A 92 -12.24 -1.34 -3.45
CA ASP A 92 -12.23 -2.48 -4.35
C ASP A 92 -12.92 -2.13 -5.66
N PRO A 93 -12.62 -2.92 -6.72
CA PRO A 93 -13.20 -2.71 -8.04
C PRO A 93 -14.69 -3.03 -8.09
N LYS A 94 -15.46 -2.14 -8.70
CA LYS A 94 -16.91 -2.33 -8.82
C LYS A 94 -17.25 -3.17 -10.05
N SER A 95 -17.49 -4.45 -9.83
CA SER A 95 -17.83 -5.37 -10.91
C SER A 95 -16.69 -5.44 -11.93
N ASP A 96 -15.86 -6.47 -11.79
CA ASP A 96 -14.72 -6.66 -12.70
C ASP A 96 -14.69 -8.10 -13.22
N SER A 97 -15.87 -8.71 -13.30
CA SER A 97 -15.97 -10.09 -13.79
C SER A 97 -17.35 -10.35 -14.37
N ALA A 98 -17.42 -11.32 -15.30
CA ALA A 98 -18.68 -11.67 -15.93
C ALA A 98 -19.10 -13.09 -15.57
N MET A 99 -18.11 -13.94 -15.32
CA MET A 99 -18.38 -15.33 -14.97
C MET A 99 -17.10 -16.04 -14.54
N GLU A 100 -17.25 -17.21 -13.94
CA GLU A 100 -16.09 -17.99 -13.48
C GLU A 100 -15.32 -18.56 -14.66
N HIS A 20 -10.89 16.16 0.38
CA HIS A 20 -9.73 15.30 0.62
C HIS A 20 -10.11 14.14 1.54
N MET A 21 -9.95 12.92 1.05
CA MET A 21 -10.27 11.73 1.83
C MET A 21 -9.00 10.91 2.10
N ALA A 22 -7.87 11.59 2.22
CA ALA A 22 -6.60 10.93 2.48
C ALA A 22 -6.69 10.05 3.73
N ALA A 23 -5.70 9.18 3.91
CA ALA A 23 -5.67 8.29 5.07
C ALA A 23 -4.96 8.95 6.25
N PRO A 24 -5.25 8.45 7.46
CA PRO A 24 -4.66 8.97 8.69
C PRO A 24 -3.17 8.66 8.80
N GLN A 25 -2.59 8.95 9.97
CA GLN A 25 -1.17 8.70 10.20
C GLN A 25 -0.98 7.49 11.11
N ASP A 26 -1.85 7.34 12.10
CA ASP A 26 -1.76 6.23 13.03
C ASP A 26 -2.50 5.01 12.48
N LEU A 27 -2.09 4.57 11.31
CA LEU A 27 -2.70 3.40 10.67
C LEU A 27 -1.69 2.28 10.48
N ASP A 28 -1.94 1.13 11.10
CA ASP A 28 -1.05 -0.01 11.00
C ASP A 28 -0.70 -0.29 9.54
N ILE A 29 0.57 -0.56 9.28
CA ILE A 29 1.04 -0.86 7.94
C ILE A 29 0.33 -2.07 7.35
N ALA A 30 -0.24 -2.89 8.23
CA ALA A 30 -0.95 -4.09 7.81
C ALA A 30 -2.32 -3.73 7.25
N VAL A 31 -2.95 -2.71 7.82
CA VAL A 31 -4.27 -2.28 7.37
C VAL A 31 -4.18 -1.52 6.04
N TRP A 32 -3.01 -0.95 5.78
CA TRP A 32 -2.79 -0.21 4.54
C TRP A 32 -2.61 -1.15 3.36
N LEU A 33 -1.69 -2.10 3.49
CA LEU A 33 -1.42 -3.07 2.43
C LEU A 33 -2.58 -4.05 2.29
N ALA A 34 -3.36 -4.21 3.35
CA ALA A 34 -4.50 -5.11 3.34
C ALA A 34 -5.54 -4.66 2.33
N THR A 35 -5.45 -3.40 1.93
CA THR A 35 -6.39 -2.84 0.96
C THR A 35 -6.21 -3.46 -0.42
N VAL A 36 -5.00 -3.94 -0.68
CA VAL A 36 -4.68 -4.56 -1.96
C VAL A 36 -4.39 -6.05 -1.80
N HIS A 37 -4.76 -6.60 -0.64
CA HIS A 37 -4.53 -8.01 -0.36
C HIS A 37 -3.04 -8.32 -0.31
N LEU A 38 -2.27 -7.42 0.31
CA LEU A 38 -0.82 -7.61 0.42
C LEU A 38 -0.34 -7.20 1.81
N GLU A 39 -1.23 -7.30 2.79
CA GLU A 39 -0.88 -6.94 4.17
C GLU A 39 0.31 -7.75 4.66
N GLN A 40 0.53 -8.91 4.04
CA GLN A 40 1.63 -9.78 4.41
C GLN A 40 2.97 -9.06 4.28
N TYR A 41 3.00 -8.05 3.41
CA TYR A 41 4.21 -7.27 3.19
C TYR A 41 4.49 -6.33 4.36
N ALA A 42 3.52 -6.24 5.26
CA ALA A 42 3.65 -5.38 6.43
C ALA A 42 4.83 -5.81 7.30
N ASP A 43 5.19 -7.08 7.21
CA ASP A 43 6.30 -7.63 7.98
C ASP A 43 7.60 -6.89 7.66
N THR A 44 8.09 -7.09 6.44
CA THR A 44 9.33 -6.45 6.01
C THR A 44 9.27 -4.94 6.20
N PHE A 45 8.06 -4.38 6.06
CA PHE A 45 7.86 -2.94 6.22
C PHE A 45 8.16 -2.51 7.65
N ARG A 46 7.52 -3.17 8.60
CA ARG A 46 7.71 -2.85 10.01
C ARG A 46 9.19 -2.97 10.40
N ARG A 47 9.82 -4.06 9.96
CA ARG A 47 11.22 -4.29 10.27
C ARG A 47 12.10 -3.21 9.63
N HIS A 48 11.54 -2.47 8.69
CA HIS A 48 12.27 -1.42 8.01
C HIS A 48 12.20 -0.11 8.79
N GLY A 49 11.40 -0.11 9.85
CA GLY A 49 11.24 1.08 10.68
C GLY A 49 9.98 1.84 10.37
N LEU A 50 9.06 1.19 9.66
CA LEU A 50 7.80 1.83 9.28
C LEU A 50 6.64 0.85 9.44
N ALA A 51 5.99 0.89 10.60
CA ALA A 51 4.86 0.01 10.87
C ALA A 51 3.53 0.74 10.67
N THR A 52 3.60 1.92 10.06
CA THR A 52 2.41 2.72 9.81
C THR A 52 2.51 3.47 8.48
N ALA A 53 1.37 3.73 7.87
CA ALA A 53 1.33 4.44 6.59
C ALA A 53 1.92 5.85 6.73
N GLY A 54 2.01 6.33 7.97
CA GLY A 54 2.55 7.65 8.21
C GLY A 54 4.07 7.65 8.29
N ALA A 55 4.64 6.50 8.65
CA ALA A 55 6.09 6.37 8.75
C ALA A 55 6.69 5.85 7.46
N ALA A 56 5.83 5.46 6.52
CA ALA A 56 6.28 4.94 5.23
C ALA A 56 6.00 5.94 4.12
N ARG A 57 5.09 6.87 4.37
CA ARG A 57 4.73 7.88 3.38
C ARG A 57 5.99 8.55 2.81
N GLY A 58 6.34 8.17 1.58
CA GLY A 58 7.51 8.73 0.94
C GLY A 58 8.26 7.72 0.10
N LEU A 59 8.11 6.45 0.44
CA LEU A 59 8.79 5.37 -0.28
C LEU A 59 8.52 5.48 -1.78
N GLY A 60 9.53 5.13 -2.58
CA GLY A 60 9.38 5.19 -4.01
C GLY A 60 9.56 3.84 -4.68
N HIS A 61 9.40 3.80 -6.00
CA HIS A 61 9.54 2.56 -6.75
C HIS A 61 10.94 1.96 -6.56
N GLU A 62 11.96 2.81 -6.68
CA GLU A 62 13.34 2.38 -6.53
C GLU A 62 13.61 1.93 -5.09
N GLU A 63 12.89 2.51 -4.15
CA GLU A 63 13.05 2.17 -2.74
C GLU A 63 12.34 0.87 -2.41
N LEU A 64 11.19 0.66 -3.03
CA LEU A 64 10.40 -0.56 -2.80
C LEU A 64 11.12 -1.78 -3.37
N LYS A 65 11.91 -1.57 -4.40
CA LYS A 65 12.67 -2.65 -5.03
C LYS A 65 13.67 -3.25 -4.05
N GLN A 66 14.34 -2.39 -3.29
CA GLN A 66 15.33 -2.84 -2.32
C GLN A 66 14.66 -3.26 -1.02
N LEU A 67 13.39 -2.93 -0.88
CA LEU A 67 12.63 -3.28 0.32
C LEU A 67 12.35 -4.78 0.37
N GLY A 68 12.38 -5.42 -0.79
CA GLY A 68 12.13 -6.85 -0.85
C GLY A 68 10.97 -7.20 -1.77
N ILE A 69 10.56 -6.24 -2.59
CA ILE A 69 9.46 -6.44 -3.52
C ILE A 69 9.96 -6.62 -4.95
N SER A 70 9.74 -7.81 -5.50
CA SER A 70 10.18 -8.11 -6.86
C SER A 70 8.99 -8.12 -7.82
N ALA A 71 7.80 -8.37 -7.27
CA ALA A 71 6.59 -8.41 -8.08
C ALA A 71 6.17 -7.01 -8.51
N THR A 72 6.49 -6.67 -9.75
CA THR A 72 6.14 -5.36 -10.30
C THR A 72 4.67 -5.05 -10.09
N GLY A 73 3.81 -5.96 -10.54
CA GLY A 73 2.38 -5.76 -10.40
C GLY A 73 1.98 -5.44 -8.97
N HIS A 74 2.74 -5.94 -8.01
CA HIS A 74 2.46 -5.69 -6.60
C HIS A 74 3.01 -4.33 -6.17
N ARG A 75 4.24 -4.04 -6.55
CA ARG A 75 4.87 -2.78 -6.21
C ARG A 75 4.03 -1.60 -6.68
N LYS A 76 3.63 -1.63 -7.95
CA LYS A 76 2.82 -0.56 -8.52
C LYS A 76 1.44 -0.52 -7.86
N ARG A 77 1.08 -1.60 -7.19
CA ARG A 77 -0.21 -1.68 -6.52
C ARG A 77 -0.20 -0.89 -5.21
N ILE A 78 0.98 -0.76 -4.62
CA ILE A 78 1.13 -0.03 -3.36
C ILE A 78 1.26 1.47 -3.62
N LEU A 79 2.23 1.85 -4.43
CA LEU A 79 2.46 3.25 -4.75
C LEU A 79 1.19 3.89 -5.31
N ARG A 80 0.42 3.12 -6.05
CA ARG A 80 -0.82 3.61 -6.64
C ARG A 80 -1.81 4.03 -5.56
N LEU A 81 -1.63 3.49 -4.35
CA LEU A 81 -2.49 3.81 -3.23
C LEU A 81 -1.91 4.95 -2.40
N LEU A 82 -0.60 5.03 -2.35
CA LEU A 82 0.09 6.07 -1.60
C LEU A 82 -0.19 7.45 -2.19
N GLN A 83 -0.38 7.48 -3.51
CA GLN A 83 -0.64 8.74 -4.21
C GLN A 83 -1.91 9.40 -3.66
N THR A 84 -2.74 8.61 -2.99
CA THR A 84 -3.98 9.13 -2.42
C THR A 84 -3.73 10.40 -1.61
N GLY A 85 -4.76 11.23 -1.51
CA GLY A 85 -4.63 12.48 -0.76
C GLY A 85 -4.71 13.70 -1.66
N THR A 86 -4.18 13.57 -2.87
CA THR A 86 -4.19 14.68 -3.82
C THR A 86 -5.23 14.47 -4.90
N GLU A 87 -5.41 13.22 -5.31
CA GLU A 87 -6.38 12.89 -6.35
C GLU A 87 -6.70 11.39 -6.33
N GLU A 88 -7.95 11.05 -6.64
CA GLU A 88 -8.38 9.65 -6.67
C GLU A 88 -9.83 9.55 -7.11
N GLY A 89 -10.74 10.00 -6.28
CA GLY A 89 -12.15 9.94 -6.60
C GLY A 89 -12.61 8.54 -6.95
N SER A 90 -12.24 7.58 -6.11
CA SER A 90 -12.61 6.19 -6.35
C SER A 90 -12.18 5.31 -5.18
N LEU A 91 -13.15 4.69 -4.52
CA LEU A 91 -12.87 3.82 -3.38
C LEU A 91 -12.82 2.36 -3.81
N ASP A 92 -13.81 1.96 -4.60
CA ASP A 92 -13.89 0.58 -5.08
C ASP A 92 -13.88 -0.41 -3.93
N PRO A 93 -15.01 -0.47 -3.20
CA PRO A 93 -15.16 -1.36 -2.05
C PRO A 93 -15.24 -2.83 -2.47
N LYS A 94 -16.05 -3.11 -3.48
CA LYS A 94 -16.21 -4.47 -3.98
C LYS A 94 -15.97 -4.54 -5.48
N SER A 95 -14.85 -5.12 -5.88
CA SER A 95 -14.51 -5.24 -7.29
C SER A 95 -14.90 -6.61 -7.83
N ASP A 96 -14.19 -7.65 -7.37
CA ASP A 96 -14.45 -9.00 -7.81
C ASP A 96 -14.61 -9.07 -9.33
N SER A 97 -15.13 -10.20 -9.81
CA SER A 97 -15.32 -10.39 -11.25
C SER A 97 -16.39 -11.45 -11.50
N ALA A 98 -16.13 -12.67 -11.06
CA ALA A 98 -17.06 -13.76 -11.23
C ALA A 98 -16.77 -14.91 -10.26
N MET A 99 -17.82 -15.36 -9.57
CA MET A 99 -17.67 -16.44 -8.60
C MET A 99 -18.88 -17.38 -8.66
N GLU A 100 -18.72 -18.50 -9.35
CA GLU A 100 -19.80 -19.47 -9.48
C GLU A 100 -19.25 -20.88 -9.72
N HIS A 20 -10.51 12.05 12.93
CA HIS A 20 -9.15 12.58 13.00
C HIS A 20 -8.47 12.47 11.64
N MET A 21 -8.46 13.57 10.90
CA MET A 21 -7.83 13.61 9.58
C MET A 21 -6.32 13.38 9.69
N ALA A 22 -5.67 13.27 8.54
CA ALA A 22 -4.22 13.06 8.51
C ALA A 22 -3.84 11.79 9.26
N ALA A 23 -2.54 11.53 9.34
CA ALA A 23 -2.04 10.35 10.04
C ALA A 23 -0.76 10.67 10.81
N PRO A 24 -0.46 9.83 11.81
CA PRO A 24 0.73 10.00 12.65
C PRO A 24 2.02 9.72 11.89
N GLN A 25 3.14 9.71 12.61
CA GLN A 25 4.44 9.45 12.00
C GLN A 25 5.09 8.21 12.61
N ASP A 26 4.88 8.01 13.91
CA ASP A 26 5.45 6.86 14.60
C ASP A 26 4.46 5.71 14.62
N LEU A 27 3.90 5.38 13.47
CA LEU A 27 2.94 4.29 13.36
C LEU A 27 3.57 3.07 12.70
N ASP A 28 3.63 1.97 13.45
CA ASP A 28 4.20 0.73 12.94
C ASP A 28 3.66 0.41 11.55
N ILE A 29 4.56 0.01 10.65
CA ILE A 29 4.16 -0.32 9.28
C ILE A 29 3.15 -1.47 9.27
N ALA A 30 3.10 -2.22 10.36
CA ALA A 30 2.18 -3.34 10.48
C ALA A 30 0.76 -2.85 10.74
N VAL A 31 0.64 -1.76 11.49
CA VAL A 31 -0.67 -1.19 11.82
C VAL A 31 -1.26 -0.47 10.62
N TRP A 32 -0.39 -0.02 9.71
CA TRP A 32 -0.84 0.69 8.52
C TRP A 32 -1.44 -0.28 7.50
N LEU A 33 -0.67 -1.31 7.15
CA LEU A 33 -1.13 -2.30 6.18
C LEU A 33 -2.24 -3.16 6.77
N ALA A 34 -2.29 -3.23 8.10
CA ALA A 34 -3.32 -4.01 8.78
C ALA A 34 -4.70 -3.48 8.48
N THR A 35 -4.77 -2.25 7.99
CA THR A 35 -6.04 -1.61 7.66
C THR A 35 -6.69 -2.28 6.46
N VAL A 36 -5.87 -2.91 5.62
CA VAL A 36 -6.37 -3.59 4.43
C VAL A 36 -6.13 -5.09 4.52
N HIS A 37 -5.83 -5.57 5.72
CA HIS A 37 -5.57 -6.99 5.95
C HIS A 37 -4.33 -7.44 5.18
N LEU A 38 -3.29 -6.61 5.20
CA LEU A 38 -2.05 -6.93 4.51
C LEU A 38 -0.84 -6.55 5.37
N GLU A 39 -1.04 -6.54 6.68
CA GLU A 39 0.04 -6.19 7.59
C GLU A 39 1.24 -7.11 7.41
N GLN A 40 0.98 -8.30 6.85
CA GLN A 40 2.04 -9.27 6.62
C GLN A 40 3.13 -8.69 5.72
N TYR A 41 2.76 -7.69 4.92
CA TYR A 41 3.70 -7.06 4.01
C TYR A 41 4.65 -6.14 4.76
N ALA A 42 4.36 -5.94 6.05
CA ALA A 42 5.19 -5.08 6.89
C ALA A 42 6.62 -5.61 6.98
N ASP A 43 6.77 -6.91 6.78
CA ASP A 43 8.08 -7.55 6.85
C ASP A 43 9.02 -6.94 5.80
N THR A 44 8.73 -7.17 4.54
CA THR A 44 9.55 -6.65 3.45
C THR A 44 9.73 -5.14 3.57
N PHE A 45 8.70 -4.47 4.09
CA PHE A 45 8.74 -3.02 4.26
C PHE A 45 9.82 -2.62 5.26
N ARG A 46 9.77 -3.21 6.45
CA ARG A 46 10.73 -2.92 7.50
C ARG A 46 12.16 -3.18 7.01
N ARG A 47 12.36 -4.32 6.34
CA ARG A 47 13.67 -4.68 5.83
C ARG A 47 14.13 -3.69 4.76
N HIS A 48 13.19 -2.90 4.25
CA HIS A 48 13.50 -1.91 3.22
C HIS A 48 13.97 -0.61 3.86
N GLY A 49 13.90 -0.54 5.18
CA GLY A 49 14.32 0.66 5.88
C GLY A 49 13.16 1.55 6.28
N LEU A 50 11.96 0.98 6.23
CA LEU A 50 10.75 1.73 6.59
C LEU A 50 9.80 0.86 7.41
N ALA A 51 9.91 0.97 8.74
CA ALA A 51 9.05 0.20 9.63
C ALA A 51 7.89 1.04 10.14
N THR A 52 7.70 2.21 9.53
CA THR A 52 6.63 3.11 9.93
C THR A 52 6.04 3.84 8.72
N ALA A 53 4.77 4.21 8.81
CA ALA A 53 4.10 4.91 7.73
C ALA A 53 4.77 6.24 7.44
N GLY A 54 5.50 6.76 8.42
CA GLY A 54 6.18 8.03 8.26
C GLY A 54 7.51 7.88 7.54
N ALA A 55 8.06 6.66 7.56
CA ALA A 55 9.34 6.39 6.91
C ALA A 55 9.12 5.81 5.51
N ALA A 56 7.87 5.60 5.15
CA ALA A 56 7.53 5.04 3.85
C ALA A 56 6.79 6.06 2.99
N ARG A 57 6.26 7.10 3.64
CA ARG A 57 5.52 8.13 2.93
C ARG A 57 6.32 8.66 1.74
N GLY A 58 5.93 8.24 0.54
CA GLY A 58 6.62 8.68 -0.66
C GLY A 58 6.64 7.61 -1.73
N LEU A 59 6.66 6.35 -1.32
CA LEU A 59 6.68 5.24 -2.26
C LEU A 59 5.55 5.37 -3.29
N GLY A 60 5.83 4.94 -4.51
CA GLY A 60 4.84 5.02 -5.56
C GLY A 60 4.44 3.65 -6.09
N HIS A 61 3.72 3.64 -7.20
CA HIS A 61 3.28 2.39 -7.81
C HIS A 61 4.46 1.61 -8.37
N GLU A 62 5.24 2.26 -9.22
CA GLU A 62 6.40 1.63 -9.84
C GLU A 62 7.41 1.21 -8.77
N GLU A 63 7.29 1.79 -7.58
CA GLU A 63 8.19 1.48 -6.48
C GLU A 63 7.78 0.19 -5.78
N LEU A 64 6.48 -0.01 -5.63
CA LEU A 64 5.94 -1.20 -4.99
C LEU A 64 6.24 -2.45 -5.81
N LYS A 65 6.34 -2.28 -7.13
CA LYS A 65 6.63 -3.38 -8.03
C LYS A 65 8.01 -3.96 -7.76
N GLN A 66 8.98 -3.08 -7.51
CA GLN A 66 10.34 -3.51 -7.24
C GLN A 66 10.51 -3.89 -5.77
N LEU A 67 9.52 -3.55 -4.95
CA LEU A 67 9.55 -3.86 -3.53
C LEU A 67 9.36 -5.35 -3.30
N GLY A 68 8.76 -6.03 -4.26
CA GLY A 68 8.54 -7.47 -4.15
C GLY A 68 7.08 -7.83 -4.27
N ILE A 69 6.27 -6.91 -4.77
CA ILE A 69 4.84 -7.15 -4.94
C ILE A 69 4.49 -7.38 -6.40
N SER A 70 3.56 -8.30 -6.65
CA SER A 70 3.13 -8.62 -8.01
C SER A 70 1.61 -8.73 -8.08
N ALA A 71 0.93 -8.05 -7.16
CA ALA A 71 -0.53 -8.06 -7.14
C ALA A 71 -1.09 -6.66 -7.28
N THR A 72 -1.69 -6.38 -8.44
CA THR A 72 -2.27 -5.07 -8.70
C THR A 72 -3.35 -4.73 -7.68
N GLY A 73 -4.24 -5.69 -7.42
CA GLY A 73 -5.31 -5.47 -6.46
C GLY A 73 -4.78 -5.08 -5.09
N HIS A 74 -3.64 -5.65 -4.72
CA HIS A 74 -3.04 -5.35 -3.42
C HIS A 74 -2.30 -4.02 -3.45
N ARG A 75 -1.55 -3.79 -4.51
CA ARG A 75 -0.79 -2.54 -4.67
C ARG A 75 -1.71 -1.34 -4.59
N LYS A 76 -2.78 -1.36 -5.39
CA LYS A 76 -3.75 -0.27 -5.41
C LYS A 76 -4.48 -0.16 -4.09
N ARG A 77 -4.41 -1.22 -3.29
CA ARG A 77 -5.08 -1.25 -1.99
C ARG A 77 -4.27 -0.48 -0.95
N ILE A 78 -2.96 -0.37 -1.18
CA ILE A 78 -2.08 0.33 -0.27
C ILE A 78 -1.96 1.80 -0.66
N LEU A 79 -1.56 2.06 -1.89
CA LEU A 79 -1.41 3.42 -2.38
C LEU A 79 -2.70 4.22 -2.20
N ARG A 80 -3.83 3.53 -2.31
CA ARG A 80 -5.13 4.17 -2.16
C ARG A 80 -5.31 4.70 -0.73
N LEU A 81 -4.55 4.15 0.20
CA LEU A 81 -4.61 4.57 1.59
C LEU A 81 -3.56 5.63 1.90
N LEU A 82 -2.42 5.54 1.21
CA LEU A 82 -1.34 6.50 1.41
C LEU A 82 -1.80 7.91 1.09
N GLN A 83 -2.62 8.05 0.06
CA GLN A 83 -3.13 9.35 -0.34
C GLN A 83 -4.01 9.95 0.74
N THR A 84 -4.96 9.16 1.23
CA THR A 84 -5.87 9.62 2.28
C THR A 84 -6.32 11.05 2.04
N GLY A 85 -6.56 11.38 0.77
CA GLY A 85 -6.99 12.72 0.42
C GLY A 85 -7.57 12.81 -0.97
N THR A 86 -6.91 13.56 -1.84
CA THR A 86 -7.36 13.73 -3.22
C THR A 86 -7.42 12.39 -3.94
N GLU A 87 -8.21 12.34 -5.00
CA GLU A 87 -8.36 11.11 -5.78
C GLU A 87 -8.74 11.43 -7.23
N GLU A 88 -8.60 10.43 -8.09
CA GLU A 88 -8.93 10.60 -9.50
C GLU A 88 -8.72 9.30 -10.28
N GLY A 89 -9.62 9.02 -11.22
CA GLY A 89 -9.52 7.81 -12.01
C GLY A 89 -10.08 6.61 -11.29
N SER A 90 -11.30 6.22 -11.65
CA SER A 90 -11.95 5.07 -11.02
C SER A 90 -13.20 4.66 -11.80
N LEU A 91 -13.26 3.39 -12.18
CA LEU A 91 -14.40 2.88 -12.94
C LEU A 91 -14.91 1.58 -12.32
N ASP A 92 -14.17 0.49 -12.53
CA ASP A 92 -14.54 -0.81 -12.00
C ASP A 92 -13.33 -1.73 -11.90
N PRO A 93 -13.46 -2.77 -11.07
CA PRO A 93 -12.38 -3.75 -10.88
C PRO A 93 -12.16 -4.62 -12.10
N LYS A 94 -10.98 -4.48 -12.71
CA LYS A 94 -10.64 -5.25 -13.91
C LYS A 94 -9.44 -6.17 -13.63
N SER A 95 -9.69 -7.48 -13.69
CA SER A 95 -8.64 -8.46 -13.45
C SER A 95 -9.09 -9.85 -13.86
N ASP A 96 -8.23 -10.56 -14.58
CA ASP A 96 -8.54 -11.92 -15.04
C ASP A 96 -7.35 -12.53 -15.77
N SER A 97 -6.80 -13.60 -15.18
CA SER A 97 -5.66 -14.28 -15.78
C SER A 97 -5.27 -15.50 -14.96
N ALA A 98 -5.10 -16.63 -15.65
CA ALA A 98 -4.74 -17.88 -14.99
C ALA A 98 -4.47 -18.98 -16.01
N MET A 99 -3.24 -19.46 -16.05
CA MET A 99 -2.86 -20.52 -16.98
C MET A 99 -2.38 -21.76 -16.23
N GLU A 100 -1.37 -21.57 -15.39
CA GLU A 100 -0.82 -22.68 -14.61
C GLU A 100 -0.22 -22.19 -13.30
N HIS A 20 -6.63 17.90 4.50
CA HIS A 20 -5.46 18.12 5.33
C HIS A 20 -5.36 17.08 6.43
N MET A 21 -6.51 16.65 6.94
CA MET A 21 -6.56 15.64 8.00
C MET A 21 -6.25 14.26 7.44
N ALA A 22 -4.99 13.85 7.58
CA ALA A 22 -4.56 12.54 7.11
C ALA A 22 -4.13 11.64 8.26
N ALA A 23 -3.55 10.49 7.93
CA ALA A 23 -3.10 9.54 8.93
C ALA A 23 -1.94 10.13 9.74
N PRO A 24 -1.73 9.57 10.94
CA PRO A 24 -0.65 10.02 11.84
C PRO A 24 0.73 9.65 11.32
N GLN A 25 1.76 10.23 11.93
CA GLN A 25 3.14 9.98 11.52
C GLN A 25 3.75 8.86 12.36
N ASP A 26 3.36 8.80 13.63
CA ASP A 26 3.87 7.78 14.54
C ASP A 26 3.01 6.53 14.50
N LEU A 27 2.86 5.96 13.31
CA LEU A 27 2.05 4.75 13.14
C LEU A 27 2.91 3.59 12.63
N ASP A 28 2.98 2.53 13.42
CA ASP A 28 3.75 1.36 13.05
C ASP A 28 3.44 0.91 11.63
N ILE A 29 4.48 0.59 10.87
CA ILE A 29 4.31 0.16 9.48
C ILE A 29 3.43 -1.10 9.41
N ALA A 30 3.34 -1.81 10.53
CA ALA A 30 2.54 -3.02 10.59
C ALA A 30 1.05 -2.70 10.65
N VAL A 31 0.72 -1.61 11.32
CA VAL A 31 -0.67 -1.18 11.46
C VAL A 31 -1.19 -0.59 10.16
N TRP A 32 -0.28 -0.07 9.34
CA TRP A 32 -0.65 0.53 8.07
C TRP A 32 -1.00 -0.54 7.03
N LEU A 33 -0.08 -1.49 6.84
CA LEU A 33 -0.29 -2.57 5.88
C LEU A 33 -1.38 -3.52 6.37
N ALA A 34 -1.59 -3.55 7.68
CA ALA A 34 -2.60 -4.41 8.27
C ALA A 34 -4.00 -4.04 7.79
N THR A 35 -4.12 -2.84 7.25
CA THR A 35 -5.40 -2.36 6.74
C THR A 35 -5.83 -3.13 5.49
N VAL A 36 -4.85 -3.68 4.78
CA VAL A 36 -5.13 -4.44 3.57
C VAL A 36 -4.75 -5.91 3.76
N HIS A 37 -4.57 -6.31 5.01
CA HIS A 37 -4.21 -7.69 5.32
C HIS A 37 -2.84 -8.04 4.73
N LEU A 38 -1.90 -7.11 4.85
CA LEU A 38 -0.55 -7.32 4.34
C LEU A 38 0.49 -6.79 5.31
N GLU A 39 0.13 -6.75 6.59
CA GLU A 39 1.04 -6.25 7.63
C GLU A 39 2.34 -7.04 7.61
N GLN A 40 2.29 -8.27 7.10
CA GLN A 40 3.47 -9.12 7.03
C GLN A 40 4.59 -8.45 6.25
N TYR A 41 4.21 -7.55 5.35
CA TYR A 41 5.19 -6.83 4.53
C TYR A 41 5.93 -5.78 5.36
N ALA A 42 5.46 -5.57 6.59
CA ALA A 42 6.08 -4.59 7.48
C ALA A 42 7.53 -4.96 7.77
N ASP A 43 7.84 -6.25 7.65
CA ASP A 43 9.20 -6.73 7.92
C ASP A 43 10.19 -6.07 6.98
N THR A 44 10.09 -6.39 5.68
CA THR A 44 10.99 -5.82 4.68
C THR A 44 10.98 -4.30 4.74
N PHE A 45 9.84 -3.73 5.09
CA PHE A 45 9.71 -2.28 5.18
C PHE A 45 10.61 -1.72 6.28
N ARG A 46 10.47 -2.27 7.48
CA ARG A 46 11.27 -1.82 8.61
C ARG A 46 12.76 -1.94 8.32
N ARG A 47 13.15 -3.07 7.75
CA ARG A 47 14.55 -3.32 7.41
C ARG A 47 15.03 -2.34 6.35
N HIS A 48 14.09 -1.68 5.69
CA HIS A 48 14.41 -0.72 4.64
C HIS A 48 14.66 0.66 5.25
N GLY A 49 14.43 0.79 6.55
CA GLY A 49 14.63 2.07 7.22
C GLY A 49 13.34 2.83 7.41
N LEU A 50 12.22 2.13 7.28
CA LEU A 50 10.90 2.76 7.44
C LEU A 50 9.95 1.83 8.19
N ALA A 51 9.88 2.01 9.51
CA ALA A 51 9.01 1.20 10.34
C ALA A 51 7.72 1.94 10.67
N THR A 52 7.48 3.05 9.97
CA THR A 52 6.28 3.84 10.19
C THR A 52 5.78 4.45 8.89
N ALA A 53 4.47 4.69 8.82
CA ALA A 53 3.87 5.27 7.62
C ALA A 53 4.42 6.66 7.35
N GLY A 54 5.02 7.28 8.37
CA GLY A 54 5.58 8.60 8.22
C GLY A 54 6.99 8.56 7.66
N ALA A 55 7.66 7.43 7.83
CA ALA A 55 9.02 7.28 7.33
C ALA A 55 9.05 6.64 5.96
N ALA A 56 7.88 6.23 5.48
CA ALA A 56 7.77 5.60 4.16
C ALA A 56 7.05 6.51 3.18
N ARG A 57 6.34 7.52 3.71
CA ARG A 57 5.61 8.46 2.87
C ARG A 57 6.51 9.01 1.77
N GLY A 58 6.26 8.58 0.53
CA GLY A 58 7.05 9.04 -0.59
C GLY A 58 7.34 7.95 -1.59
N LEU A 59 7.47 6.72 -1.10
CA LEU A 59 7.75 5.58 -1.96
C LEU A 59 6.76 5.52 -3.12
N GLY A 60 7.25 5.07 -4.28
CA GLY A 60 6.39 4.96 -5.45
C GLY A 60 6.20 3.53 -5.90
N HIS A 61 5.66 3.37 -7.11
CA HIS A 61 5.44 2.03 -7.66
C HIS A 61 6.76 1.36 -8.01
N GLU A 62 7.56 2.02 -8.84
CA GLU A 62 8.84 1.48 -9.25
C GLU A 62 9.73 1.17 -8.03
N GLU A 63 9.44 1.85 -6.93
CA GLU A 63 10.21 1.66 -5.71
C GLU A 63 9.74 0.41 -4.96
N LEU A 64 8.44 0.15 -5.00
CA LEU A 64 7.86 -1.02 -4.34
C LEU A 64 8.32 -2.30 -5.02
N LYS A 65 8.55 -2.23 -6.32
CA LYS A 65 8.99 -3.39 -7.10
C LYS A 65 10.35 -3.87 -6.62
N GLN A 66 11.24 -2.92 -6.32
CA GLN A 66 12.58 -3.26 -5.86
C GLN A 66 12.59 -3.52 -4.36
N LEU A 67 11.49 -3.16 -3.70
CA LEU A 67 11.37 -3.36 -2.25
C LEU A 67 11.22 -4.84 -1.92
N GLY A 68 10.74 -5.62 -2.89
CA GLY A 68 10.57 -7.04 -2.68
C GLY A 68 9.13 -7.48 -2.88
N ILE A 69 8.35 -6.65 -3.56
CA ILE A 69 6.94 -6.96 -3.82
C ILE A 69 6.73 -7.42 -5.25
N SER A 70 6.39 -8.70 -5.41
CA SER A 70 6.16 -9.25 -6.74
C SER A 70 4.67 -9.29 -7.07
N ALA A 71 3.84 -9.33 -6.02
CA ALA A 71 2.40 -9.36 -6.20
C ALA A 71 1.87 -8.01 -6.67
N THR A 72 1.55 -7.93 -7.97
CA THR A 72 1.04 -6.69 -8.54
C THR A 72 -0.21 -6.23 -7.81
N GLY A 73 -1.15 -7.15 -7.60
CA GLY A 73 -2.38 -6.81 -6.93
C GLY A 73 -2.15 -6.29 -5.52
N HIS A 74 -1.04 -6.71 -4.92
CA HIS A 74 -0.71 -6.28 -3.57
C HIS A 74 -0.05 -4.91 -3.58
N ARG A 75 0.90 -4.72 -4.50
CA ARG A 75 1.61 -3.45 -4.62
C ARG A 75 0.64 -2.29 -4.80
N LYS A 76 -0.27 -2.44 -5.77
CA LYS A 76 -1.25 -1.41 -6.05
C LYS A 76 -2.22 -1.25 -4.89
N ARG A 77 -2.26 -2.24 -4.01
CA ARG A 77 -3.14 -2.22 -2.86
C ARG A 77 -2.59 -1.31 -1.76
N ILE A 78 -1.27 -1.13 -1.76
CA ILE A 78 -0.60 -0.29 -0.78
C ILE A 78 -0.63 1.18 -1.21
N LEU A 79 -0.09 1.45 -2.39
CA LEU A 79 -0.04 2.80 -2.93
C LEU A 79 -1.44 3.42 -2.96
N ARG A 80 -2.44 2.59 -3.21
CA ARG A 80 -3.82 3.06 -3.27
C ARG A 80 -4.26 3.61 -1.92
N LEU A 81 -3.56 3.20 -0.87
CA LEU A 81 -3.89 3.64 0.48
C LEU A 81 -3.04 4.85 0.88
N LEU A 82 -1.81 4.89 0.37
CA LEU A 82 -0.90 5.99 0.66
C LEU A 82 -1.48 7.32 0.22
N GLN A 83 -2.15 7.31 -0.94
CA GLN A 83 -2.76 8.53 -1.46
C GLN A 83 -3.85 9.04 -0.54
N THR A 84 -4.76 8.15 -0.15
CA THR A 84 -5.86 8.51 0.74
C THR A 84 -6.44 9.87 0.37
N GLY A 85 -6.54 10.12 -0.93
CA GLY A 85 -7.08 11.39 -1.40
C GLY A 85 -7.28 11.42 -2.90
N THR A 86 -7.98 10.42 -3.42
CA THR A 86 -8.24 10.33 -4.85
C THR A 86 -9.65 9.84 -5.13
N GLU A 87 -10.06 8.78 -4.43
CA GLU A 87 -11.39 8.22 -4.60
C GLU A 87 -11.81 7.43 -3.36
N GLU A 88 -13.00 6.84 -3.42
CA GLU A 88 -13.51 6.05 -2.31
C GLU A 88 -14.87 5.43 -2.66
N GLY A 89 -14.98 4.13 -2.43
CA GLY A 89 -16.22 3.43 -2.72
C GLY A 89 -16.13 2.58 -3.97
N SER A 90 -17.22 1.92 -4.34
CA SER A 90 -17.25 1.07 -5.52
C SER A 90 -17.79 1.82 -6.72
N LEU A 91 -17.40 1.38 -7.91
CA LEU A 91 -17.84 2.02 -9.15
C LEU A 91 -17.27 1.30 -10.37
N ASP A 92 -18.10 1.12 -11.39
CA ASP A 92 -17.67 0.46 -12.61
C ASP A 92 -17.18 -0.96 -12.32
N PRO A 93 -18.12 -1.85 -12.02
CA PRO A 93 -17.81 -3.26 -11.72
C PRO A 93 -17.32 -4.03 -12.94
N LYS A 94 -16.84 -5.25 -12.72
CA LYS A 94 -16.33 -6.08 -13.80
C LYS A 94 -16.55 -7.56 -13.49
N SER A 95 -16.67 -8.37 -14.53
CA SER A 95 -16.87 -9.80 -14.36
C SER A 95 -15.57 -10.57 -14.58
N ASP A 96 -15.14 -10.67 -15.83
CA ASP A 96 -13.91 -11.37 -16.16
C ASP A 96 -13.41 -10.99 -17.55
N SER A 97 -12.11 -10.99 -17.74
CA SER A 97 -11.51 -10.64 -19.02
C SER A 97 -10.26 -11.47 -19.28
N ALA A 98 -10.45 -12.75 -19.54
CA ALA A 98 -9.33 -13.66 -19.81
C ALA A 98 -9.83 -15.06 -20.12
N MET A 99 -9.80 -15.42 -21.40
CA MET A 99 -10.25 -16.74 -21.84
C MET A 99 -9.57 -17.14 -23.15
N GLU A 100 -9.63 -16.25 -24.14
CA GLU A 100 -9.02 -16.52 -25.43
C GLU A 100 -9.02 -15.26 -26.30
N HIS A 20 -10.50 14.20 14.07
CA HIS A 20 -9.25 14.44 13.35
C HIS A 20 -9.35 13.92 11.91
N MET A 21 -8.29 14.12 11.14
CA MET A 21 -8.25 13.68 9.76
C MET A 21 -7.00 12.84 9.49
N ALA A 22 -7.14 11.83 8.64
CA ALA A 22 -6.02 10.95 8.30
C ALA A 22 -5.45 10.28 9.55
N ALA A 23 -4.48 9.40 9.34
CA ALA A 23 -3.85 8.69 10.44
C ALA A 23 -2.69 9.49 11.02
N PRO A 24 -2.31 9.17 12.27
CA PRO A 24 -1.21 9.85 12.96
C PRO A 24 0.15 9.50 12.37
N GLN A 25 1.05 10.48 12.34
CA GLN A 25 2.39 10.28 11.80
C GLN A 25 3.16 9.25 12.63
N ASP A 26 2.84 9.18 13.91
CA ASP A 26 3.50 8.24 14.81
C ASP A 26 2.78 6.90 14.84
N LEU A 27 2.48 6.37 13.66
CA LEU A 27 1.78 5.10 13.54
C LEU A 27 2.75 3.99 13.13
N ASP A 28 2.91 3.00 14.02
CA ASP A 28 3.80 1.87 13.75
C ASP A 28 3.57 1.32 12.35
N ILE A 29 4.67 1.07 11.63
CA ILE A 29 4.59 0.55 10.27
C ILE A 29 3.84 -0.79 10.24
N ALA A 30 3.78 -1.44 11.40
CA ALA A 30 3.09 -2.73 11.50
C ALA A 30 1.58 -2.54 11.49
N VAL A 31 1.11 -1.45 12.09
CA VAL A 31 -0.31 -1.15 12.15
C VAL A 31 -0.84 -0.68 10.79
N TRP A 32 0.06 -0.13 9.98
CA TRP A 32 -0.30 0.36 8.66
C TRP A 32 -0.50 -0.81 7.68
N LEU A 33 0.51 -1.65 7.57
CA LEU A 33 0.45 -2.81 6.68
C LEU A 33 -0.55 -3.84 7.19
N ALA A 34 -0.82 -3.80 8.49
CA ALA A 34 -1.76 -4.73 9.09
C ALA A 34 -3.16 -4.55 8.52
N THR A 35 -3.39 -3.41 7.87
CA THR A 35 -4.69 -3.12 7.27
C THR A 35 -4.98 -4.05 6.10
N VAL A 36 -3.91 -4.51 5.44
CA VAL A 36 -4.05 -5.41 4.30
C VAL A 36 -3.52 -6.79 4.62
N HIS A 37 -3.34 -7.07 5.91
CA HIS A 37 -2.83 -8.37 6.36
C HIS A 37 -1.41 -8.60 5.84
N LEU A 38 -0.58 -7.56 5.91
CA LEU A 38 0.80 -7.65 5.45
C LEU A 38 1.74 -6.93 6.42
N GLU A 39 1.32 -6.85 7.68
CA GLU A 39 2.12 -6.19 8.71
C GLU A 39 3.51 -6.82 8.81
N GLN A 40 3.61 -8.08 8.38
CA GLN A 40 4.88 -8.81 8.41
C GLN A 40 5.94 -8.08 7.62
N TYR A 41 5.51 -7.27 6.65
CA TYR A 41 6.43 -6.51 5.82
C TYR A 41 7.04 -5.35 6.59
N ALA A 42 6.51 -5.10 7.78
CA ALA A 42 7.00 -4.01 8.62
C ALA A 42 8.47 -4.21 8.98
N ASP A 43 8.89 -5.47 9.03
CA ASP A 43 10.28 -5.78 9.36
C ASP A 43 11.24 -5.09 8.41
N THR A 44 11.19 -5.48 7.13
CA THR A 44 12.06 -4.89 6.12
C THR A 44 11.90 -3.37 6.08
N PHE A 45 10.69 -2.90 6.36
CA PHE A 45 10.41 -1.47 6.35
C PHE A 45 11.20 -0.75 7.43
N ARG A 46 11.07 -1.23 8.67
CA ARG A 46 11.78 -0.64 9.79
C ARG A 46 13.29 -0.62 9.55
N ARG A 47 13.82 -1.73 9.07
CA ARG A 47 15.25 -1.85 8.78
C ARG A 47 15.65 -0.88 7.68
N HIS A 48 14.68 -0.37 6.94
CA HIS A 48 14.93 0.56 5.85
C HIS A 48 15.00 1.99 6.37
N GLY A 49 14.71 2.17 7.65
CA GLY A 49 14.74 3.50 8.24
C GLY A 49 13.37 4.12 8.35
N LEU A 50 12.34 3.30 8.22
CA LEU A 50 10.96 3.78 8.30
C LEU A 50 10.09 2.80 9.09
N ALA A 51 9.95 3.05 10.38
CA ALA A 51 9.14 2.19 11.23
C ALA A 51 7.76 2.79 11.47
N THR A 52 7.43 3.83 10.71
CA THR A 52 6.15 4.51 10.83
C THR A 52 5.63 4.98 9.48
N ALA A 53 4.31 5.05 9.34
CA ALA A 53 3.71 5.49 8.09
C ALA A 53 4.12 6.91 7.75
N GLY A 54 4.56 7.66 8.76
CA GLY A 54 4.99 9.03 8.54
C GLY A 54 6.42 9.12 8.05
N ALA A 55 7.20 8.06 8.29
CA ALA A 55 8.59 8.02 7.86
C ALA A 55 8.74 7.30 6.53
N ALA A 56 7.63 6.77 6.01
CA ALA A 56 7.64 6.06 4.75
C ALA A 56 6.85 6.82 3.68
N ARG A 57 6.02 7.76 4.13
CA ARG A 57 5.21 8.56 3.22
C ARG A 57 6.06 9.14 2.09
N GLY A 58 5.96 8.54 0.90
CA GLY A 58 6.72 9.01 -0.24
C GLY A 58 7.15 7.89 -1.15
N LEU A 59 7.34 6.70 -0.59
CA LEU A 59 7.75 5.54 -1.36
C LEU A 59 6.84 5.34 -2.56
N GLY A 60 7.42 4.87 -3.67
CA GLY A 60 6.64 4.64 -4.87
C GLY A 60 6.66 3.18 -5.31
N HIS A 61 6.07 2.90 -6.46
CA HIS A 61 6.02 1.54 -6.98
C HIS A 61 7.43 1.03 -7.27
N GLU A 62 8.20 1.80 -8.03
CA GLU A 62 9.57 1.41 -8.37
C GLU A 62 10.42 1.28 -7.12
N GLU A 63 9.97 1.90 -6.03
CA GLU A 63 10.71 1.86 -4.77
C GLU A 63 10.43 0.55 -4.03
N LEU A 64 9.20 0.08 -4.11
CA LEU A 64 8.80 -1.16 -3.45
C LEU A 64 9.51 -2.36 -4.07
N LYS A 65 9.74 -2.30 -5.38
CA LYS A 65 10.40 -3.38 -6.09
C LYS A 65 11.82 -3.57 -5.56
N GLN A 66 12.51 -2.48 -5.29
CA GLN A 66 13.86 -2.53 -4.77
C GLN A 66 13.88 -2.75 -3.26
N LEU A 67 12.72 -2.58 -2.64
CA LEU A 67 12.59 -2.76 -1.20
C LEU A 67 12.71 -4.23 -0.82
N GLY A 68 12.44 -5.12 -1.78
CA GLY A 68 12.53 -6.55 -1.53
C GLY A 68 11.21 -7.25 -1.76
N ILE A 69 10.30 -6.61 -2.49
CA ILE A 69 9.00 -7.18 -2.80
C ILE A 69 8.94 -7.65 -4.25
N SER A 70 8.31 -8.80 -4.46
CA SER A 70 8.18 -9.37 -5.80
C SER A 70 6.74 -9.81 -6.06
N ALA A 71 5.80 -9.20 -5.35
CA ALA A 71 4.39 -9.53 -5.51
C ALA A 71 3.59 -8.30 -5.93
N THR A 72 3.28 -8.21 -7.22
CA THR A 72 2.53 -7.09 -7.74
C THR A 72 1.22 -6.90 -6.97
N GLY A 73 0.52 -8.00 -6.72
CA GLY A 73 -0.74 -7.93 -5.99
C GLY A 73 -0.57 -7.31 -4.62
N HIS A 74 0.56 -7.58 -3.98
CA HIS A 74 0.83 -7.03 -2.65
C HIS A 74 1.29 -5.58 -2.73
N ARG A 75 2.13 -5.28 -3.73
CA ARG A 75 2.65 -3.93 -3.91
C ARG A 75 1.50 -2.94 -4.11
N LYS A 76 0.60 -3.25 -5.04
CA LYS A 76 -0.53 -2.39 -5.33
C LYS A 76 -1.49 -2.34 -4.14
N ARG A 77 -1.34 -3.29 -3.22
CA ARG A 77 -2.18 -3.35 -2.04
C ARG A 77 -1.74 -2.33 -1.00
N ILE A 78 -0.46 -1.96 -1.05
CA ILE A 78 0.08 -0.99 -0.10
C ILE A 78 -0.06 0.43 -0.65
N LEU A 79 0.48 0.66 -1.83
CA LEU A 79 0.42 1.97 -2.46
C LEU A 79 -1.02 2.47 -2.56
N ARG A 80 -1.95 1.53 -2.74
CA ARG A 80 -3.37 1.86 -2.85
C ARG A 80 -3.89 2.46 -1.55
N LEU A 81 -3.19 2.18 -0.45
CA LEU A 81 -3.58 2.69 0.86
C LEU A 81 -2.84 3.99 1.18
N LEU A 82 -1.62 4.10 0.68
CA LEU A 82 -0.81 5.29 0.92
C LEU A 82 -1.50 6.54 0.36
N GLN A 83 -2.15 6.38 -0.78
CA GLN A 83 -2.84 7.50 -1.41
C GLN A 83 -4.01 7.97 -0.55
N THR A 84 -4.83 7.03 -0.10
CA THR A 84 -5.97 7.35 0.74
C THR A 84 -6.67 8.63 0.26
N GLY A 85 -6.75 8.78 -1.06
CA GLY A 85 -7.40 9.96 -1.62
C GLY A 85 -7.71 9.80 -3.10
N THR A 86 -8.32 8.68 -3.45
CA THR A 86 -8.66 8.41 -4.85
C THR A 86 -9.87 7.49 -4.94
N GLU A 87 -10.52 7.50 -6.10
CA GLU A 87 -11.70 6.66 -6.32
C GLU A 87 -11.68 6.04 -7.72
N GLU A 88 -10.50 5.62 -8.15
CA GLU A 88 -10.34 5.02 -9.47
C GLU A 88 -11.34 3.88 -9.66
N GLY A 89 -11.59 3.54 -10.93
CA GLY A 89 -12.53 2.48 -11.23
C GLY A 89 -13.97 2.89 -11.03
N SER A 90 -14.66 3.20 -12.12
CA SER A 90 -16.05 3.63 -12.05
C SER A 90 -16.66 3.74 -13.45
N LEU A 91 -16.38 2.76 -14.29
CA LEU A 91 -16.89 2.74 -15.65
C LEU A 91 -16.54 1.43 -16.36
N ASP A 92 -17.56 0.76 -16.89
CA ASP A 92 -17.36 -0.50 -17.58
C ASP A 92 -18.33 -0.63 -18.76
N PRO A 93 -18.13 0.20 -19.80
CA PRO A 93 -18.98 0.19 -20.99
C PRO A 93 -18.79 -1.06 -21.83
N LYS A 94 -19.90 -1.62 -22.31
CA LYS A 94 -19.85 -2.82 -23.13
C LYS A 94 -19.17 -3.97 -22.38
N SER A 95 -19.02 -5.11 -23.05
CA SER A 95 -18.39 -6.27 -22.45
C SER A 95 -19.14 -6.70 -21.19
N ASP A 96 -20.36 -7.22 -21.39
CA ASP A 96 -21.18 -7.68 -20.28
C ASP A 96 -22.32 -8.57 -20.76
N SER A 97 -21.97 -9.64 -21.46
CA SER A 97 -22.96 -10.57 -21.99
C SER A 97 -22.59 -12.01 -21.66
N ALA A 98 -23.30 -12.59 -20.70
CA ALA A 98 -23.06 -13.97 -20.29
C ALA A 98 -21.66 -14.12 -19.70
N MET A 99 -21.36 -15.32 -19.22
CA MET A 99 -20.05 -15.59 -18.62
C MET A 99 -19.00 -15.85 -19.70
N GLU A 100 -19.30 -16.78 -20.60
CA GLU A 100 -18.39 -17.13 -21.68
C GLU A 100 -18.42 -16.06 -22.77
N HIS A 20 -10.25 12.79 14.18
CA HIS A 20 -9.23 13.33 13.27
C HIS A 20 -9.16 12.52 11.99
N MET A 21 -8.55 13.10 10.96
CA MET A 21 -8.42 12.43 9.67
C MET A 21 -7.04 11.81 9.52
N ALA A 22 -6.90 10.89 8.58
CA ALA A 22 -5.63 10.22 8.34
C ALA A 22 -5.13 9.53 9.59
N ALA A 23 -3.94 8.94 9.51
CA ALA A 23 -3.33 8.24 10.64
C ALA A 23 -2.11 8.98 11.15
N PRO A 24 -1.73 8.71 12.41
CA PRO A 24 -0.56 9.34 13.04
C PRO A 24 0.75 8.85 12.45
N GLN A 25 1.82 9.59 12.69
CA GLN A 25 3.14 9.24 12.18
C GLN A 25 3.64 7.95 12.82
N ASP A 26 3.25 7.74 14.08
CA ASP A 26 3.67 6.55 14.81
C ASP A 26 2.66 5.43 14.64
N LEU A 27 2.23 5.19 13.41
CA LEU A 27 1.26 4.16 13.11
C LEU A 27 1.95 2.92 12.53
N ASP A 28 1.85 1.80 13.23
CA ASP A 28 2.45 0.55 12.78
C ASP A 28 2.14 0.29 11.31
N ILE A 29 3.17 -0.10 10.56
CA ILE A 29 3.00 -0.37 9.14
C ILE A 29 1.97 -1.48 8.92
N ALA A 30 1.71 -2.27 9.95
CA ALA A 30 0.75 -3.35 9.87
C ALA A 30 -0.68 -2.82 9.90
N VAL A 31 -0.89 -1.75 10.67
CA VAL A 31 -2.21 -1.14 10.78
C VAL A 31 -2.57 -0.36 9.52
N TRP A 32 -1.55 0.08 8.80
CA TRP A 32 -1.77 0.84 7.57
C TRP A 32 -2.20 -0.07 6.43
N LEU A 33 -1.41 -1.11 6.18
CA LEU A 33 -1.72 -2.07 5.12
C LEU A 33 -2.96 -2.89 5.46
N ALA A 34 -3.25 -3.01 6.75
CA ALA A 34 -4.41 -3.75 7.22
C ALA A 34 -5.71 -3.14 6.70
N THR A 35 -5.63 -1.89 6.26
CA THR A 35 -6.79 -1.18 5.74
C THR A 35 -7.25 -1.78 4.42
N VAL A 36 -6.32 -2.42 3.71
CA VAL A 36 -6.63 -3.03 2.43
C VAL A 36 -6.47 -4.54 2.49
N HIS A 37 -6.41 -5.08 3.70
CA HIS A 37 -6.25 -6.51 3.90
C HIS A 37 -4.91 -7.00 3.35
N LEU A 38 -3.87 -6.23 3.59
CA LEU A 38 -2.53 -6.57 3.12
C LEU A 38 -1.49 -6.29 4.20
N GLU A 39 -1.92 -6.30 5.45
CA GLU A 39 -1.01 -6.05 6.57
C GLU A 39 0.15 -7.03 6.56
N GLN A 40 -0.07 -8.19 5.94
CA GLN A 40 0.96 -9.21 5.87
C GLN A 40 2.22 -8.67 5.19
N TYR A 41 2.05 -7.66 4.36
CA TYR A 41 3.17 -7.05 3.65
C TYR A 41 4.01 -6.19 4.59
N ALA A 42 3.50 -5.99 5.80
CA ALA A 42 4.21 -5.20 6.79
C ALA A 42 5.59 -5.77 7.08
N ASP A 43 5.74 -7.08 6.87
CA ASP A 43 7.01 -7.76 7.11
C ASP A 43 8.11 -7.15 6.25
N THR A 44 8.01 -7.35 4.94
CA THR A 44 9.01 -6.83 4.01
C THR A 44 9.20 -5.33 4.19
N PHE A 45 8.12 -4.64 4.57
CA PHE A 45 8.18 -3.20 4.78
C PHE A 45 9.10 -2.85 5.95
N ARG A 46 8.86 -3.47 7.09
CA ARG A 46 9.66 -3.22 8.28
C ARG A 46 11.14 -3.51 8.00
N ARG A 47 11.41 -4.64 7.36
CA ARG A 47 12.76 -5.04 7.03
C ARG A 47 13.40 -4.04 6.05
N HIS A 48 12.57 -3.22 5.43
CA HIS A 48 13.05 -2.23 4.48
C HIS A 48 13.45 -0.95 5.19
N GLY A 49 13.19 -0.88 6.49
CA GLY A 49 13.53 0.30 7.26
C GLY A 49 12.34 1.21 7.49
N LEU A 50 11.15 0.68 7.27
CA LEU A 50 9.92 1.45 7.46
C LEU A 50 8.83 0.60 8.11
N ALA A 51 8.74 0.68 9.44
CA ALA A 51 7.75 -0.07 10.19
C ALA A 51 6.56 0.82 10.56
N THR A 52 6.49 2.00 9.96
CA THR A 52 5.42 2.94 10.24
C THR A 52 5.03 3.72 8.99
N ALA A 53 3.77 4.13 8.92
CA ALA A 53 3.28 4.89 7.77
C ALA A 53 4.04 6.21 7.62
N GLY A 54 4.66 6.66 8.71
CA GLY A 54 5.42 7.90 8.68
C GLY A 54 6.83 7.70 8.16
N ALA A 55 7.32 6.47 8.24
CA ALA A 55 8.67 6.16 7.79
C ALA A 55 8.65 5.61 6.35
N ALA A 56 7.45 5.42 5.82
CA ALA A 56 7.30 4.91 4.47
C ALA A 56 6.74 5.97 3.53
N ARG A 57 6.17 7.03 4.11
CA ARG A 57 5.60 8.12 3.33
C ARG A 57 6.60 8.62 2.29
N GLY A 58 6.37 8.24 1.04
CA GLY A 58 7.26 8.66 -0.03
C GLY A 58 7.50 7.57 -1.05
N LEU A 59 7.28 6.32 -0.64
CA LEU A 59 7.47 5.18 -1.53
C LEU A 59 6.74 5.38 -2.85
N GLY A 60 7.31 4.87 -3.92
CA GLY A 60 6.70 4.99 -5.24
C GLY A 60 6.45 3.66 -5.89
N HIS A 61 5.67 3.66 -6.97
CA HIS A 61 5.36 2.43 -7.69
C HIS A 61 6.64 1.67 -8.04
N GLU A 62 7.56 2.34 -8.73
CA GLU A 62 8.82 1.74 -9.13
C GLU A 62 9.58 1.22 -7.90
N GLU A 63 9.38 1.88 -6.77
CA GLU A 63 10.05 1.49 -5.53
C GLU A 63 9.39 0.26 -4.93
N LEU A 64 8.10 0.11 -5.16
CA LEU A 64 7.34 -1.03 -4.63
C LEU A 64 7.80 -2.32 -5.30
N LYS A 65 8.27 -2.21 -6.53
CA LYS A 65 8.73 -3.38 -7.28
C LYS A 65 9.93 -4.04 -6.59
N GLN A 66 10.85 -3.20 -6.11
CA GLN A 66 12.04 -3.71 -5.42
C GLN A 66 11.73 -4.05 -3.97
N LEU A 67 10.56 -3.61 -3.51
CA LEU A 67 10.15 -3.86 -2.13
C LEU A 67 9.78 -5.33 -1.94
N GLY A 68 9.44 -6.01 -3.03
CA GLY A 68 9.08 -7.41 -2.96
C GLY A 68 7.68 -7.68 -3.48
N ILE A 69 7.11 -6.70 -4.17
CA ILE A 69 5.77 -6.83 -4.72
C ILE A 69 5.81 -7.05 -6.23
N SER A 70 4.86 -7.84 -6.73
CA SER A 70 4.79 -8.13 -8.16
C SER A 70 3.39 -8.57 -8.56
N ALA A 71 2.39 -8.05 -7.85
CA ALA A 71 1.00 -8.38 -8.13
C ALA A 71 0.31 -7.27 -8.90
N THR A 72 0.88 -6.07 -8.85
CA THR A 72 0.32 -4.92 -9.54
C THR A 72 -0.96 -4.43 -8.85
N GLY A 73 -2.01 -5.23 -8.92
CA GLY A 73 -3.27 -4.85 -8.30
C GLY A 73 -3.10 -4.45 -6.84
N HIS A 74 -2.11 -5.06 -6.17
CA HIS A 74 -1.85 -4.76 -4.77
C HIS A 74 -1.05 -3.47 -4.63
N ARG A 75 -0.12 -3.26 -5.56
CA ARG A 75 0.72 -2.06 -5.54
C ARG A 75 -0.14 -0.80 -5.59
N LYS A 76 -1.01 -0.71 -6.58
CA LYS A 76 -1.88 0.44 -6.73
C LYS A 76 -2.88 0.53 -5.58
N ARG A 77 -3.00 -0.56 -4.83
CA ARG A 77 -3.92 -0.60 -3.69
C ARG A 77 -3.32 0.09 -2.48
N ILE A 78 -1.98 0.17 -2.44
CA ILE A 78 -1.28 0.81 -1.34
C ILE A 78 -1.06 2.30 -1.62
N LEU A 79 -0.41 2.60 -2.74
CA LEU A 79 -0.14 3.98 -3.12
C LEU A 79 -1.43 4.79 -3.16
N ARG A 80 -2.52 4.14 -3.55
CA ARG A 80 -3.82 4.81 -3.63
C ARG A 80 -4.27 5.29 -2.26
N LEU A 81 -3.71 4.69 -1.21
CA LEU A 81 -4.06 5.05 0.15
C LEU A 81 -3.08 6.08 0.71
N LEU A 82 -1.83 5.99 0.27
CA LEU A 82 -0.80 6.91 0.72
C LEU A 82 -1.16 8.35 0.38
N GLN A 83 -1.75 8.55 -0.80
CA GLN A 83 -2.15 9.87 -1.24
C GLN A 83 -3.23 10.45 -0.34
N THR A 84 -4.26 9.66 -0.08
CA THR A 84 -5.36 10.09 0.78
C THR A 84 -5.73 11.55 0.51
N GLY A 85 -5.71 11.93 -0.77
CA GLY A 85 -6.03 13.29 -1.14
C GLY A 85 -6.28 13.44 -2.63
N THR A 86 -5.44 12.79 -3.43
CA THR A 86 -5.56 12.86 -4.88
C THR A 86 -6.09 11.55 -5.45
N GLU A 87 -7.11 10.99 -4.80
CA GLU A 87 -7.71 9.74 -5.24
C GLU A 87 -9.17 9.94 -5.64
N GLU A 88 -9.74 8.94 -6.31
CA GLU A 88 -11.13 9.01 -6.74
C GLU A 88 -11.55 7.71 -7.44
N GLY A 89 -10.89 7.40 -8.54
CA GLY A 89 -11.21 6.19 -9.28
C GLY A 89 -11.90 6.48 -10.60
N SER A 90 -11.77 5.55 -11.55
CA SER A 90 -12.38 5.71 -12.86
C SER A 90 -12.67 4.35 -13.48
N LEU A 91 -11.71 3.45 -13.41
CA LEU A 91 -11.87 2.11 -13.97
C LEU A 91 -11.13 1.07 -13.13
N ASP A 92 -11.87 0.08 -12.64
CA ASP A 92 -11.29 -0.98 -11.82
C ASP A 92 -12.02 -2.30 -12.03
N PRO A 93 -11.81 -2.90 -13.21
CA PRO A 93 -12.44 -4.18 -13.57
C PRO A 93 -11.90 -5.35 -12.75
N LYS A 94 -12.80 -6.18 -12.25
CA LYS A 94 -12.40 -7.34 -11.44
C LYS A 94 -12.96 -8.62 -12.04
N SER A 95 -13.02 -8.67 -13.37
CA SER A 95 -13.54 -9.85 -14.07
C SER A 95 -12.49 -10.41 -15.03
N ASP A 96 -11.24 -10.45 -14.57
CA ASP A 96 -10.15 -10.96 -15.38
C ASP A 96 -9.90 -12.44 -15.09
N SER A 97 -9.59 -12.74 -13.84
CA SER A 97 -9.33 -14.12 -13.43
C SER A 97 -8.12 -14.68 -14.16
N ALA A 98 -7.67 -15.85 -13.74
CA ALA A 98 -6.52 -16.50 -14.36
C ALA A 98 -6.51 -18.01 -14.07
N MET A 99 -6.24 -18.35 -12.82
CA MET A 99 -6.20 -19.76 -12.40
C MET A 99 -7.53 -20.44 -12.68
N GLU A 100 -7.47 -21.59 -13.34
CA GLU A 100 -8.67 -22.36 -13.68
C GLU A 100 -8.35 -23.84 -13.79
N HIS A 20 -8.14 1.75 6.38
CA HIS A 20 -8.19 3.20 6.25
C HIS A 20 -7.75 3.87 7.55
N MET A 21 -6.67 4.66 7.45
CA MET A 21 -6.15 5.36 8.62
C MET A 21 -5.22 6.50 8.19
N ALA A 22 -4.04 6.14 7.71
CA ALA A 22 -3.06 7.13 7.27
C ALA A 22 -2.66 8.06 8.41
N ALA A 23 -1.51 7.77 9.02
CA ALA A 23 -1.01 8.58 10.13
C ALA A 23 -0.76 10.02 9.69
N PRO A 24 -0.75 10.94 10.67
CA PRO A 24 -0.53 12.36 10.41
C PRO A 24 0.90 12.66 9.97
N GLN A 25 1.86 12.18 10.74
CA GLN A 25 3.27 12.39 10.43
C GLN A 25 4.16 11.46 11.25
N ASP A 26 3.93 11.43 12.56
CA ASP A 26 4.71 10.58 13.46
C ASP A 26 3.93 9.31 13.81
N LEU A 27 4.37 8.19 13.25
CA LEU A 27 3.73 6.91 13.50
C LEU A 27 4.65 5.75 13.12
N ASP A 28 5.00 4.92 14.10
CA ASP A 28 5.87 3.78 13.87
C ASP A 28 5.44 3.03 12.61
N ILE A 29 6.41 2.74 11.75
CA ILE A 29 6.13 2.02 10.51
C ILE A 29 5.45 0.69 10.78
N ALA A 30 5.61 0.19 12.00
CA ALA A 30 5.00 -1.08 12.39
C ALA A 30 3.50 -0.92 12.62
N VAL A 31 3.10 0.24 13.14
CA VAL A 31 1.69 0.51 13.41
C VAL A 31 0.93 0.79 12.12
N TRP A 32 1.67 1.23 11.09
CA TRP A 32 1.06 1.54 9.80
C TRP A 32 0.69 0.25 9.06
N LEU A 33 1.67 -0.62 8.89
CA LEU A 33 1.45 -1.89 8.20
C LEU A 33 0.64 -2.84 9.06
N ALA A 34 0.64 -2.61 10.37
CA ALA A 34 -0.10 -3.45 11.30
C ALA A 34 -1.59 -3.45 10.98
N THR A 35 -2.05 -2.41 10.28
CA THR A 35 -3.45 -2.29 9.90
C THR A 35 -3.83 -3.35 8.88
N VAL A 36 -2.84 -3.84 8.14
CA VAL A 36 -3.08 -4.86 7.12
C VAL A 36 -2.39 -6.17 7.49
N HIS A 37 -1.97 -6.28 8.74
CA HIS A 37 -1.31 -7.48 9.23
C HIS A 37 0.02 -7.70 8.50
N LEU A 38 0.79 -6.64 8.34
CA LEU A 38 2.07 -6.72 7.66
C LEU A 38 3.13 -5.86 8.37
N GLU A 39 2.91 -5.62 9.66
CA GLU A 39 3.83 -4.81 10.45
C GLU A 39 5.24 -5.43 10.42
N GLN A 40 5.30 -6.73 10.17
CA GLN A 40 6.58 -7.43 10.12
C GLN A 40 7.49 -6.82 9.06
N TYR A 41 6.89 -6.17 8.08
CA TYR A 41 7.65 -5.54 7.00
C TYR A 41 8.31 -4.26 7.47
N ALA A 42 7.98 -3.84 8.69
CA ALA A 42 8.54 -2.63 9.26
C ALA A 42 10.05 -2.73 9.41
N ASP A 43 10.55 -3.96 9.51
CA ASP A 43 11.98 -4.20 9.64
C ASP A 43 12.75 -3.61 8.47
N THR A 44 12.53 -4.17 7.29
CA THR A 44 13.20 -3.71 6.07
C THR A 44 12.95 -2.22 5.85
N PHE A 45 11.77 -1.75 6.25
CA PHE A 45 11.41 -0.36 6.08
C PHE A 45 12.32 0.54 6.93
N ARG A 46 12.40 0.23 8.22
CA ARG A 46 13.23 1.01 9.14
C ARG A 46 14.68 1.04 8.67
N ARG A 47 15.19 -0.12 8.26
CA ARG A 47 16.57 -0.22 7.79
C ARG A 47 16.76 0.59 6.51
N HIS A 48 15.65 0.96 5.88
CA HIS A 48 15.71 1.74 4.65
C HIS A 48 15.82 3.23 4.95
N GLY A 49 15.69 3.58 6.23
CA GLY A 49 15.77 4.98 6.64
C GLY A 49 14.41 5.58 6.87
N LEU A 50 13.40 4.74 7.01
CA LEU A 50 12.03 5.20 7.25
C LEU A 50 11.34 4.34 8.29
N ALA A 51 11.39 4.77 9.55
CA ALA A 51 10.76 4.03 10.64
C ALA A 51 9.38 4.59 10.95
N THR A 52 8.89 5.48 10.08
CA THR A 52 7.58 6.09 10.26
C THR A 52 6.87 6.29 8.92
N ALA A 53 5.54 6.26 8.95
CA ALA A 53 4.75 6.44 7.74
C ALA A 53 5.12 7.74 7.03
N GLY A 54 5.06 8.85 7.77
CA GLY A 54 5.38 10.14 7.18
C GLY A 54 6.76 10.16 6.56
N ALA A 55 7.68 9.39 7.14
CA ALA A 55 9.05 9.32 6.63
C ALA A 55 9.12 8.50 5.35
N ALA A 56 8.12 7.66 5.13
CA ALA A 56 8.06 6.82 3.95
C ALA A 56 7.13 7.41 2.89
N ARG A 57 6.37 8.42 3.29
CA ARG A 57 5.45 9.08 2.37
C ARG A 57 6.14 9.46 1.07
N GLY A 58 5.87 8.68 0.02
CA GLY A 58 6.48 8.95 -1.27
C GLY A 58 6.84 7.68 -2.02
N LEU A 59 7.06 6.60 -1.27
CA LEU A 59 7.42 5.32 -1.87
C LEU A 59 6.43 4.94 -2.97
N GLY A 60 6.94 4.29 -4.01
CA GLY A 60 6.08 3.87 -5.11
C GLY A 60 6.09 2.38 -5.31
N HIS A 61 5.39 1.92 -6.35
CA HIS A 61 5.32 0.49 -6.65
C HIS A 61 6.70 -0.07 -7.00
N GLU A 62 7.29 0.48 -8.06
CA GLU A 62 8.60 0.04 -8.51
C GLU A 62 9.63 0.16 -7.39
N GLU A 63 9.34 1.04 -6.43
CA GLU A 63 10.25 1.25 -5.30
C GLU A 63 10.09 0.15 -4.26
N LEU A 64 8.85 -0.31 -4.08
CA LEU A 64 8.57 -1.36 -3.11
C LEU A 64 9.20 -2.68 -3.54
N LYS A 65 9.35 -2.87 -4.84
CA LYS A 65 9.95 -4.08 -5.38
C LYS A 65 11.40 -4.22 -4.94
N GLN A 66 12.13 -3.11 -4.98
CA GLN A 66 13.54 -3.10 -4.57
C GLN A 66 13.67 -3.01 -3.06
N LEU A 67 12.56 -2.70 -2.39
CA LEU A 67 12.56 -2.57 -0.94
C LEU A 67 12.72 -3.94 -0.27
N GLY A 68 12.36 -5.00 -1.00
CA GLY A 68 12.48 -6.34 -0.48
C GLY A 68 11.16 -7.09 -0.50
N ILE A 69 10.20 -6.56 -1.25
CA ILE A 69 8.88 -7.18 -1.35
C ILE A 69 8.71 -7.89 -2.70
N SER A 70 8.22 -9.12 -2.65
CA SER A 70 8.01 -9.90 -3.87
C SER A 70 6.53 -10.22 -4.06
N ALA A 71 5.78 -10.23 -2.96
CA ALA A 71 4.35 -10.53 -3.00
C ALA A 71 3.58 -9.37 -3.62
N THR A 72 3.03 -9.60 -4.81
CA THR A 72 2.26 -8.58 -5.51
C THR A 72 1.02 -8.19 -4.72
N GLY A 73 0.31 -9.19 -4.21
CA GLY A 73 -0.89 -8.93 -3.44
C GLY A 73 -0.62 -8.12 -2.18
N HIS A 74 0.61 -8.23 -1.67
CA HIS A 74 0.99 -7.50 -0.47
C HIS A 74 1.40 -6.07 -0.81
N ARG A 75 2.15 -5.91 -1.89
CA ARG A 75 2.61 -4.60 -2.33
C ARG A 75 1.43 -3.66 -2.55
N LYS A 76 0.47 -4.12 -3.36
CA LYS A 76 -0.71 -3.33 -3.67
C LYS A 76 -1.57 -3.11 -2.43
N ARG A 77 -1.32 -3.94 -1.40
CA ARG A 77 -2.08 -3.85 -0.16
C ARG A 77 -1.56 -2.71 0.70
N ILE A 78 -0.32 -2.31 0.47
CA ILE A 78 0.30 -1.22 1.23
C ILE A 78 0.10 0.12 0.53
N LEU A 79 0.51 0.19 -0.73
CA LEU A 79 0.37 1.41 -1.52
C LEU A 79 -1.07 1.89 -1.53
N ARG A 80 -2.00 0.95 -1.52
CA ARG A 80 -3.43 1.28 -1.53
C ARG A 80 -3.81 2.04 -0.27
N LEU A 81 -2.99 1.92 0.77
CA LEU A 81 -3.26 2.59 2.04
C LEU A 81 -2.50 3.91 2.11
N LEU A 82 -1.32 3.95 1.49
CA LEU A 82 -0.50 5.16 1.47
C LEU A 82 -1.24 6.32 0.83
N GLN A 83 -2.00 6.03 -0.22
CA GLN A 83 -2.77 7.06 -0.92
C GLN A 83 -3.84 7.65 -0.01
N THR A 84 -4.62 6.78 0.63
CA THR A 84 -5.67 7.22 1.51
C THR A 84 -6.42 8.43 0.95
N GLY A 85 -6.63 8.42 -0.37
CA GLY A 85 -7.32 9.51 -1.02
C GLY A 85 -7.90 9.12 -2.37
N THR A 86 -8.23 7.85 -2.52
CA THR A 86 -8.79 7.34 -3.76
C THR A 86 -10.30 7.17 -3.65
N GLU A 87 -10.92 6.78 -4.76
CA GLU A 87 -12.37 6.58 -4.79
C GLU A 87 -12.72 5.22 -5.37
N GLU A 88 -13.72 4.56 -4.79
CA GLU A 88 -14.14 3.25 -5.25
C GLU A 88 -14.41 3.26 -6.75
N GLY A 89 -14.36 2.07 -7.35
CA GLY A 89 -14.61 1.96 -8.79
C GLY A 89 -15.45 0.76 -9.15
N SER A 90 -16.60 1.01 -9.77
CA SER A 90 -17.51 -0.06 -10.17
C SER A 90 -17.60 -0.16 -11.68
N LEU A 91 -17.74 -1.39 -12.18
CA LEU A 91 -17.84 -1.63 -13.62
C LEU A 91 -18.86 -2.71 -13.92
N ASP A 92 -19.12 -2.94 -15.20
CA ASP A 92 -20.07 -3.96 -15.62
C ASP A 92 -19.80 -4.39 -17.06
N PRO A 93 -20.31 -5.58 -17.42
CA PRO A 93 -20.14 -6.14 -18.77
C PRO A 93 -20.92 -5.36 -19.82
N LYS A 94 -20.95 -5.90 -21.04
CA LYS A 94 -21.68 -5.26 -22.14
C LYS A 94 -21.81 -6.20 -23.32
N SER A 95 -23.04 -6.66 -23.58
CA SER A 95 -23.29 -7.57 -24.68
C SER A 95 -24.28 -6.95 -25.68
N ASP A 96 -23.85 -6.87 -26.93
CA ASP A 96 -24.68 -6.30 -27.99
C ASP A 96 -24.52 -7.07 -29.29
N SER A 97 -25.40 -6.81 -30.25
CA SER A 97 -25.35 -7.47 -31.54
C SER A 97 -25.55 -8.98 -31.39
N ALA A 98 -25.78 -9.66 -32.51
CA ALA A 98 -25.99 -11.10 -32.50
C ALA A 98 -25.89 -11.68 -33.90
N MET A 99 -24.77 -11.42 -34.57
CA MET A 99 -24.55 -11.92 -35.92
C MET A 99 -25.63 -11.40 -36.87
N GLU A 100 -26.16 -10.21 -36.56
CA GLU A 100 -27.20 -9.61 -37.39
C GLU A 100 -27.00 -8.09 -37.47
N HIS A 20 -10.67 14.20 3.99
CA HIS A 20 -11.83 13.38 4.36
C HIS A 20 -11.39 12.00 4.80
N MET A 21 -10.62 11.31 3.95
CA MET A 21 -10.14 9.98 4.26
C MET A 21 -8.61 9.94 4.30
N ALA A 22 -8.02 10.96 4.92
CA ALA A 22 -6.57 11.05 5.02
C ALA A 22 -6.07 10.32 6.26
N ALA A 23 -5.16 9.38 6.06
CA ALA A 23 -4.60 8.60 7.16
C ALA A 23 -3.65 9.45 8.00
N PRO A 24 -3.42 9.03 9.25
CA PRO A 24 -2.53 9.74 10.17
C PRO A 24 -1.06 9.63 9.76
N GLN A 25 -0.19 10.30 10.50
CA GLN A 25 1.24 10.29 10.22
C GLN A 25 1.98 9.42 11.23
N ASP A 26 1.56 9.48 12.48
CA ASP A 26 2.19 8.70 13.54
C ASP A 26 1.52 7.34 13.69
N LEU A 27 1.54 6.57 12.60
CA LEU A 27 0.93 5.24 12.61
C LEU A 27 1.98 4.16 12.37
N ASP A 28 2.11 3.24 13.33
CA ASP A 28 3.06 2.15 13.22
C ASP A 28 2.98 1.49 11.85
N ILE A 29 4.14 1.24 11.25
CA ILE A 29 4.19 0.60 9.93
C ILE A 29 3.54 -0.78 9.96
N ALA A 30 3.42 -1.34 11.16
CA ALA A 30 2.81 -2.66 11.32
C ALA A 30 1.29 -2.58 11.19
N VAL A 31 0.72 -1.51 11.71
CA VAL A 31 -0.73 -1.32 11.64
C VAL A 31 -1.17 -0.92 10.24
N TRP A 32 -0.25 -0.34 9.48
CA TRP A 32 -0.55 0.09 8.12
C TRP A 32 -0.59 -1.11 7.18
N LEU A 33 0.46 -1.92 7.20
CA LEU A 33 0.55 -3.10 6.35
C LEU A 33 -0.42 -4.18 6.82
N ALA A 34 -0.77 -4.14 8.09
CA ALA A 34 -1.70 -5.10 8.66
C ALA A 34 -3.07 -5.01 8.00
N THR A 35 -3.33 -3.88 7.37
CA THR A 35 -4.61 -3.66 6.70
C THR A 35 -4.75 -4.56 5.48
N VAL A 36 -3.62 -4.92 4.88
CA VAL A 36 -3.63 -5.78 3.70
C VAL A 36 -3.07 -7.17 4.03
N HIS A 37 -2.98 -7.47 5.32
CA HIS A 37 -2.46 -8.76 5.77
C HIS A 37 -1.00 -8.93 5.36
N LEU A 38 -0.21 -7.88 5.54
CA LEU A 38 1.21 -7.91 5.19
C LEU A 38 2.04 -7.15 6.21
N GLU A 39 1.53 -7.07 7.44
CA GLU A 39 2.23 -6.37 8.50
C GLU A 39 3.64 -6.93 8.69
N GLN A 40 3.84 -8.17 8.28
CA GLN A 40 5.14 -8.82 8.40
C GLN A 40 6.22 -8.02 7.67
N TYR A 41 5.79 -7.25 6.67
CA TYR A 41 6.72 -6.44 5.89
C TYR A 41 7.18 -5.22 6.68
N ALA A 42 6.51 -4.95 7.80
CA ALA A 42 6.85 -3.83 8.64
C ALA A 42 8.29 -3.93 9.16
N ASP A 43 8.75 -5.17 9.30
CA ASP A 43 10.11 -5.41 9.79
C ASP A 43 11.14 -4.71 8.91
N THR A 44 11.26 -5.17 7.67
CA THR A 44 12.21 -4.59 6.73
C THR A 44 12.00 -3.08 6.59
N PHE A 45 10.75 -2.65 6.73
CA PHE A 45 10.42 -1.23 6.63
C PHE A 45 11.07 -0.44 7.76
N ARG A 46 10.83 -0.88 9.00
CA ARG A 46 11.39 -0.20 10.16
C ARG A 46 12.91 -0.12 10.07
N ARG A 47 13.54 -1.23 9.69
CA ARG A 47 14.99 -1.28 9.56
C ARG A 47 15.47 -0.34 8.46
N HIS A 48 14.55 0.09 7.61
CA HIS A 48 14.88 1.01 6.52
C HIS A 48 14.86 2.45 6.99
N GLY A 49 14.44 2.66 8.24
CA GLY A 49 14.39 4.00 8.78
C GLY A 49 13.00 4.59 8.74
N LEU A 50 11.99 3.73 8.55
CA LEU A 50 10.60 4.17 8.49
C LEU A 50 9.70 3.20 9.24
N ALA A 51 9.42 3.52 10.50
CA ALA A 51 8.56 2.68 11.32
C ALA A 51 7.12 3.18 11.29
N THR A 52 6.84 4.12 10.38
CA THR A 52 5.50 4.67 10.25
C THR A 52 5.17 4.97 8.79
N ALA A 53 3.88 4.97 8.47
CA ALA A 53 3.43 5.24 7.11
C ALA A 53 3.84 6.64 6.67
N GLY A 54 4.01 7.54 7.64
CA GLY A 54 4.40 8.90 7.33
C GLY A 54 5.87 9.03 7.00
N ALA A 55 6.64 8.00 7.33
CA ALA A 55 8.07 8.01 7.07
C ALA A 55 8.40 7.22 5.80
N ALA A 56 7.36 6.68 5.17
CA ALA A 56 7.55 5.90 3.94
C ALA A 56 6.66 6.44 2.82
N ARG A 57 5.89 7.48 3.12
CA ARG A 57 5.01 8.09 2.13
C ARG A 57 5.79 8.50 0.89
N GLY A 58 7.08 8.76 1.06
CA GLY A 58 7.91 9.15 -0.07
C GLY A 58 8.27 7.99 -0.97
N LEU A 59 8.50 6.83 -0.36
CA LEU A 59 8.85 5.63 -1.11
C LEU A 59 7.85 5.38 -2.23
N GLY A 60 8.34 4.86 -3.36
CA GLY A 60 7.48 4.58 -4.49
C GLY A 60 7.53 3.13 -4.92
N HIS A 61 7.20 2.87 -6.17
CA HIS A 61 7.22 1.51 -6.72
C HIS A 61 8.65 1.05 -6.95
N GLU A 62 9.37 1.78 -7.79
CA GLU A 62 10.75 1.43 -8.11
C GLU A 62 11.58 1.25 -6.84
N GLU A 63 11.18 1.96 -5.79
CA GLU A 63 11.88 1.89 -4.51
C GLU A 63 11.49 0.62 -3.75
N LEU A 64 10.23 0.22 -3.88
CA LEU A 64 9.74 -0.97 -3.20
C LEU A 64 10.36 -2.23 -3.79
N LYS A 65 10.67 -2.18 -5.08
CA LYS A 65 11.27 -3.32 -5.77
C LYS A 65 12.65 -3.63 -5.19
N GLN A 66 13.40 -2.59 -4.88
CA GLN A 66 14.74 -2.75 -4.32
C GLN A 66 14.67 -2.96 -2.81
N LEU A 67 13.50 -2.71 -2.23
CA LEU A 67 13.31 -2.87 -0.79
C LEU A 67 13.29 -4.34 -0.41
N GLY A 68 12.96 -5.20 -1.38
CA GLY A 68 12.92 -6.62 -1.13
C GLY A 68 11.54 -7.21 -1.35
N ILE A 69 10.70 -6.49 -2.10
CA ILE A 69 9.35 -6.94 -2.39
C ILE A 69 9.25 -7.48 -3.81
N SER A 70 9.20 -8.80 -3.95
CA SER A 70 9.10 -9.45 -5.25
C SER A 70 7.65 -9.72 -5.62
N ALA A 71 6.80 -9.83 -4.59
CA ALA A 71 5.38 -10.09 -4.80
C ALA A 71 4.68 -8.88 -5.40
N THR A 72 4.54 -8.87 -6.72
CA THR A 72 3.90 -7.76 -7.41
C THR A 72 2.53 -7.46 -6.80
N GLY A 73 1.72 -8.49 -6.64
CA GLY A 73 0.40 -8.31 -6.06
C GLY A 73 0.44 -7.68 -4.69
N HIS A 74 1.55 -7.88 -3.98
CA HIS A 74 1.73 -7.32 -2.65
C HIS A 74 2.18 -5.87 -2.72
N ARG A 75 3.18 -5.61 -3.55
CA ARG A 75 3.72 -4.25 -3.70
C ARG A 75 2.60 -3.27 -4.07
N LYS A 76 1.83 -3.63 -5.10
CA LYS A 76 0.74 -2.78 -5.56
C LYS A 76 -0.36 -2.68 -4.50
N ARG A 77 -0.33 -3.60 -3.53
CA ARG A 77 -1.32 -3.62 -2.47
C ARG A 77 -1.01 -2.54 -1.43
N ILE A 78 0.26 -2.17 -1.32
CA ILE A 78 0.69 -1.15 -0.37
C ILE A 78 0.45 0.25 -0.93
N LEU A 79 1.01 0.51 -2.10
CA LEU A 79 0.87 1.82 -2.74
C LEU A 79 -0.61 2.16 -2.94
N ARG A 80 -1.41 1.14 -3.23
CA ARG A 80 -2.85 1.33 -3.44
C ARG A 80 -3.52 1.88 -2.18
N LEU A 81 -2.88 1.66 -1.04
CA LEU A 81 -3.42 2.13 0.23
C LEU A 81 -2.87 3.52 0.57
N LEU A 82 -1.66 3.79 0.11
CA LEU A 82 -1.02 5.08 0.36
C LEU A 82 -1.75 6.20 -0.37
N GLN A 83 -2.30 5.88 -1.54
CA GLN A 83 -3.02 6.86 -2.34
C GLN A 83 -4.21 7.42 -1.57
N THR A 84 -4.62 6.71 -0.52
CA THR A 84 -5.74 7.13 0.30
C THR A 84 -5.62 8.60 0.70
N GLY A 85 -6.76 9.29 0.77
CA GLY A 85 -6.75 10.69 1.14
C GLY A 85 -7.59 11.54 0.20
N THR A 86 -7.29 11.45 -1.09
CA THR A 86 -8.01 12.22 -2.09
C THR A 86 -8.86 11.31 -2.98
N GLU A 87 -8.36 10.09 -3.20
CA GLU A 87 -9.08 9.13 -4.03
C GLU A 87 -10.42 8.76 -3.42
N GLU A 88 -11.31 8.20 -4.23
CA GLU A 88 -12.63 7.80 -3.77
C GLU A 88 -13.42 7.13 -4.88
N GLY A 89 -13.52 5.80 -4.81
CA GLY A 89 -14.25 5.05 -5.82
C GLY A 89 -13.96 3.56 -5.77
N SER A 90 -12.78 3.18 -6.24
CA SER A 90 -12.39 1.78 -6.25
C SER A 90 -13.42 0.93 -6.98
N LEU A 91 -13.22 0.76 -8.29
CA LEU A 91 -14.13 -0.03 -9.11
C LEU A 91 -13.65 -0.09 -10.55
N ASP A 92 -13.97 -1.19 -11.22
CA ASP A 92 -13.57 -1.37 -12.62
C ASP A 92 -14.80 -1.39 -13.53
N PRO A 93 -14.55 -1.13 -14.84
CA PRO A 93 -15.62 -1.10 -15.84
C PRO A 93 -16.20 -2.47 -16.11
N LYS A 94 -17.20 -2.53 -16.99
CA LYS A 94 -17.84 -3.79 -17.34
C LYS A 94 -18.25 -3.80 -18.81
N SER A 95 -18.23 -4.98 -19.41
CA SER A 95 -18.60 -5.14 -20.82
C SER A 95 -19.39 -6.41 -21.04
N ASP A 96 -19.83 -6.63 -22.28
CA ASP A 96 -20.61 -7.81 -22.63
C ASP A 96 -20.43 -8.16 -24.10
N SER A 97 -20.86 -9.36 -24.47
CA SER A 97 -20.76 -9.81 -25.85
C SER A 97 -22.10 -10.32 -26.37
N ALA A 98 -22.54 -11.45 -25.84
CA ALA A 98 -23.81 -12.05 -26.23
C ALA A 98 -24.59 -12.54 -25.03
N MET A 99 -24.77 -11.66 -24.04
CA MET A 99 -25.50 -12.00 -22.83
C MET A 99 -25.07 -13.37 -22.31
N GLU A 100 -25.88 -13.94 -21.41
CA GLU A 100 -25.58 -15.24 -20.83
C GLU A 100 -24.18 -15.25 -20.21
N HIS A 20 -4.55 17.83 11.64
CA HIS A 20 -5.21 18.09 10.37
C HIS A 20 -5.90 16.83 9.84
N MET A 21 -6.50 16.07 10.75
CA MET A 21 -7.18 14.84 10.38
C MET A 21 -6.27 13.92 9.59
N ALA A 22 -5.35 13.26 10.30
CA ALA A 22 -4.41 12.34 9.68
C ALA A 22 -3.75 11.43 10.71
N ALA A 23 -3.03 10.42 10.23
CA ALA A 23 -2.35 9.49 11.12
C ALA A 23 -1.03 10.06 11.61
N PRO A 24 -0.52 9.53 12.72
CA PRO A 24 0.74 9.97 13.32
C PRO A 24 1.94 9.58 12.47
N GLN A 25 3.14 9.83 13.00
CA GLN A 25 4.38 9.51 12.29
C GLN A 25 5.07 8.31 12.93
N ASP A 26 4.86 8.13 14.23
CA ASP A 26 5.47 7.04 14.97
C ASP A 26 4.54 5.83 15.00
N LEU A 27 3.99 5.48 13.84
CA LEU A 27 3.07 4.35 13.73
C LEU A 27 3.78 3.14 13.12
N ASP A 28 3.87 2.07 13.89
CA ASP A 28 4.51 0.84 13.42
C ASP A 28 4.04 0.47 12.02
N ILE A 29 4.98 0.13 11.15
CA ILE A 29 4.65 -0.25 9.78
C ILE A 29 3.69 -1.44 9.75
N ALA A 30 3.65 -2.19 10.84
CA ALA A 30 2.78 -3.35 10.94
C ALA A 30 1.33 -2.93 11.15
N VAL A 31 1.13 -1.85 11.89
CA VAL A 31 -0.21 -1.35 12.16
C VAL A 31 -0.80 -0.66 10.94
N TRP A 32 0.08 -0.16 10.05
CA TRP A 32 -0.36 0.51 8.84
C TRP A 32 -0.86 -0.49 7.81
N LEU A 33 -0.04 -1.49 7.52
CA LEU A 33 -0.40 -2.52 6.54
C LEU A 33 -1.49 -3.44 7.09
N ALA A 34 -1.59 -3.49 8.41
CA ALA A 34 -2.59 -4.33 9.07
C ALA A 34 -4.00 -3.87 8.71
N THR A 35 -4.13 -2.60 8.34
CA THR A 35 -5.43 -2.04 7.97
C THR A 35 -5.94 -2.65 6.66
N VAL A 36 -5.01 -3.12 5.84
CA VAL A 36 -5.37 -3.72 4.56
C VAL A 36 -5.15 -5.23 4.58
N HIS A 37 -4.93 -5.77 5.77
CA HIS A 37 -4.69 -7.21 5.93
C HIS A 37 -3.41 -7.62 5.22
N LEU A 38 -2.35 -6.86 5.41
CA LEU A 38 -1.06 -7.14 4.80
C LEU A 38 0.09 -6.72 5.70
N GLU A 39 -0.16 -6.74 7.01
CA GLU A 39 0.86 -6.35 7.99
C GLU A 39 2.12 -7.20 7.81
N GLN A 40 1.95 -8.40 7.24
CA GLN A 40 3.07 -9.30 7.03
C GLN A 40 4.15 -8.63 6.18
N TYR A 41 3.76 -7.65 5.39
CA TYR A 41 4.69 -6.93 4.53
C TYR A 41 5.57 -5.99 5.34
N ALA A 42 5.24 -5.84 6.62
CA ALA A 42 5.99 -4.97 7.51
C ALA A 42 7.44 -5.44 7.64
N ASP A 43 7.65 -6.74 7.45
CA ASP A 43 8.99 -7.31 7.54
C ASP A 43 9.94 -6.66 6.54
N THR A 44 9.69 -6.91 5.26
CA THR A 44 10.52 -6.36 4.19
C THR A 44 10.61 -4.84 4.31
N PHE A 45 9.54 -4.22 4.80
CA PHE A 45 9.49 -2.77 4.96
C PHE A 45 10.54 -2.31 5.98
N ARG A 46 10.49 -2.91 7.17
CA ARG A 46 11.41 -2.55 8.24
C ARG A 46 12.87 -2.75 7.78
N ARG A 47 13.13 -3.88 7.14
CA ARG A 47 14.47 -4.19 6.65
C ARG A 47 14.90 -3.19 5.58
N HIS A 48 13.94 -2.45 5.05
CA HIS A 48 14.23 -1.46 4.02
C HIS A 48 14.61 -0.12 4.65
N GLY A 49 14.52 -0.05 5.97
CA GLY A 49 14.86 1.19 6.67
C GLY A 49 13.64 2.01 7.01
N LEU A 50 12.46 1.39 6.94
CA LEU A 50 11.22 2.08 7.24
C LEU A 50 10.28 1.19 8.04
N ALA A 51 10.33 1.30 9.36
CA ALA A 51 9.48 0.51 10.24
C ALA A 51 8.27 1.31 10.71
N THR A 52 8.04 2.46 10.07
CA THR A 52 6.92 3.31 10.43
C THR A 52 6.34 4.00 9.19
N ALA A 53 5.04 4.31 9.24
CA ALA A 53 4.37 4.95 8.13
C ALA A 53 5.00 6.32 7.83
N GLY A 54 5.70 6.87 8.82
CA GLY A 54 6.34 8.16 8.63
C GLY A 54 7.68 8.05 7.92
N ALA A 55 8.35 6.91 8.10
CA ALA A 55 9.64 6.69 7.48
C ALA A 55 9.48 6.21 6.03
N ALA A 56 8.27 5.78 5.69
CA ALA A 56 7.98 5.30 4.34
C ALA A 56 7.15 6.32 3.56
N ARG A 57 6.61 7.30 4.28
CA ARG A 57 5.79 8.33 3.65
C ARG A 57 6.51 8.94 2.46
N GLY A 58 5.95 8.72 1.27
CA GLY A 58 6.55 9.25 0.06
C GLY A 58 6.73 8.20 -1.02
N LEU A 59 6.87 6.95 -0.60
CA LEU A 59 7.05 5.85 -1.52
C LEU A 59 5.91 5.79 -2.53
N GLY A 60 6.24 5.41 -3.77
CA GLY A 60 5.23 5.32 -4.81
C GLY A 60 4.99 3.89 -5.26
N HIS A 61 4.43 3.74 -6.45
CA HIS A 61 4.15 2.42 -7.01
C HIS A 61 5.43 1.73 -7.46
N GLU A 62 6.11 2.34 -8.42
CA GLU A 62 7.36 1.78 -8.94
C GLU A 62 8.35 1.52 -7.81
N GLU A 63 8.24 2.31 -6.75
CA GLU A 63 9.13 2.16 -5.60
C GLU A 63 8.73 0.96 -4.74
N LEU A 64 7.44 0.65 -4.75
CA LEU A 64 6.92 -0.48 -3.97
C LEU A 64 7.42 -1.80 -4.53
N LYS A 65 7.67 -1.83 -5.84
CA LYS A 65 8.16 -3.02 -6.51
C LYS A 65 9.52 -3.43 -5.97
N GLN A 66 10.40 -2.45 -5.77
CA GLN A 66 11.74 -2.71 -5.26
C GLN A 66 11.72 -2.84 -3.73
N LEU A 67 10.60 -2.46 -3.12
CA LEU A 67 10.46 -2.54 -1.68
C LEU A 67 10.34 -3.99 -1.21
N GLY A 68 9.92 -4.86 -2.13
CA GLY A 68 9.78 -6.26 -1.79
C GLY A 68 8.38 -6.78 -2.04
N ILE A 69 7.59 -6.02 -2.79
CA ILE A 69 6.22 -6.40 -3.11
C ILE A 69 6.11 -6.90 -4.55
N SER A 70 5.43 -8.02 -4.74
CA SER A 70 5.24 -8.59 -6.06
C SER A 70 3.77 -8.86 -6.35
N ALA A 71 2.90 -8.11 -5.66
CA ALA A 71 1.46 -8.27 -5.84
C ALA A 71 0.82 -6.96 -6.29
N THR A 72 0.61 -6.82 -7.59
CA THR A 72 0.01 -5.62 -8.16
C THR A 72 -1.29 -5.27 -7.44
N GLY A 73 -2.05 -6.30 -7.06
CA GLY A 73 -3.30 -6.08 -6.37
C GLY A 73 -3.11 -5.48 -4.99
N HIS A 74 -2.03 -5.87 -4.32
CA HIS A 74 -1.73 -5.37 -2.97
C HIS A 74 -1.10 -3.99 -3.05
N ARG A 75 -0.28 -3.76 -4.08
CA ARG A 75 0.38 -2.47 -4.26
C ARG A 75 -0.63 -1.32 -4.23
N LYS A 76 -1.68 -1.45 -5.04
CA LYS A 76 -2.71 -0.43 -5.11
C LYS A 76 -3.46 -0.32 -3.78
N ARG A 77 -3.36 -1.36 -2.97
CA ARG A 77 -4.03 -1.38 -1.66
C ARG A 77 -3.25 -0.56 -0.65
N ILE A 78 -1.97 -0.36 -0.90
CA ILE A 78 -1.11 0.41 -0.01
C ILE A 78 -1.21 1.91 -0.32
N LEU A 79 -0.91 2.27 -1.57
CA LEU A 79 -0.95 3.66 -1.98
C LEU A 79 -2.33 4.26 -1.73
N ARG A 80 -3.37 3.45 -1.90
CA ARG A 80 -4.73 3.89 -1.69
C ARG A 80 -4.96 4.31 -0.25
N LEU A 81 -4.10 3.81 0.64
CA LEU A 81 -4.20 4.14 2.06
C LEU A 81 -3.30 5.32 2.41
N LEU A 82 -2.17 5.41 1.73
CA LEU A 82 -1.21 6.50 1.97
C LEU A 82 -1.86 7.85 1.74
N GLN A 83 -2.72 7.93 0.72
CA GLN A 83 -3.40 9.18 0.40
C GLN A 83 -4.35 9.59 1.53
N THR A 84 -5.19 8.64 1.96
CA THR A 84 -6.15 8.90 3.03
C THR A 84 -6.78 10.29 2.88
N GLY A 85 -7.06 10.67 1.64
CA GLY A 85 -7.66 11.97 1.40
C GLY A 85 -8.50 11.98 0.13
N THR A 86 -7.99 11.37 -0.93
CA THR A 86 -8.70 11.32 -2.20
C THR A 86 -8.57 9.94 -2.84
N GLU A 87 -9.53 9.60 -3.70
CA GLU A 87 -9.53 8.31 -4.37
C GLU A 87 -10.08 8.45 -5.79
N GLU A 88 -9.36 9.19 -6.64
CA GLU A 88 -9.78 9.39 -8.01
C GLU A 88 -10.08 8.06 -8.70
N GLY A 89 -10.96 8.10 -9.69
CA GLY A 89 -11.32 6.89 -10.41
C GLY A 89 -11.55 7.14 -11.89
N SER A 90 -11.24 6.15 -12.71
CA SER A 90 -11.41 6.26 -14.16
C SER A 90 -11.15 4.94 -14.85
N LEU A 91 -11.83 3.89 -14.39
CA LEU A 91 -11.69 2.56 -14.96
C LEU A 91 -13.04 1.92 -15.22
N ASP A 92 -13.07 0.95 -16.13
CA ASP A 92 -14.31 0.25 -16.46
C ASP A 92 -14.14 -1.25 -16.29
N PRO A 93 -15.27 -1.97 -16.16
CA PRO A 93 -15.29 -3.42 -15.99
C PRO A 93 -14.85 -4.16 -17.25
N LYS A 94 -14.89 -5.49 -17.20
CA LYS A 94 -14.50 -6.31 -18.34
C LYS A 94 -15.58 -7.32 -18.67
N SER A 95 -15.79 -7.57 -19.97
CA SER A 95 -16.80 -8.51 -20.41
C SER A 95 -16.28 -9.37 -21.55
N ASP A 96 -15.78 -10.56 -21.21
CA ASP A 96 -15.25 -11.48 -22.21
C ASP A 96 -15.44 -12.93 -21.78
N SER A 97 -16.03 -13.73 -22.65
CA SER A 97 -16.27 -15.13 -22.36
C SER A 97 -15.59 -16.04 -23.38
N ALA A 98 -14.82 -17.01 -22.89
CA ALA A 98 -14.12 -17.94 -23.76
C ALA A 98 -13.52 -19.09 -22.96
N MET A 99 -12.64 -18.76 -22.02
CA MET A 99 -12.01 -19.78 -21.19
C MET A 99 -11.54 -20.96 -22.03
N GLU A 100 -11.24 -22.08 -21.37
CA GLU A 100 -10.78 -23.28 -22.06
C GLU A 100 -11.90 -24.30 -22.17
N HIS A 20 -4.00 17.22 -0.22
CA HIS A 20 -4.77 17.11 1.01
C HIS A 20 -5.53 15.79 1.06
N MET A 21 -6.11 15.49 2.21
CA MET A 21 -6.87 14.26 2.38
C MET A 21 -5.98 13.04 2.18
N ALA A 22 -4.75 13.14 2.65
CA ALA A 22 -3.80 12.04 2.53
C ALA A 22 -4.15 10.90 3.48
N ALA A 23 -3.34 9.83 3.45
CA ALA A 23 -3.57 8.68 4.30
C ALA A 23 -3.64 9.10 5.77
N PRO A 24 -4.26 8.24 6.60
CA PRO A 24 -4.41 8.49 8.03
C PRO A 24 -3.08 8.41 8.78
N GLN A 25 -3.12 8.69 10.08
CA GLN A 25 -1.92 8.63 10.90
C GLN A 25 -2.08 7.62 12.04
N ASP A 26 -0.96 7.22 12.62
CA ASP A 26 -0.97 6.25 13.71
C ASP A 26 -1.67 4.96 13.29
N LEU A 27 -1.69 4.70 11.98
CA LEU A 27 -2.33 3.51 11.46
C LEU A 27 -1.31 2.40 11.21
N ASP A 28 -1.47 1.28 11.89
CA ASP A 28 -0.57 0.14 11.74
C ASP A 28 -0.28 -0.14 10.28
N ILE A 29 0.99 -0.33 9.94
CA ILE A 29 1.40 -0.60 8.57
C ILE A 29 0.72 -1.85 8.04
N ALA A 30 0.24 -2.70 8.96
CA ALA A 30 -0.44 -3.93 8.58
C ALA A 30 -1.85 -3.66 8.08
N VAL A 31 -2.51 -2.67 8.69
CA VAL A 31 -3.86 -2.31 8.32
C VAL A 31 -3.88 -1.55 6.99
N TRP A 32 -2.76 -0.92 6.65
CA TRP A 32 -2.64 -0.17 5.41
C TRP A 32 -2.56 -1.11 4.21
N LEU A 33 -1.62 -2.05 4.27
CA LEU A 33 -1.42 -3.00 3.19
C LEU A 33 -2.52 -4.06 3.19
N ALA A 34 -3.17 -4.22 4.34
CA ALA A 34 -4.25 -5.19 4.48
C ALA A 34 -5.39 -4.88 3.52
N THR A 35 -5.47 -3.63 3.08
CA THR A 35 -6.51 -3.20 2.15
C THR A 35 -6.35 -3.87 0.79
N VAL A 36 -5.12 -4.27 0.48
CA VAL A 36 -4.83 -4.91 -0.80
C VAL A 36 -4.38 -6.35 -0.59
N HIS A 37 -4.61 -6.88 0.61
CA HIS A 37 -4.24 -8.24 0.93
C HIS A 37 -2.72 -8.41 0.88
N LEU A 38 -2.00 -7.44 1.43
CA LEU A 38 -0.54 -7.48 1.44
C LEU A 38 0.00 -7.05 2.79
N GLU A 39 -0.83 -7.17 3.83
CA GLU A 39 -0.42 -6.79 5.18
C GLU A 39 0.82 -7.55 5.61
N GLN A 40 1.04 -8.71 5.00
CA GLN A 40 2.20 -9.54 5.32
C GLN A 40 3.49 -8.78 5.10
N TYR A 41 3.44 -7.79 4.21
CA TYR A 41 4.62 -6.98 3.90
C TYR A 41 4.92 -6.01 5.04
N ALA A 42 4.02 -5.93 6.00
CA ALA A 42 4.19 -5.04 7.15
C ALA A 42 5.44 -5.39 7.93
N ASP A 43 5.85 -6.66 7.86
CA ASP A 43 7.05 -7.12 8.57
C ASP A 43 8.27 -6.32 8.14
N THR A 44 8.67 -6.50 6.88
CA THR A 44 9.84 -5.80 6.34
C THR A 44 9.70 -4.29 6.52
N PHE A 45 8.46 -3.81 6.44
CA PHE A 45 8.20 -2.38 6.58
C PHE A 45 8.55 -1.89 7.98
N ARG A 46 8.02 -2.57 8.99
CA ARG A 46 8.29 -2.21 10.38
C ARG A 46 9.78 -2.24 10.68
N ARG A 47 10.45 -3.30 10.21
CA ARG A 47 11.88 -3.45 10.43
C ARG A 47 12.66 -2.35 9.72
N HIS A 48 12.00 -1.67 8.80
CA HIS A 48 12.63 -0.58 8.05
C HIS A 48 12.52 0.73 8.81
N GLY A 49 11.79 0.72 9.92
CA GLY A 49 11.63 1.92 10.72
C GLY A 49 10.31 2.61 10.45
N LEU A 50 9.38 1.90 9.83
CA LEU A 50 8.07 2.45 9.52
C LEU A 50 6.97 1.42 9.76
N ALA A 51 6.39 1.45 10.96
CA ALA A 51 5.32 0.53 11.31
C ALA A 51 3.95 1.18 11.16
N THR A 52 3.92 2.36 10.53
CA THR A 52 2.68 3.08 10.32
C THR A 52 2.68 3.80 8.97
N ALA A 53 1.48 3.99 8.41
CA ALA A 53 1.34 4.66 7.14
C ALA A 53 1.86 6.09 7.20
N GLY A 54 1.91 6.64 8.41
CA GLY A 54 2.39 7.99 8.59
C GLY A 54 3.91 8.09 8.62
N ALA A 55 4.55 6.98 8.98
CA ALA A 55 6.00 6.94 9.05
C ALA A 55 6.60 6.43 7.75
N ALA A 56 5.74 5.98 6.84
CA ALA A 56 6.17 5.46 5.55
C ALA A 56 5.88 6.46 4.43
N ARG A 57 5.05 7.45 4.73
CA ARG A 57 4.68 8.47 3.75
C ARG A 57 5.92 9.06 3.09
N GLY A 58 6.18 8.64 1.85
CA GLY A 58 7.34 9.13 1.13
C GLY A 58 8.01 8.05 0.31
N LEU A 59 7.79 6.80 0.70
CA LEU A 59 8.40 5.67 0.00
C LEU A 59 8.12 5.75 -1.49
N GLY A 60 9.09 5.30 -2.29
CA GLY A 60 8.94 5.33 -3.73
C GLY A 60 9.12 3.97 -4.36
N HIS A 61 9.06 3.91 -5.68
CA HIS A 61 9.23 2.65 -6.41
C HIS A 61 10.64 2.12 -6.27
N GLU A 62 11.62 2.94 -6.69
CA GLU A 62 13.02 2.54 -6.60
C GLU A 62 13.39 2.15 -5.18
N GLU A 63 12.76 2.79 -4.21
CA GLU A 63 13.03 2.52 -2.80
C GLU A 63 12.38 1.20 -2.38
N LEU A 64 11.26 0.87 -3.00
CA LEU A 64 10.54 -0.36 -2.70
C LEU A 64 11.34 -1.59 -3.15
N LYS A 65 12.18 -1.39 -4.15
CA LYS A 65 13.01 -2.48 -4.67
C LYS A 65 13.99 -2.98 -3.62
N GLN A 66 14.60 -2.04 -2.91
CA GLN A 66 15.56 -2.39 -1.86
C GLN A 66 14.85 -2.79 -0.56
N LEU A 67 13.55 -2.50 -0.51
CA LEU A 67 12.76 -2.82 0.67
C LEU A 67 12.53 -4.32 0.78
N GLY A 68 12.64 -5.01 -0.34
CA GLY A 68 12.45 -6.46 -0.35
C GLY A 68 11.26 -6.88 -1.20
N ILE A 69 10.82 -6.00 -2.09
CA ILE A 69 9.70 -6.28 -2.97
C ILE A 69 10.17 -6.56 -4.39
N SER A 70 9.73 -7.70 -4.93
CA SER A 70 10.11 -8.09 -6.28
C SER A 70 8.88 -8.15 -7.20
N ALA A 71 7.71 -8.33 -6.60
CA ALA A 71 6.47 -8.41 -7.35
C ALA A 71 6.08 -7.03 -7.89
N THR A 72 5.99 -6.93 -9.21
CA THR A 72 5.63 -5.67 -9.85
C THR A 72 4.16 -5.33 -9.59
N GLY A 73 3.28 -6.29 -9.80
CA GLY A 73 1.87 -6.07 -9.59
C GLY A 73 1.55 -5.70 -8.15
N HIS A 74 2.45 -6.08 -7.24
CA HIS A 74 2.26 -5.79 -5.82
C HIS A 74 2.76 -4.39 -5.48
N ARG A 75 3.94 -4.05 -5.98
CA ARG A 75 4.53 -2.74 -5.74
C ARG A 75 3.59 -1.63 -6.20
N LYS A 76 3.12 -1.73 -7.44
CA LYS A 76 2.21 -0.74 -7.99
C LYS A 76 0.88 -0.74 -7.25
N ARG A 77 0.61 -1.81 -6.53
CA ARG A 77 -0.63 -1.94 -5.77
C ARG A 77 -0.56 -1.13 -4.48
N ILE A 78 0.66 -0.89 -3.99
CA ILE A 78 0.86 -0.14 -2.77
C ILE A 78 0.98 1.35 -3.05
N LEU A 79 1.92 1.71 -3.93
CA LEU A 79 2.13 3.11 -4.30
C LEU A 79 0.83 3.74 -4.79
N ARG A 80 0.02 2.95 -5.48
CA ARG A 80 -1.25 3.45 -6.01
C ARG A 80 -2.17 3.87 -4.88
N LEU A 81 -1.93 3.37 -3.68
CA LEU A 81 -2.73 3.70 -2.51
C LEU A 81 -2.11 4.85 -1.73
N LEU A 82 -0.79 4.91 -1.74
CA LEU A 82 -0.06 5.96 -1.03
C LEU A 82 -0.33 7.33 -1.64
N GLN A 83 -0.49 7.35 -2.96
CA GLN A 83 -0.76 8.59 -3.67
C GLN A 83 -2.18 9.08 -3.42
N THR A 84 -2.86 8.42 -2.49
CA THR A 84 -4.24 8.78 -2.16
C THR A 84 -4.35 10.27 -1.85
N GLY A 85 -5.58 10.79 -1.93
CA GLY A 85 -5.81 12.19 -1.66
C GLY A 85 -6.07 12.99 -2.91
N THR A 86 -5.51 12.53 -4.03
CA THR A 86 -5.69 13.22 -5.31
C THR A 86 -6.16 12.24 -6.38
N GLU A 87 -7.08 11.37 -6.02
CA GLU A 87 -7.61 10.38 -6.96
C GLU A 87 -9.04 10.00 -6.59
N GLU A 88 -9.77 9.43 -7.56
CA GLU A 88 -11.15 9.02 -7.33
C GLU A 88 -11.25 8.13 -6.09
N GLY A 89 -10.48 7.05 -6.08
CA GLY A 89 -10.49 6.14 -4.95
C GLY A 89 -11.10 4.79 -5.31
N SER A 90 -10.39 4.02 -6.11
CA SER A 90 -10.86 2.71 -6.54
C SER A 90 -9.76 1.95 -7.26
N LEU A 91 -9.67 0.64 -6.99
CA LEU A 91 -8.67 -0.21 -7.62
C LEU A 91 -9.32 -1.24 -8.53
N ASP A 92 -10.32 -1.94 -8.00
CA ASP A 92 -11.02 -2.96 -8.77
C ASP A 92 -12.17 -3.55 -7.96
N PRO A 93 -13.14 -4.16 -8.67
CA PRO A 93 -14.31 -4.78 -8.03
C PRO A 93 -13.95 -6.04 -7.24
N LYS A 94 -14.91 -6.55 -6.48
CA LYS A 94 -14.69 -7.75 -5.68
C LYS A 94 -15.94 -8.62 -5.67
N SER A 95 -15.76 -9.90 -6.01
CA SER A 95 -16.88 -10.84 -6.04
C SER A 95 -17.97 -10.35 -6.99
N ASP A 96 -17.89 -10.77 -8.24
CA ASP A 96 -18.88 -10.38 -9.24
C ASP A 96 -19.50 -11.60 -9.90
N SER A 97 -20.79 -11.51 -10.22
CA SER A 97 -21.50 -12.62 -10.84
C SER A 97 -22.93 -12.22 -11.19
N ALA A 98 -23.31 -12.38 -12.46
CA ALA A 98 -24.64 -12.03 -12.91
C ALA A 98 -24.96 -12.70 -14.24
N MET A 99 -26.24 -12.84 -14.54
CA MET A 99 -26.68 -13.46 -15.79
C MET A 99 -26.05 -14.84 -15.96
N GLU A 100 -25.85 -15.53 -14.84
CA GLU A 100 -25.26 -16.86 -14.87
C GLU A 100 -26.19 -17.85 -15.58
N HIS A 20 -11.42 9.59 13.64
CA HIS A 20 -10.68 10.17 12.52
C HIS A 20 -10.34 9.09 11.49
N MET A 21 -10.12 9.52 10.25
CA MET A 21 -9.79 8.59 9.18
C MET A 21 -8.41 8.90 8.60
N ALA A 22 -7.44 9.15 9.49
CA ALA A 22 -6.08 9.45 9.06
C ALA A 22 -5.10 9.35 10.23
N ALA A 23 -3.86 8.97 9.93
CA ALA A 23 -2.84 8.83 10.96
C ALA A 23 -1.81 9.96 10.86
N PRO A 24 -1.09 10.20 11.97
CA PRO A 24 -0.07 11.24 12.02
C PRO A 24 1.16 10.90 11.19
N GLN A 25 2.17 11.77 11.24
CA GLN A 25 3.40 11.55 10.49
C GLN A 25 4.43 10.80 11.33
N ASP A 26 4.33 10.94 12.65
CA ASP A 26 5.25 10.28 13.56
C ASP A 26 4.69 8.93 14.01
N LEU A 27 4.21 8.14 13.05
CA LEU A 27 3.65 6.83 13.35
C LEU A 27 4.60 5.72 12.94
N ASP A 28 4.99 4.89 13.90
CA ASP A 28 5.90 3.79 13.64
C ASP A 28 5.47 3.00 12.40
N ILE A 29 6.43 2.67 11.55
CA ILE A 29 6.15 1.93 10.33
C ILE A 29 5.54 0.56 10.65
N ALA A 30 5.74 0.10 11.88
CA ALA A 30 5.21 -1.18 12.31
C ALA A 30 3.71 -1.08 12.61
N VAL A 31 3.29 0.06 13.15
CA VAL A 31 1.88 0.28 13.47
C VAL A 31 1.06 0.51 12.21
N TRP A 32 1.71 0.97 11.16
CA TRP A 32 1.04 1.24 9.89
C TRP A 32 0.70 -0.06 9.17
N LEU A 33 1.71 -0.90 8.96
CA LEU A 33 1.52 -2.17 8.28
C LEU A 33 0.78 -3.16 9.18
N ALA A 34 0.82 -2.90 10.49
CA ALA A 34 0.15 -3.77 11.45
C ALA A 34 -1.35 -3.82 11.20
N THR A 35 -1.87 -2.79 10.55
CA THR A 35 -3.30 -2.71 10.25
C THR A 35 -3.70 -3.77 9.22
N VAL A 36 -2.74 -4.17 8.39
CA VAL A 36 -2.99 -5.18 7.37
C VAL A 36 -2.27 -6.48 7.69
N HIS A 37 -1.79 -6.60 8.92
CA HIS A 37 -1.08 -7.78 9.36
C HIS A 37 0.22 -7.97 8.57
N LEU A 38 0.96 -6.88 8.42
CA LEU A 38 2.23 -6.93 7.69
C LEU A 38 3.28 -6.09 8.38
N GLU A 39 3.08 -5.84 9.66
CA GLU A 39 4.03 -5.04 10.45
C GLU A 39 5.43 -5.64 10.38
N GLN A 40 5.50 -6.94 10.13
CA GLN A 40 6.77 -7.63 10.04
C GLN A 40 7.66 -7.02 8.96
N TYR A 41 7.02 -6.38 7.98
CA TYR A 41 7.75 -5.75 6.88
C TYR A 41 8.40 -4.45 7.34
N ALA A 42 8.11 -4.05 8.57
CA ALA A 42 8.67 -2.83 9.13
C ALA A 42 10.20 -2.88 9.17
N ASP A 43 10.74 -4.10 9.29
CA ASP A 43 12.18 -4.29 9.33
C ASP A 43 12.84 -3.71 8.07
N THR A 44 12.58 -4.32 6.93
CA THR A 44 13.14 -3.87 5.67
C THR A 44 12.82 -2.40 5.41
N PHE A 45 11.65 -1.98 5.89
CA PHE A 45 11.21 -0.59 5.71
C PHE A 45 12.13 0.37 6.45
N ARG A 46 12.35 0.10 7.74
CA ARG A 46 13.20 0.95 8.56
C ARG A 46 14.62 1.01 7.99
N ARG A 47 15.14 -0.15 7.59
CA ARG A 47 16.48 -0.23 7.03
C ARG A 47 16.58 0.58 5.74
N HIS A 48 15.42 0.90 5.15
CA HIS A 48 15.37 1.65 3.91
C HIS A 48 15.42 3.16 4.20
N GLY A 49 15.41 3.52 5.48
CA GLY A 49 15.46 4.92 5.86
C GLY A 49 14.08 5.49 6.13
N LEU A 50 13.11 4.60 6.34
CA LEU A 50 11.74 5.02 6.62
C LEU A 50 11.11 4.16 7.70
N ALA A 51 11.18 4.64 8.95
CA ALA A 51 10.62 3.92 10.08
C ALA A 51 9.26 4.48 10.47
N THR A 52 8.70 5.32 9.59
CA THR A 52 7.40 5.92 9.84
C THR A 52 6.60 6.07 8.55
N ALA A 53 5.28 6.10 8.67
CA ALA A 53 4.41 6.24 7.52
C ALA A 53 4.55 7.63 6.89
N GLY A 54 5.14 8.55 7.63
CA GLY A 54 5.33 9.90 7.13
C GLY A 54 6.53 10.02 6.21
N ALA A 55 7.55 9.20 6.48
CA ALA A 55 8.76 9.22 5.66
C ALA A 55 8.74 8.14 4.60
N ALA A 56 7.63 7.39 4.56
CA ALA A 56 7.47 6.31 3.58
C ALA A 56 6.26 6.55 2.70
N ARG A 57 5.43 7.53 3.07
CA ARG A 57 4.24 7.86 2.30
C ARG A 57 4.59 8.17 0.85
N GLY A 58 5.85 8.56 0.63
CA GLY A 58 6.28 8.89 -0.72
C GLY A 58 6.73 7.66 -1.49
N LEU A 59 6.47 6.49 -0.95
CA LEU A 59 6.84 5.23 -1.59
C LEU A 59 5.90 4.91 -2.74
N GLY A 60 6.42 4.22 -3.75
CA GLY A 60 5.61 3.86 -4.91
C GLY A 60 5.63 2.37 -5.18
N HIS A 61 4.86 1.94 -6.18
CA HIS A 61 4.80 0.52 -6.54
C HIS A 61 6.16 0.02 -6.98
N GLU A 62 6.77 0.72 -7.93
CA GLU A 62 8.08 0.34 -8.44
C GLU A 62 9.13 0.39 -7.34
N GLU A 63 8.88 1.20 -6.32
CA GLU A 63 9.80 1.34 -5.20
C GLU A 63 9.68 0.16 -4.24
N LEU A 64 8.47 -0.36 -4.10
CA LEU A 64 8.21 -1.49 -3.21
C LEU A 64 8.90 -2.75 -3.72
N LYS A 65 9.16 -2.78 -5.03
CA LYS A 65 9.81 -3.93 -5.64
C LYS A 65 11.25 -4.08 -5.14
N GLN A 66 11.96 -2.96 -5.06
CA GLN A 66 13.34 -2.96 -4.58
C GLN A 66 13.39 -3.02 -3.06
N LEU A 67 12.25 -2.76 -2.42
CA LEU A 67 12.17 -2.78 -0.97
C LEU A 67 12.29 -4.20 -0.43
N GLY A 68 11.98 -5.18 -1.28
CA GLY A 68 12.06 -6.57 -0.88
C GLY A 68 10.72 -7.28 -0.95
N ILE A 69 9.77 -6.66 -1.64
CA ILE A 69 8.43 -7.23 -1.78
C ILE A 69 8.23 -7.80 -3.19
N SER A 70 7.87 -9.07 -3.26
CA SER A 70 7.64 -9.74 -4.54
C SER A 70 6.17 -10.13 -4.69
N ALA A 71 5.47 -10.22 -3.57
CA ALA A 71 4.07 -10.59 -3.58
C ALA A 71 3.18 -9.42 -4.01
N THR A 72 2.76 -9.44 -5.26
CA THR A 72 1.93 -8.38 -5.81
C THR A 72 0.72 -8.13 -4.91
N GLY A 73 0.18 -9.19 -4.32
CA GLY A 73 -0.97 -9.06 -3.45
C GLY A 73 -0.66 -8.23 -2.21
N HIS A 74 0.57 -8.35 -1.71
CA HIS A 74 0.98 -7.61 -0.52
C HIS A 74 1.30 -6.16 -0.87
N ARG A 75 1.91 -5.96 -2.04
CA ARG A 75 2.27 -4.63 -2.49
C ARG A 75 1.04 -3.73 -2.60
N LYS A 76 0.05 -4.19 -3.36
CA LYS A 76 -1.18 -3.43 -3.54
C LYS A 76 -1.96 -3.33 -2.24
N ARG A 77 -1.59 -4.17 -1.27
CA ARG A 77 -2.26 -4.17 0.03
C ARG A 77 -1.75 -3.02 0.91
N ILE A 78 -0.55 -2.53 0.59
CA ILE A 78 0.05 -1.44 1.35
C ILE A 78 -0.24 -0.09 0.68
N LEU A 79 0.13 0.03 -0.59
CA LEU A 79 -0.09 1.26 -1.33
C LEU A 79 -1.56 1.67 -1.29
N ARG A 80 -2.45 0.68 -1.27
CA ARG A 80 -3.88 0.94 -1.23
C ARG A 80 -4.27 1.66 0.05
N LEU A 81 -3.42 1.54 1.07
CA LEU A 81 -3.67 2.19 2.35
C LEU A 81 -2.99 3.55 2.43
N LEU A 82 -1.86 3.67 1.75
CA LEU A 82 -1.11 4.92 1.73
C LEU A 82 -1.95 6.05 1.15
N GLN A 83 -2.72 5.73 0.11
CA GLN A 83 -3.58 6.72 -0.54
C GLN A 83 -4.65 7.22 0.42
N THR A 84 -5.34 6.29 1.07
CA THR A 84 -6.40 6.65 2.01
C THR A 84 -7.23 7.81 1.48
N GLY A 85 -7.50 7.80 0.17
CA GLY A 85 -8.29 8.86 -0.43
C GLY A 85 -8.88 8.45 -1.77
N THR A 86 -9.03 7.15 -1.97
CA THR A 86 -9.57 6.63 -3.22
C THR A 86 -10.53 5.47 -2.96
N GLU A 87 -11.60 5.42 -3.74
CA GLU A 87 -12.59 4.35 -3.60
C GLU A 87 -13.43 4.20 -4.87
N GLU A 88 -12.75 4.28 -6.02
CA GLU A 88 -13.43 4.16 -7.30
C GLU A 88 -14.29 2.89 -7.35
N GLY A 89 -15.23 2.86 -8.28
CA GLY A 89 -16.10 1.71 -8.41
C GLY A 89 -15.68 0.78 -9.54
N SER A 90 -15.43 -0.48 -9.19
CA SER A 90 -15.01 -1.47 -10.18
C SER A 90 -16.21 -2.10 -10.87
N LEU A 91 -16.34 -1.86 -12.17
CA LEU A 91 -17.46 -2.40 -12.95
C LEU A 91 -17.12 -2.41 -14.43
N ASP A 92 -17.09 -3.59 -15.02
CA ASP A 92 -16.80 -3.74 -16.44
C ASP A 92 -17.24 -5.11 -16.96
N PRO A 93 -18.56 -5.30 -17.09
CA PRO A 93 -19.14 -6.55 -17.57
C PRO A 93 -18.85 -6.80 -19.05
N LYS A 94 -18.53 -8.04 -19.39
CA LYS A 94 -18.23 -8.40 -20.77
C LYS A 94 -19.49 -8.90 -21.48
N SER A 95 -19.71 -8.40 -22.68
CA SER A 95 -20.88 -8.79 -23.47
C SER A 95 -20.52 -8.93 -24.94
N ASP A 96 -21.26 -9.77 -25.66
CA ASP A 96 -21.03 -9.99 -27.08
C ASP A 96 -22.18 -9.43 -27.91
N SER A 97 -21.95 -9.32 -29.22
CA SER A 97 -22.95 -8.78 -30.13
C SER A 97 -23.64 -9.91 -30.89
N ALA A 98 -24.87 -9.66 -31.34
CA ALA A 98 -25.63 -10.64 -32.09
C ALA A 98 -25.89 -10.16 -33.51
N MET A 99 -24.91 -9.47 -34.09
CA MET A 99 -25.04 -8.96 -35.45
C MET A 99 -26.18 -7.95 -35.54
N GLU A 100 -26.36 -7.37 -36.74
CA GLU A 100 -27.41 -6.39 -36.96
C GLU A 100 -28.79 -7.03 -36.86
N HIS A 20 -12.64 14.28 4.59
CA HIS A 20 -11.94 14.65 5.81
C HIS A 20 -11.48 13.41 6.58
N MET A 21 -10.64 12.61 5.95
CA MET A 21 -10.12 11.39 6.56
C MET A 21 -8.63 11.24 6.31
N ALA A 22 -7.83 11.97 7.08
CA ALA A 22 -6.38 11.91 6.93
C ALA A 22 -5.76 11.05 8.03
N ALA A 23 -4.45 10.82 7.92
CA ALA A 23 -3.74 10.01 8.90
C ALA A 23 -2.51 10.75 9.43
N PRO A 24 -2.03 10.32 10.61
CA PRO A 24 -0.86 10.92 11.24
C PRO A 24 0.44 10.61 10.50
N GLN A 25 1.56 11.00 11.10
CA GLN A 25 2.86 10.75 10.48
C GLN A 25 3.67 9.74 11.29
N ASP A 26 3.47 9.75 12.60
CA ASP A 26 4.17 8.83 13.49
C ASP A 26 3.39 7.53 13.65
N LEU A 27 2.96 6.96 12.54
CA LEU A 27 2.19 5.71 12.56
C LEU A 27 3.06 4.54 12.14
N ASP A 28 3.26 3.59 13.05
CA ASP A 28 4.07 2.41 12.77
C ASP A 28 3.69 1.80 11.43
N ILE A 29 4.70 1.46 10.64
CA ILE A 29 4.49 0.87 9.33
C ILE A 29 3.68 -0.43 9.44
N ALA A 30 3.69 -1.02 10.62
CA ALA A 30 2.96 -2.26 10.86
C ALA A 30 1.46 -2.01 10.97
N VAL A 31 1.10 -0.86 11.55
CA VAL A 31 -0.30 -0.49 11.72
C VAL A 31 -0.91 -0.06 10.39
N TRP A 32 -0.07 0.40 9.47
CA TRP A 32 -0.54 0.84 8.16
C TRP A 32 -0.86 -0.35 7.27
N LEU A 33 0.09 -1.26 7.13
CA LEU A 33 -0.10 -2.45 6.31
C LEU A 33 -1.09 -3.41 6.95
N ALA A 34 -1.25 -3.30 8.26
CA ALA A 34 -2.17 -4.16 9.00
C ALA A 34 -3.61 -3.92 8.55
N THR A 35 -3.85 -2.79 7.89
CA THR A 35 -5.18 -2.45 7.41
C THR A 35 -5.60 -3.37 6.28
N VAL A 36 -4.62 -3.95 5.58
CA VAL A 36 -4.90 -4.86 4.48
C VAL A 36 -4.41 -6.27 4.80
N HIS A 37 -4.14 -6.52 6.08
CA HIS A 37 -3.67 -7.83 6.51
C HIS A 37 -2.31 -8.16 5.88
N LEU A 38 -1.43 -7.17 5.85
CA LEU A 38 -0.09 -7.34 5.29
C LEU A 38 0.95 -6.65 6.15
N GLU A 39 0.65 -6.47 7.42
CA GLU A 39 1.56 -5.83 8.35
C GLU A 39 2.91 -6.54 8.37
N GLN A 40 2.90 -7.82 8.01
CA GLN A 40 4.12 -8.62 7.99
C GLN A 40 5.16 -8.01 7.08
N TYR A 41 4.70 -7.24 6.10
CA TYR A 41 5.59 -6.59 5.14
C TYR A 41 6.31 -5.40 5.79
N ALA A 42 5.89 -5.06 7.01
CA ALA A 42 6.49 -3.95 7.73
C ALA A 42 7.98 -4.18 7.96
N ASP A 43 8.37 -5.45 8.04
CA ASP A 43 9.76 -5.80 8.25
C ASP A 43 10.65 -5.20 7.17
N THR A 44 10.49 -5.69 5.95
CA THR A 44 11.28 -5.20 4.82
C THR A 44 11.18 -3.68 4.69
N PHE A 45 10.01 -3.14 5.07
CA PHE A 45 9.78 -1.70 4.99
C PHE A 45 10.71 -0.95 5.94
N ARG A 46 10.69 -1.36 7.22
CA ARG A 46 11.54 -0.73 8.22
C ARG A 46 13.00 -0.78 7.83
N ARG A 47 13.44 -1.96 7.38
CA ARG A 47 14.83 -2.14 6.97
C ARG A 47 15.17 -1.27 5.76
N HIS A 48 14.13 -0.77 5.09
CA HIS A 48 14.31 0.08 3.93
C HIS A 48 14.50 1.53 4.34
N GLY A 49 14.34 1.81 5.63
CA GLY A 49 14.50 3.16 6.13
C GLY A 49 13.16 3.86 6.33
N LEU A 50 12.09 3.08 6.35
CA LEU A 50 10.75 3.63 6.53
C LEU A 50 9.92 2.75 7.46
N ALA A 51 9.91 3.08 8.74
CA ALA A 51 9.15 2.32 9.72
C ALA A 51 7.83 3.01 10.06
N THR A 52 7.48 4.02 9.26
CA THR A 52 6.25 4.76 9.47
C THR A 52 5.63 5.18 8.15
N ALA A 53 4.30 5.31 8.14
CA ALA A 53 3.58 5.72 6.94
C ALA A 53 4.03 7.09 6.46
N GLY A 54 4.62 7.87 7.37
CA GLY A 54 5.08 9.20 7.02
C GLY A 54 6.46 9.18 6.39
N ALA A 55 7.20 8.11 6.61
CA ALA A 55 8.54 7.97 6.06
C ALA A 55 8.52 7.16 4.77
N ALA A 56 7.34 6.66 4.41
CA ALA A 56 7.19 5.85 3.20
C ALA A 56 6.30 6.57 2.18
N ARG A 57 5.53 7.54 2.66
CA ARG A 57 4.63 8.29 1.79
C ARG A 57 5.38 8.82 0.56
N GLY A 58 5.10 8.24 -0.60
CA GLY A 58 5.76 8.66 -1.83
C GLY A 58 6.14 7.49 -2.71
N LEU A 59 6.40 6.34 -2.10
CA LEU A 59 6.78 5.15 -2.84
C LEU A 59 5.78 4.85 -3.94
N GLY A 60 6.28 4.35 -5.06
CA GLY A 60 5.41 4.02 -6.18
C GLY A 60 5.48 2.56 -6.57
N HIS A 61 4.64 2.16 -7.53
CA HIS A 61 4.60 0.77 -7.98
C HIS A 61 6.00 0.29 -8.35
N GLU A 62 6.65 1.00 -9.26
CA GLU A 62 7.99 0.63 -9.70
C GLU A 62 8.94 0.52 -8.50
N GLU A 63 8.66 1.29 -7.46
CA GLU A 63 9.50 1.28 -6.26
C GLU A 63 9.21 0.03 -5.43
N LEU A 64 7.96 -0.41 -5.42
CA LEU A 64 7.58 -1.59 -4.66
C LEU A 64 8.23 -2.85 -5.22
N LYS A 65 8.57 -2.81 -6.50
CA LYS A 65 9.21 -3.94 -7.16
C LYS A 65 10.59 -4.21 -6.56
N GLN A 66 11.34 -3.14 -6.33
CA GLN A 66 12.67 -3.26 -5.77
C GLN A 66 12.61 -3.44 -4.25
N LEU A 67 11.44 -3.17 -3.69
CA LEU A 67 11.24 -3.31 -2.24
C LEU A 67 11.24 -4.78 -1.83
N GLY A 68 10.94 -5.66 -2.78
CA GLY A 68 10.92 -7.08 -2.49
C GLY A 68 9.55 -7.69 -2.70
N ILE A 69 8.68 -6.97 -3.41
CA ILE A 69 7.33 -7.45 -3.69
C ILE A 69 7.20 -7.90 -5.14
N SER A 70 6.40 -8.93 -5.36
CA SER A 70 6.19 -9.45 -6.71
C SER A 70 4.88 -10.24 -6.79
N ALA A 71 3.95 -9.93 -5.88
CA ALA A 71 2.67 -10.61 -5.84
C ALA A 71 1.63 -9.87 -6.68
N THR A 72 1.89 -8.59 -6.94
CA THR A 72 0.98 -7.77 -7.73
C THR A 72 -0.28 -7.43 -6.94
N GLY A 73 -1.11 -8.44 -6.68
CA GLY A 73 -2.33 -8.23 -5.94
C GLY A 73 -2.09 -7.53 -4.62
N HIS A 74 -0.91 -7.73 -4.05
CA HIS A 74 -0.56 -7.10 -2.77
C HIS A 74 -0.08 -5.68 -2.99
N ARG A 75 0.68 -5.46 -4.06
CA ARG A 75 1.19 -4.14 -4.37
C ARG A 75 0.06 -3.12 -4.51
N LYS A 76 -0.91 -3.45 -5.36
CA LYS A 76 -2.04 -2.56 -5.59
C LYS A 76 -2.89 -2.43 -4.32
N ARG A 77 -2.69 -3.35 -3.38
CA ARG A 77 -3.44 -3.34 -2.13
C ARG A 77 -2.87 -2.28 -1.18
N ILE A 78 -1.60 -1.93 -1.36
CA ILE A 78 -0.96 -0.94 -0.52
C ILE A 78 -1.10 0.46 -1.11
N LEU A 79 -0.69 0.61 -2.36
CA LEU A 79 -0.78 1.90 -3.04
C LEU A 79 -2.21 2.44 -3.01
N ARG A 80 -3.18 1.53 -3.05
CA ARG A 80 -4.59 1.91 -3.03
C ARG A 80 -4.94 2.60 -1.71
N LEU A 81 -4.14 2.33 -0.68
CA LEU A 81 -4.37 2.92 0.63
C LEU A 81 -3.57 4.20 0.80
N LEU A 82 -2.41 4.27 0.15
CA LEU A 82 -1.54 5.43 0.23
C LEU A 82 -2.20 6.64 -0.44
N GLN A 83 -2.96 6.38 -1.51
CA GLN A 83 -3.64 7.45 -2.23
C GLN A 83 -4.83 7.97 -1.43
N THR A 84 -4.94 7.52 -0.18
CA THR A 84 -6.04 7.95 0.69
C THR A 84 -6.16 9.47 0.73
N GLY A 85 -7.38 9.96 0.69
CA GLY A 85 -7.62 11.39 0.73
C GLY A 85 -8.55 11.85 -0.37
N THR A 86 -8.72 11.02 -1.40
CA THR A 86 -9.59 11.35 -2.52
C THR A 86 -11.03 10.93 -2.24
N GLU A 87 -11.19 9.71 -1.74
CA GLU A 87 -12.53 9.19 -1.42
C GLU A 87 -12.43 7.80 -0.77
N GLU A 88 -11.50 6.99 -1.28
CA GLU A 88 -11.30 5.65 -0.75
C GLU A 88 -12.59 4.84 -0.84
N GLY A 89 -12.87 4.31 -2.04
CA GLY A 89 -14.07 3.53 -2.24
C GLY A 89 -13.88 2.45 -3.29
N SER A 90 -14.75 2.44 -4.30
CA SER A 90 -14.68 1.45 -5.36
C SER A 90 -15.18 2.03 -6.69
N LEU A 91 -14.39 1.86 -7.73
CA LEU A 91 -14.75 2.37 -9.05
C LEU A 91 -15.15 1.23 -9.98
N ASP A 92 -16.42 0.83 -9.91
CA ASP A 92 -16.92 -0.25 -10.74
C ASP A 92 -16.24 -1.57 -10.42
N PRO A 93 -16.91 -2.69 -10.72
CA PRO A 93 -16.37 -4.03 -10.47
C PRO A 93 -15.20 -4.37 -11.39
N LYS A 94 -14.56 -5.50 -11.13
CA LYS A 94 -13.42 -5.95 -11.92
C LYS A 94 -13.80 -7.14 -12.79
N SER A 95 -13.67 -6.97 -14.10
CA SER A 95 -13.99 -8.04 -15.04
C SER A 95 -12.86 -9.05 -15.14
N ASP A 96 -11.62 -8.54 -15.18
CA ASP A 96 -10.45 -9.39 -15.27
C ASP A 96 -10.53 -10.30 -16.50
N SER A 97 -10.87 -9.71 -17.64
CA SER A 97 -10.99 -10.47 -18.88
C SER A 97 -10.56 -9.61 -20.07
N ALA A 98 -9.86 -10.25 -21.02
CA ALA A 98 -9.39 -9.55 -22.21
C ALA A 98 -10.25 -9.90 -23.43
N MET A 99 -10.23 -11.17 -23.82
CA MET A 99 -11.01 -11.63 -24.97
C MET A 99 -10.62 -10.87 -26.22
N GLU A 100 -9.51 -11.28 -26.84
CA GLU A 100 -9.03 -10.63 -28.05
C GLU A 100 -8.59 -11.67 -29.09
N HIS A 20 -7.75 12.66 1.29
CA HIS A 20 -6.33 12.38 1.47
C HIS A 20 -5.85 12.91 2.82
N MET A 21 -4.68 12.45 3.25
CA MET A 21 -4.10 12.88 4.52
C MET A 21 -5.06 12.59 5.67
N ALA A 22 -5.11 11.33 6.08
CA ALA A 22 -5.98 10.90 7.17
C ALA A 22 -5.39 9.72 7.92
N ALA A 23 -4.10 9.78 8.21
CA ALA A 23 -3.41 8.72 8.93
C ALA A 23 -2.53 9.27 10.04
N PRO A 24 -2.21 8.41 11.03
CA PRO A 24 -1.37 8.80 12.16
C PRO A 24 0.08 9.04 11.76
N GLN A 25 0.60 10.20 12.13
CA GLN A 25 1.98 10.56 11.82
C GLN A 25 2.97 9.80 12.69
N ASP A 26 2.56 9.53 13.94
CA ASP A 26 3.40 8.81 14.88
C ASP A 26 2.84 7.42 15.14
N LEU A 27 2.88 6.56 14.12
CA LEU A 27 2.38 5.20 14.24
C LEU A 27 3.40 4.20 13.71
N ASP A 28 3.80 3.27 14.55
CA ASP A 28 4.77 2.25 14.18
C ASP A 28 4.38 1.60 12.84
N ILE A 29 5.36 1.43 11.96
CA ILE A 29 5.12 0.82 10.66
C ILE A 29 4.54 -0.59 10.81
N ALA A 30 4.76 -1.19 11.97
CA ALA A 30 4.26 -2.54 12.24
C ALA A 30 2.75 -2.52 12.50
N VAL A 31 2.28 -1.48 13.18
CA VAL A 31 0.87 -1.35 13.49
C VAL A 31 0.07 -0.96 12.25
N TRP A 32 0.73 -0.35 11.28
CA TRP A 32 0.08 0.07 10.05
C TRP A 32 -0.20 -1.13 9.15
N LEU A 33 0.85 -1.88 8.81
CA LEU A 33 0.71 -3.05 7.96
C LEU A 33 -0.04 -4.17 8.69
N ALA A 34 -0.03 -4.11 10.01
CA ALA A 34 -0.71 -5.11 10.83
C ALA A 34 -2.19 -5.18 10.49
N THR A 35 -2.72 -4.10 9.90
CA THR A 35 -4.13 -4.03 9.52
C THR A 35 -4.43 -4.98 8.37
N VAL A 36 -3.42 -5.25 7.55
CA VAL A 36 -3.58 -6.14 6.41
C VAL A 36 -2.81 -7.43 6.60
N HIS A 37 -2.38 -7.68 7.84
CA HIS A 37 -1.63 -8.89 8.17
C HIS A 37 -0.29 -8.90 7.44
N LEU A 38 0.41 -7.77 7.46
CA LEU A 38 1.70 -7.65 6.81
C LEU A 38 2.69 -6.86 7.67
N GLU A 39 2.40 -6.80 8.97
CA GLU A 39 3.26 -6.08 9.89
C GLU A 39 4.69 -6.60 9.83
N GLN A 40 4.84 -7.85 9.41
CA GLN A 40 6.16 -8.47 9.31
C GLN A 40 7.04 -7.69 8.34
N TYR A 41 6.42 -7.00 7.39
CA TYR A 41 7.15 -6.22 6.41
C TYR A 41 7.71 -4.95 7.02
N ALA A 42 7.33 -4.68 8.27
CA ALA A 42 7.79 -3.50 8.97
C ALA A 42 9.31 -3.49 9.09
N ASP A 43 9.91 -4.67 9.06
CA ASP A 43 11.36 -4.81 9.16
C ASP A 43 12.06 -4.05 8.03
N THR A 44 11.88 -4.53 6.81
CA THR A 44 12.49 -3.92 5.65
C THR A 44 12.13 -2.44 5.56
N PHE A 45 10.94 -2.10 6.02
CA PHE A 45 10.47 -0.72 5.99
C PHE A 45 11.33 0.16 6.90
N ARG A 46 11.47 -0.25 8.15
CA ARG A 46 12.26 0.49 9.12
C ARG A 46 13.70 0.67 8.62
N ARG A 47 14.29 -0.41 8.12
CA ARG A 47 15.65 -0.37 7.61
C ARG A 47 15.76 0.56 6.40
N HIS A 48 14.61 0.90 5.82
CA HIS A 48 14.58 1.79 4.67
C HIS A 48 14.54 3.25 5.10
N GLY A 49 14.46 3.48 6.41
CA GLY A 49 14.43 4.82 6.94
C GLY A 49 13.01 5.29 7.23
N LEU A 50 12.09 4.34 7.31
CA LEU A 50 10.69 4.67 7.58
C LEU A 50 10.08 3.65 8.54
N ALA A 51 10.11 3.95 9.83
CA ALA A 51 9.55 3.07 10.84
C ALA A 51 8.15 3.48 11.23
N THR A 52 7.58 4.42 10.47
CA THR A 52 6.24 4.92 10.73
C THR A 52 5.49 5.22 9.43
N ALA A 53 4.17 5.13 9.48
CA ALA A 53 3.35 5.40 8.32
C ALA A 53 3.58 6.82 7.79
N GLY A 54 4.00 7.70 8.68
CA GLY A 54 4.26 9.08 8.28
C GLY A 54 5.60 9.24 7.59
N ALA A 55 6.47 8.25 7.74
CA ALA A 55 7.78 8.28 7.12
C ALA A 55 7.71 7.87 5.65
N ALA A 56 6.64 7.17 5.29
CA ALA A 56 6.45 6.73 3.91
C ALA A 56 5.96 7.86 3.03
N ARG A 57 5.12 8.72 3.60
CA ARG A 57 4.58 9.86 2.86
C ARG A 57 3.99 9.41 1.53
N GLY A 58 3.51 8.17 1.49
CA GLY A 58 2.93 7.64 0.27
C GLY A 58 3.98 7.14 -0.71
N LEU A 59 4.64 6.04 -0.36
CA LEU A 59 5.68 5.47 -1.22
C LEU A 59 5.12 5.16 -2.60
N GLY A 60 5.97 4.58 -3.45
CA GLY A 60 5.56 4.23 -4.80
C GLY A 60 5.73 2.77 -5.10
N HIS A 61 4.97 2.27 -6.07
CA HIS A 61 5.03 0.87 -6.45
C HIS A 61 6.45 0.48 -6.86
N GLU A 62 7.11 1.38 -7.59
CA GLU A 62 8.48 1.12 -8.04
C GLU A 62 9.45 1.11 -6.87
N GLU A 63 9.07 1.77 -5.78
CA GLU A 63 9.91 1.84 -4.59
C GLU A 63 9.80 0.54 -3.79
N LEU A 64 8.61 -0.03 -3.75
CA LEU A 64 8.37 -1.27 -3.02
C LEU A 64 9.12 -2.44 -3.66
N LYS A 65 9.40 -2.32 -4.95
CA LYS A 65 10.12 -3.36 -5.68
C LYS A 65 11.53 -3.52 -5.14
N GLN A 66 12.20 -2.39 -4.89
CA GLN A 66 13.56 -2.40 -4.37
C GLN A 66 13.57 -2.64 -2.87
N LEU A 67 12.40 -2.51 -2.25
CA LEU A 67 12.28 -2.70 -0.81
C LEU A 67 12.42 -4.17 -0.45
N GLY A 68 12.16 -5.04 -1.42
CA GLY A 68 12.27 -6.47 -1.18
C GLY A 68 10.94 -7.20 -1.37
N ILE A 69 10.01 -6.53 -2.04
CA ILE A 69 8.69 -7.12 -2.29
C ILE A 69 8.57 -7.58 -3.74
N SER A 70 8.11 -8.82 -3.92
CA SER A 70 7.93 -9.38 -5.25
C SER A 70 6.48 -9.80 -5.48
N ALA A 71 5.68 -9.71 -4.43
CA ALA A 71 4.27 -10.09 -4.51
C ALA A 71 3.40 -8.87 -4.86
N THR A 72 3.06 -8.75 -6.14
CA THR A 72 2.23 -7.65 -6.61
C THR A 72 0.97 -7.51 -5.76
N GLY A 73 0.35 -8.64 -5.44
CA GLY A 73 -0.86 -8.62 -4.64
C GLY A 73 -0.65 -7.95 -3.30
N HIS A 74 0.53 -8.11 -2.72
CA HIS A 74 0.85 -7.50 -1.43
C HIS A 74 1.18 -6.02 -1.60
N ARG A 75 1.93 -5.70 -2.65
CA ARG A 75 2.31 -4.32 -2.91
C ARG A 75 1.08 -3.43 -3.05
N LYS A 76 0.17 -3.81 -3.93
CA LYS A 76 -1.05 -3.04 -4.16
C LYS A 76 -1.94 -3.08 -2.92
N ARG A 77 -1.64 -3.99 -2.01
CA ARG A 77 -2.42 -4.13 -0.78
C ARG A 77 -1.97 -3.11 0.27
N ILE A 78 -0.77 -2.57 0.07
CA ILE A 78 -0.22 -1.58 1.00
C ILE A 78 -0.42 -0.16 0.49
N LEU A 79 0.10 0.11 -0.70
CA LEU A 79 -0.03 1.43 -1.31
C LEU A 79 -1.48 1.85 -1.38
N ARG A 80 -2.37 0.88 -1.58
CA ARG A 80 -3.80 1.16 -1.67
C ARG A 80 -4.33 1.72 -0.36
N LEU A 81 -3.64 1.41 0.73
CA LEU A 81 -4.04 1.88 2.05
C LEU A 81 -3.36 3.21 2.38
N LEU A 82 -2.11 3.35 1.95
CA LEU A 82 -1.35 4.57 2.21
C LEU A 82 -2.06 5.79 1.60
N GLN A 83 -2.67 5.59 0.44
CA GLN A 83 -3.38 6.66 -0.25
C GLN A 83 -4.59 7.12 0.57
N THR A 84 -5.44 6.16 0.92
CA THR A 84 -6.64 6.46 1.70
C THR A 84 -7.30 7.75 1.22
N GLY A 85 -7.31 7.95 -0.09
CA GLY A 85 -7.91 9.15 -0.65
C GLY A 85 -8.33 8.96 -2.09
N THR A 86 -8.76 7.75 -2.44
CA THR A 86 -9.18 7.45 -3.80
C THR A 86 -10.70 7.52 -3.92
N GLU A 87 -11.20 7.22 -5.12
CA GLU A 87 -12.64 7.25 -5.37
C GLU A 87 -13.14 5.85 -5.76
N GLU A 88 -12.27 5.06 -6.38
CA GLU A 88 -12.63 3.72 -6.80
C GLU A 88 -13.81 3.74 -7.75
N GLY A 89 -13.52 3.73 -9.04
CA GLY A 89 -14.58 3.76 -10.05
C GLY A 89 -14.14 4.45 -11.33
N SER A 90 -14.01 3.68 -12.39
CA SER A 90 -13.59 4.23 -13.69
C SER A 90 -13.97 3.28 -14.83
N LEU A 91 -13.61 2.02 -14.68
CA LEU A 91 -13.91 1.01 -15.69
C LEU A 91 -14.65 -0.17 -15.08
N ASP A 92 -15.50 -0.81 -15.88
CA ASP A 92 -16.26 -1.97 -15.42
C ASP A 92 -15.67 -3.26 -15.97
N PRO A 93 -16.01 -4.39 -15.32
CA PRO A 93 -15.53 -5.71 -15.74
C PRO A 93 -16.15 -6.17 -17.05
N LYS A 94 -17.44 -5.95 -17.20
CA LYS A 94 -18.15 -6.35 -18.41
C LYS A 94 -17.97 -7.84 -18.69
N SER A 95 -18.88 -8.65 -18.15
CA SER A 95 -18.82 -10.09 -18.34
C SER A 95 -19.23 -10.48 -19.76
N ASP A 96 -20.38 -9.98 -20.19
CA ASP A 96 -20.89 -10.27 -21.53
C ASP A 96 -21.34 -8.99 -22.22
N SER A 97 -21.06 -8.89 -23.52
CA SER A 97 -21.43 -7.72 -24.30
C SER A 97 -21.16 -7.95 -25.78
N ALA A 98 -21.91 -8.87 -26.38
CA ALA A 98 -21.76 -9.18 -27.79
C ALA A 98 -22.90 -10.08 -28.28
N MET A 99 -23.37 -9.81 -29.50
CA MET A 99 -24.45 -10.58 -30.08
C MET A 99 -23.91 -11.69 -30.97
N GLU A 100 -24.20 -12.95 -30.61
CA GLU A 100 -23.74 -14.09 -31.40
C GLU A 100 -24.91 -15.01 -31.75
N HIS A 20 -9.50 15.82 12.22
CA HIS A 20 -8.44 14.87 11.93
C HIS A 20 -8.97 13.66 11.17
N MET A 21 -8.71 13.62 9.87
CA MET A 21 -9.17 12.53 9.02
C MET A 21 -8.03 11.56 8.72
N ALA A 22 -6.92 12.09 8.22
CA ALA A 22 -5.76 11.27 7.90
C ALA A 22 -5.17 10.64 9.16
N ALA A 23 -4.51 9.50 8.98
CA ALA A 23 -3.90 8.79 10.09
C ALA A 23 -2.73 9.57 10.66
N PRO A 24 -2.36 9.28 11.92
CA PRO A 24 -1.26 9.93 12.61
C PRO A 24 0.10 9.56 12.03
N GLN A 25 1.14 10.24 12.48
CA GLN A 25 2.50 9.98 12.01
C GLN A 25 3.13 8.82 12.77
N ASP A 26 2.71 8.66 14.02
CA ASP A 26 3.24 7.59 14.86
C ASP A 26 2.38 6.33 14.75
N LEU A 27 2.08 5.93 13.52
CA LEU A 27 1.27 4.75 13.26
C LEU A 27 2.14 3.58 12.82
N ASP A 28 2.15 2.52 13.62
CA ASP A 28 2.94 1.34 13.31
C ASP A 28 2.73 0.91 11.87
N ILE A 29 3.84 0.59 11.18
CA ILE A 29 3.77 0.18 9.79
C ILE A 29 2.89 -1.07 9.63
N ALA A 30 2.70 -1.80 10.72
CA ALA A 30 1.87 -3.00 10.70
C ALA A 30 0.39 -2.66 10.63
N VAL A 31 0.01 -1.56 11.29
CA VAL A 31 -1.38 -1.12 11.31
C VAL A 31 -1.78 -0.50 9.98
N TRP A 32 -0.78 0.01 9.24
CA TRP A 32 -1.03 0.63 7.95
C TRP A 32 -1.28 -0.43 6.88
N LEU A 33 -0.36 -1.38 6.76
CA LEU A 33 -0.49 -2.45 5.77
C LEU A 33 -1.61 -3.40 6.15
N ALA A 34 -1.95 -3.44 7.44
CA ALA A 34 -3.01 -4.30 7.92
C ALA A 34 -4.36 -3.93 7.31
N THR A 35 -4.44 -2.70 6.78
CA THR A 35 -5.67 -2.22 6.16
C THR A 35 -5.97 -2.97 4.88
N VAL A 36 -4.92 -3.52 4.25
CA VAL A 36 -5.08 -4.27 3.01
C VAL A 36 -4.73 -5.73 3.20
N HIS A 37 -4.67 -6.16 4.46
CA HIS A 37 -4.35 -7.55 4.78
C HIS A 37 -2.93 -7.89 4.32
N LEU A 38 -2.00 -6.96 4.54
CA LEU A 38 -0.60 -7.18 4.14
C LEU A 38 0.34 -6.65 5.22
N GLU A 39 -0.13 -6.62 6.46
CA GLU A 39 0.68 -6.15 7.58
C GLU A 39 1.99 -6.94 7.67
N GLN A 40 1.98 -8.16 7.14
CA GLN A 40 3.15 -9.01 7.17
C GLN A 40 4.33 -8.33 6.49
N TYR A 41 4.04 -7.40 5.58
CA TYR A 41 5.09 -6.68 4.86
C TYR A 41 5.76 -5.65 5.77
N ALA A 42 5.18 -5.45 6.95
CA ALA A 42 5.72 -4.50 7.90
C ALA A 42 7.14 -4.88 8.32
N ASP A 43 7.46 -6.16 8.19
CA ASP A 43 8.79 -6.65 8.56
C ASP A 43 9.87 -5.97 7.73
N THR A 44 9.88 -6.26 6.43
CA THR A 44 10.87 -5.67 5.52
C THR A 44 10.87 -4.15 5.61
N PHE A 45 9.70 -3.59 5.89
CA PHE A 45 9.55 -2.14 6.00
C PHE A 45 10.35 -1.61 7.19
N ARG A 46 10.12 -2.18 8.36
CA ARG A 46 10.81 -1.77 9.57
C ARG A 46 12.32 -1.89 9.40
N ARG A 47 12.76 -3.02 8.85
CA ARG A 47 14.17 -3.26 8.62
C ARG A 47 14.75 -2.27 7.63
N HIS A 48 13.87 -1.59 6.90
CA HIS A 48 14.28 -0.61 5.90
C HIS A 48 14.49 0.76 6.54
N GLY A 49 14.14 0.87 7.81
CA GLY A 49 14.28 2.13 8.52
C GLY A 49 12.99 2.90 8.63
N LEU A 50 11.87 2.21 8.40
CA LEU A 50 10.56 2.83 8.46
C LEU A 50 9.54 1.90 9.10
N ALA A 51 9.35 2.05 10.41
CA ALA A 51 8.41 1.22 11.15
C ALA A 51 7.08 1.95 11.36
N THR A 52 6.92 3.07 10.67
CA THR A 52 5.71 3.87 10.78
C THR A 52 5.33 4.50 9.45
N ALA A 53 4.05 4.73 9.25
CA ALA A 53 3.56 5.34 8.01
C ALA A 53 4.15 6.73 7.81
N GLY A 54 4.57 7.34 8.92
CA GLY A 54 5.15 8.68 8.85
C GLY A 54 6.61 8.65 8.47
N ALA A 55 7.24 7.49 8.64
CA ALA A 55 8.67 7.34 8.31
C ALA A 55 8.84 6.74 6.92
N ALA A 56 7.73 6.39 6.28
CA ALA A 56 7.76 5.81 4.95
C ALA A 56 7.18 6.77 3.91
N ARG A 57 6.49 7.79 4.39
CA ARG A 57 5.88 8.79 3.51
C ARG A 57 6.89 9.30 2.50
N GLY A 58 6.71 8.91 1.24
CA GLY A 58 7.61 9.35 0.18
C GLY A 58 7.93 8.24 -0.80
N LEU A 59 8.00 7.01 -0.31
CA LEU A 59 8.30 5.86 -1.15
C LEU A 59 7.38 5.83 -2.37
N GLY A 60 7.93 5.38 -3.50
CA GLY A 60 7.15 5.30 -4.71
C GLY A 60 7.02 3.88 -5.24
N HIS A 61 6.56 3.75 -6.48
CA HIS A 61 6.39 2.44 -7.10
C HIS A 61 7.75 1.78 -7.34
N GLU A 62 8.61 2.47 -8.08
CA GLU A 62 9.94 1.95 -8.39
C GLU A 62 10.70 1.61 -7.11
N GLU A 63 10.32 2.26 -6.02
CA GLU A 63 10.98 2.03 -4.73
C GLU A 63 10.44 0.76 -4.07
N LEU A 64 9.15 0.50 -4.25
CA LEU A 64 8.52 -0.68 -3.67
C LEU A 64 9.04 -1.95 -4.34
N LYS A 65 9.41 -1.84 -5.61
CA LYS A 65 9.93 -2.97 -6.37
C LYS A 65 11.24 -3.47 -5.76
N GLN A 66 12.09 -2.54 -5.36
CA GLN A 66 13.38 -2.89 -4.75
C GLN A 66 13.22 -3.20 -3.27
N LEU A 67 12.06 -2.86 -2.72
CA LEU A 67 11.79 -3.11 -1.30
C LEU A 67 11.61 -4.59 -1.04
N GLY A 68 11.24 -5.34 -2.06
CA GLY A 68 11.04 -6.77 -1.92
C GLY A 68 9.64 -7.20 -2.33
N ILE A 69 8.94 -6.33 -3.05
CA ILE A 69 7.59 -6.64 -3.50
C ILE A 69 7.56 -6.97 -4.98
N SER A 70 7.24 -8.23 -5.29
CA SER A 70 7.17 -8.69 -6.67
C SER A 70 5.82 -9.30 -6.98
N ALA A 71 4.81 -8.91 -6.21
CA ALA A 71 3.45 -9.43 -6.40
C ALA A 71 2.66 -8.55 -7.36
N THR A 72 3.07 -7.29 -7.46
CA THR A 72 2.39 -6.33 -8.34
C THR A 72 1.03 -5.93 -7.77
N GLY A 73 0.10 -6.87 -7.78
CA GLY A 73 -1.23 -6.59 -7.26
C GLY A 73 -1.20 -6.08 -5.83
N HIS A 74 -0.14 -6.42 -5.11
CA HIS A 74 0.01 -5.99 -3.72
C HIS A 74 0.66 -4.60 -3.65
N ARG A 75 1.65 -4.37 -4.51
CA ARG A 75 2.35 -3.10 -4.55
C ARG A 75 1.38 -1.94 -4.79
N LYS A 76 0.57 -2.08 -5.83
CA LYS A 76 -0.40 -1.05 -6.18
C LYS A 76 -1.47 -0.93 -5.11
N ARG A 77 -1.56 -1.95 -4.25
CA ARG A 77 -2.55 -1.94 -3.17
C ARG A 77 -2.11 -1.05 -2.03
N ILE A 78 -0.80 -0.86 -1.90
CA ILE A 78 -0.24 -0.02 -0.85
C ILE A 78 -0.23 1.45 -1.25
N LEU A 79 0.38 1.73 -2.39
CA LEU A 79 0.46 3.11 -2.90
C LEU A 79 -0.93 3.72 -3.02
N ARG A 80 -1.91 2.89 -3.39
CA ARG A 80 -3.28 3.35 -3.54
C ARG A 80 -3.83 3.87 -2.22
N LEU A 81 -3.21 3.45 -1.11
CA LEU A 81 -3.64 3.87 0.22
C LEU A 81 -2.82 5.07 0.69
N LEU A 82 -1.56 5.12 0.27
CA LEU A 82 -0.69 6.21 0.65
C LEU A 82 -1.24 7.56 0.18
N GLN A 83 -1.83 7.57 -1.01
CA GLN A 83 -2.40 8.78 -1.58
C GLN A 83 -3.57 9.28 -0.72
N THR A 84 -4.49 8.37 -0.41
CA THR A 84 -5.66 8.72 0.40
C THR A 84 -6.21 10.08 0.00
N GLY A 85 -6.22 10.36 -1.30
CA GLY A 85 -6.73 11.62 -1.78
C GLY A 85 -7.31 11.52 -3.17
N THR A 86 -6.62 10.79 -4.05
CA THR A 86 -7.07 10.63 -5.43
C THR A 86 -6.96 9.17 -5.86
N GLU A 87 -7.84 8.77 -6.77
CA GLU A 87 -7.86 7.39 -7.27
C GLU A 87 -8.70 7.28 -8.53
N GLU A 88 -8.14 6.62 -9.54
CA GLU A 88 -8.84 6.44 -10.82
C GLU A 88 -8.34 5.20 -11.54
N GLY A 89 -9.07 4.79 -12.57
CA GLY A 89 -8.68 3.62 -13.33
C GLY A 89 -9.41 2.36 -12.89
N SER A 90 -10.72 2.50 -12.66
CA SER A 90 -11.53 1.36 -12.22
C SER A 90 -12.64 1.07 -13.23
N LEU A 91 -13.37 2.11 -13.61
CA LEU A 91 -14.45 1.97 -14.58
C LEU A 91 -15.59 1.13 -13.99
N ASP A 92 -15.40 -0.19 -13.97
CA ASP A 92 -16.40 -1.10 -13.43
C ASP A 92 -15.76 -2.17 -12.55
N PRO A 93 -16.57 -2.79 -11.70
CA PRO A 93 -16.09 -3.84 -10.79
C PRO A 93 -15.71 -5.13 -11.52
N LYS A 94 -16.32 -5.33 -12.69
CA LYS A 94 -16.03 -6.52 -13.49
C LYS A 94 -15.93 -6.16 -14.97
N SER A 95 -15.12 -6.91 -15.70
CA SER A 95 -14.92 -6.67 -17.12
C SER A 95 -14.11 -7.79 -17.76
N ASP A 96 -14.64 -9.01 -17.72
CA ASP A 96 -13.96 -10.16 -18.29
C ASP A 96 -14.83 -10.84 -19.34
N SER A 97 -16.12 -10.99 -19.04
CA SER A 97 -17.06 -11.62 -19.95
C SER A 97 -16.55 -13.01 -20.37
N ALA A 98 -16.21 -13.83 -19.39
CA ALA A 98 -15.73 -15.18 -19.65
C ALA A 98 -16.88 -16.18 -19.71
N MET A 99 -17.27 -16.54 -20.93
CA MET A 99 -18.37 -17.48 -21.12
C MET A 99 -17.83 -18.86 -21.49
N GLU A 100 -18.61 -19.90 -21.20
CA GLU A 100 -18.21 -21.26 -21.50
C GLU A 100 -17.80 -21.40 -22.96
N HIS A 20 -3.98 17.88 1.97
CA HIS A 20 -4.88 16.87 2.51
C HIS A 20 -4.15 15.57 2.76
N MET A 21 -4.49 14.89 3.86
CA MET A 21 -3.87 13.63 4.22
C MET A 21 -4.85 12.47 4.05
N ALA A 22 -4.34 11.25 4.15
CA ALA A 22 -5.16 10.06 4.01
C ALA A 22 -4.67 8.94 4.92
N ALA A 23 -4.08 9.31 6.05
CA ALA A 23 -3.56 8.35 7.00
C ALA A 23 -3.11 9.03 8.29
N PRO A 24 -3.04 8.24 9.38
CA PRO A 24 -2.63 8.75 10.70
C PRO A 24 -1.15 9.11 10.73
N GLN A 25 -0.86 10.39 10.98
CA GLN A 25 0.52 10.86 11.04
C GLN A 25 1.18 10.42 12.35
N ASP A 26 2.51 10.48 12.38
CA ASP A 26 3.27 10.09 13.56
C ASP A 26 2.93 8.65 13.97
N LEU A 27 2.49 7.86 13.00
CA LEU A 27 2.14 6.47 13.24
C LEU A 27 3.28 5.53 12.86
N ASP A 28 3.82 4.83 13.85
CA ASP A 28 4.92 3.90 13.61
C ASP A 28 4.65 3.04 12.37
N ILE A 29 5.64 2.93 11.50
CA ILE A 29 5.51 2.13 10.29
C ILE A 29 5.15 0.69 10.61
N ALA A 30 5.44 0.27 11.84
CA ALA A 30 5.14 -1.09 12.28
C ALA A 30 3.64 -1.26 12.53
N VAL A 31 3.01 -0.21 13.03
CA VAL A 31 1.58 -0.24 13.32
C VAL A 31 0.76 -0.20 12.04
N TRP A 32 1.35 0.37 10.99
CA TRP A 32 0.67 0.47 9.70
C TRP A 32 0.59 -0.88 9.01
N LEU A 33 1.76 -1.50 8.83
CA LEU A 33 1.83 -2.81 8.18
C LEU A 33 1.25 -3.90 9.07
N ALA A 34 1.20 -3.63 10.36
CA ALA A 34 0.65 -4.60 11.32
C ALA A 34 -0.83 -4.85 11.06
N THR A 35 -1.45 -3.97 10.29
CA THR A 35 -2.85 -4.11 9.96
C THR A 35 -3.10 -5.31 9.06
N VAL A 36 -2.10 -5.68 8.28
CA VAL A 36 -2.21 -6.82 7.37
C VAL A 36 -1.22 -7.91 7.75
N HIS A 37 -0.68 -7.82 8.97
CA HIS A 37 0.29 -8.80 9.45
C HIS A 37 1.58 -8.74 8.64
N LEU A 38 2.06 -7.53 8.40
CA LEU A 38 3.30 -7.34 7.64
C LEU A 38 4.22 -6.36 8.34
N GLU A 39 3.95 -6.08 9.61
CA GLU A 39 4.76 -5.16 10.39
C GLU A 39 6.22 -5.58 10.38
N GLN A 40 6.46 -6.87 10.13
CA GLN A 40 7.82 -7.39 10.10
C GLN A 40 8.65 -6.69 9.02
N TYR A 41 7.96 -6.09 8.07
CA TYR A 41 8.63 -5.38 6.98
C TYR A 41 8.96 -3.94 7.38
N ALA A 42 8.50 -3.55 8.56
CA ALA A 42 8.75 -2.20 9.07
C ALA A 42 10.24 -1.92 9.17
N ASP A 43 11.04 -2.99 9.23
CA ASP A 43 12.49 -2.85 9.34
C ASP A 43 13.05 -2.14 8.12
N THR A 44 13.00 -2.80 6.97
CA THR A 44 13.52 -2.22 5.73
C THR A 44 12.94 -0.84 5.48
N PHE A 45 11.70 -0.63 5.93
CA PHE A 45 11.03 0.65 5.76
C PHE A 45 11.75 1.75 6.53
N ARG A 46 11.97 1.52 7.83
CA ARG A 46 12.64 2.49 8.67
C ARG A 46 14.04 2.80 8.14
N ARG A 47 14.77 1.76 7.75
CA ARG A 47 16.11 1.92 7.22
C ARG A 47 16.09 2.72 5.92
N HIS A 48 14.91 2.84 5.32
CA HIS A 48 14.76 3.58 4.07
C HIS A 48 14.54 5.06 4.34
N GLY A 49 14.40 5.41 5.62
CA GLY A 49 14.19 6.80 5.99
C GLY A 49 12.72 7.11 6.24
N LEU A 50 11.92 6.06 6.42
CA LEU A 50 10.49 6.23 6.67
C LEU A 50 10.01 5.26 7.75
N ALA A 51 9.99 5.73 8.99
CA ALA A 51 9.56 4.90 10.11
C ALA A 51 8.12 5.23 10.49
N THR A 52 7.43 5.97 9.63
CA THR A 52 6.05 6.35 9.89
C THR A 52 5.24 6.39 8.58
N ALA A 53 3.94 6.14 8.70
CA ALA A 53 3.06 6.16 7.54
C ALA A 53 3.03 7.53 6.89
N GLY A 54 3.38 8.56 7.65
CA GLY A 54 3.38 9.90 7.13
C GLY A 54 4.65 10.24 6.37
N ALA A 55 5.71 9.48 6.64
CA ALA A 55 6.98 9.70 5.98
C ALA A 55 7.17 8.74 4.80
N ALA A 56 6.18 7.87 4.60
CA ALA A 56 6.22 6.90 3.52
C ALA A 56 5.10 7.15 2.51
N ARG A 57 4.09 7.90 2.93
CA ARG A 57 2.95 8.21 2.07
C ARG A 57 3.43 8.74 0.72
N GLY A 58 3.29 7.90 -0.31
CA GLY A 58 3.71 8.30 -1.64
C GLY A 58 4.33 7.16 -2.42
N LEU A 59 5.03 6.28 -1.72
CA LEU A 59 5.67 5.13 -2.35
C LEU A 59 4.68 4.35 -3.21
N GLY A 60 5.16 3.81 -4.32
CA GLY A 60 4.30 3.04 -5.21
C GLY A 60 4.72 1.60 -5.31
N HIS A 61 4.30 0.93 -6.39
CA HIS A 61 4.64 -0.47 -6.61
C HIS A 61 6.09 -0.61 -7.04
N GLU A 62 6.44 0.04 -8.15
CA GLU A 62 7.80 -0.02 -8.67
C GLU A 62 8.82 0.41 -7.61
N GLU A 63 8.38 1.28 -6.70
CA GLU A 63 9.24 1.77 -5.64
C GLU A 63 9.40 0.73 -4.53
N LEU A 64 8.31 0.00 -4.26
CA LEU A 64 8.33 -1.03 -3.22
C LEU A 64 9.24 -2.19 -3.62
N LYS A 65 9.39 -2.40 -4.92
CA LYS A 65 10.23 -3.47 -5.44
C LYS A 65 11.68 -3.26 -5.02
N GLN A 66 12.15 -2.02 -5.10
CA GLN A 66 13.52 -1.69 -4.73
C GLN A 66 13.65 -1.52 -3.21
N LEU A 67 12.51 -1.49 -2.53
CA LEU A 67 12.50 -1.34 -1.08
C LEU A 67 12.99 -2.61 -0.39
N GLY A 68 12.87 -3.73 -1.09
CA GLY A 68 13.31 -5.00 -0.53
C GLY A 68 12.22 -6.05 -0.53
N ILE A 69 11.15 -5.79 -1.29
CA ILE A 69 10.04 -6.72 -1.38
C ILE A 69 10.11 -7.54 -2.66
N SER A 70 10.11 -8.87 -2.50
CA SER A 70 10.18 -9.77 -3.64
C SER A 70 8.86 -10.50 -3.83
N ALA A 71 8.05 -10.55 -2.77
CA ALA A 71 6.76 -11.22 -2.82
C ALA A 71 5.67 -10.27 -3.32
N THR A 72 5.31 -10.40 -4.59
CA THR A 72 4.29 -9.55 -5.19
C THR A 72 3.01 -9.56 -4.35
N GLY A 73 2.72 -10.71 -3.74
CA GLY A 73 1.53 -10.83 -2.92
C GLY A 73 1.54 -9.89 -1.74
N HIS A 74 2.74 -9.55 -1.27
CA HIS A 74 2.89 -8.65 -0.13
C HIS A 74 2.81 -7.19 -0.58
N ARG A 75 3.54 -6.86 -1.63
CA ARG A 75 3.56 -5.50 -2.16
C ARG A 75 2.14 -4.99 -2.39
N LYS A 76 1.33 -5.80 -3.07
CA LYS A 76 -0.05 -5.43 -3.37
C LYS A 76 -0.87 -5.34 -2.09
N ARG A 77 -0.38 -5.97 -1.02
CA ARG A 77 -1.06 -5.96 0.25
C ARG A 77 -0.82 -4.64 0.99
N ILE A 78 0.25 -3.95 0.63
CA ILE A 78 0.59 -2.68 1.25
C ILE A 78 -0.14 -1.52 0.57
N LEU A 79 0.07 -1.39 -0.74
CA LEU A 79 -0.57 -0.32 -1.50
C LEU A 79 -2.08 -0.35 -1.32
N ARG A 80 -2.65 -1.55 -1.24
CA ARG A 80 -4.08 -1.71 -1.06
C ARG A 80 -4.55 -1.04 0.23
N LEU A 81 -3.62 -0.85 1.15
CA LEU A 81 -3.92 -0.21 2.43
C LEU A 81 -3.66 1.29 2.37
N LEU A 82 -2.65 1.68 1.61
CA LEU A 82 -2.30 3.08 1.46
C LEU A 82 -3.47 3.90 0.93
N GLN A 83 -4.21 3.30 -0.01
CA GLN A 83 -5.37 3.97 -0.60
C GLN A 83 -6.45 4.21 0.44
N THR A 84 -6.80 3.17 1.18
CA THR A 84 -7.82 3.26 2.22
C THR A 84 -8.99 4.12 1.74
N GLY A 85 -9.36 3.96 0.48
CA GLY A 85 -10.47 4.73 -0.08
C GLY A 85 -10.99 4.14 -1.37
N THR A 86 -10.09 3.92 -2.33
CA THR A 86 -10.47 3.37 -3.61
C THR A 86 -9.75 2.05 -3.88
N GLU A 87 -10.17 1.01 -3.17
CA GLU A 87 -9.57 -0.32 -3.32
C GLU A 87 -10.60 -1.33 -3.81
N GLU A 88 -11.20 -1.03 -4.96
CA GLU A 88 -12.21 -1.93 -5.53
C GLU A 88 -12.71 -1.37 -6.87
N GLY A 89 -13.14 -0.12 -6.87
CA GLY A 89 -13.64 0.50 -8.08
C GLY A 89 -15.00 -0.03 -8.48
N SER A 90 -15.00 -1.12 -9.26
CA SER A 90 -16.24 -1.72 -9.72
C SER A 90 -17.07 -0.72 -10.51
N LEU A 91 -16.78 -0.61 -11.80
CA LEU A 91 -17.50 0.31 -12.69
C LEU A 91 -18.38 -0.46 -13.67
N ASP A 92 -18.83 -1.64 -13.26
CA ASP A 92 -19.68 -2.46 -14.10
C ASP A 92 -19.01 -2.74 -15.44
N PRO A 93 -17.97 -3.59 -15.42
CA PRO A 93 -17.22 -3.97 -16.62
C PRO A 93 -18.04 -4.85 -17.57
N LYS A 94 -18.73 -4.21 -18.50
CA LYS A 94 -19.55 -4.94 -19.46
C LYS A 94 -19.68 -4.14 -20.76
N SER A 95 -19.42 -4.80 -21.88
CA SER A 95 -19.51 -4.16 -23.19
C SER A 95 -20.64 -4.78 -24.02
N ASP A 96 -21.00 -4.09 -25.09
CA ASP A 96 -22.07 -4.56 -25.98
C ASP A 96 -22.08 -3.78 -27.28
N SER A 97 -23.06 -4.07 -28.13
CA SER A 97 -23.18 -3.40 -29.43
C SER A 97 -24.51 -3.72 -30.08
N ALA A 98 -24.74 -3.15 -31.27
CA ALA A 98 -25.98 -3.38 -32.00
C ALA A 98 -25.88 -2.82 -33.41
N MET A 99 -26.06 -3.68 -34.40
CA MET A 99 -26.00 -3.27 -35.80
C MET A 99 -27.19 -3.82 -36.58
N GLU A 100 -27.95 -2.92 -37.19
CA GLU A 100 -29.12 -3.32 -37.97
C GLU A 100 -29.63 -2.16 -38.81
N HIS A 20 -7.52 12.75 0.43
CA HIS A 20 -6.22 12.18 0.72
C HIS A 20 -5.85 12.36 2.18
N MET A 21 -4.84 11.63 2.63
CA MET A 21 -4.39 11.71 4.02
C MET A 21 -5.49 11.25 4.97
N ALA A 22 -5.63 9.93 5.10
CA ALA A 22 -6.64 9.36 5.99
C ALA A 22 -6.03 8.34 6.93
N ALA A 23 -4.91 8.71 7.54
CA ALA A 23 -4.22 7.82 8.48
C ALA A 23 -3.38 8.62 9.48
N PRO A 24 -3.08 7.98 10.62
CA PRO A 24 -2.28 8.61 11.68
C PRO A 24 -0.82 8.81 11.28
N GLN A 25 -0.40 10.07 11.20
CA GLN A 25 0.96 10.40 10.83
C GLN A 25 1.96 9.84 11.85
N ASP A 26 1.54 9.80 13.11
CA ASP A 26 2.38 9.29 14.18
C ASP A 26 2.05 7.84 14.50
N LEU A 27 2.17 6.98 13.49
CA LEU A 27 1.89 5.56 13.66
C LEU A 27 3.10 4.72 13.32
N ASP A 28 3.56 3.92 14.28
CA ASP A 28 4.72 3.06 14.09
C ASP A 28 4.59 2.26 12.80
N ILE A 29 5.67 2.19 12.04
CA ILE A 29 5.66 1.46 10.78
C ILE A 29 5.34 -0.02 11.00
N ALA A 30 5.52 -0.47 12.23
CA ALA A 30 5.24 -1.86 12.58
C ALA A 30 3.74 -2.10 12.72
N VAL A 31 3.03 -1.10 13.23
CA VAL A 31 1.59 -1.19 13.41
C VAL A 31 0.86 -1.09 12.07
N TRP A 32 1.51 -0.44 11.11
CA TRP A 32 0.92 -0.27 9.79
C TRP A 32 0.93 -1.58 9.00
N LEU A 33 2.11 -2.20 8.92
CA LEU A 33 2.26 -3.46 8.20
C LEU A 33 1.68 -4.62 9.01
N ALA A 34 1.54 -4.41 10.31
CA ALA A 34 0.99 -5.44 11.20
C ALA A 34 -0.45 -5.78 10.82
N THR A 35 -1.13 -4.83 10.19
CA THR A 35 -2.51 -5.04 9.78
C THR A 35 -2.61 -6.08 8.68
N VAL A 36 -1.50 -6.28 7.96
CA VAL A 36 -1.47 -7.26 6.88
C VAL A 36 -0.54 -8.42 7.22
N HIS A 37 -0.16 -8.50 8.50
CA HIS A 37 0.73 -9.57 8.96
C HIS A 37 2.10 -9.48 8.29
N LEU A 38 2.63 -8.26 8.21
CA LEU A 38 3.92 -8.04 7.59
C LEU A 38 4.72 -6.98 8.35
N GLU A 39 4.42 -6.84 9.64
CA GLU A 39 5.10 -5.86 10.48
C GLU A 39 6.61 -6.10 10.47
N GLN A 40 7.00 -7.33 10.17
CA GLN A 40 8.42 -7.69 10.13
C GLN A 40 9.17 -6.81 9.13
N TYR A 41 8.47 -6.31 8.14
CA TYR A 41 9.06 -5.45 7.12
C TYR A 41 9.34 -4.06 7.67
N ALA A 42 8.86 -3.80 8.88
CA ALA A 42 9.06 -2.50 9.52
C ALA A 42 10.53 -2.27 9.83
N ASP A 43 11.29 -3.34 9.92
CA ASP A 43 12.71 -3.25 10.21
C ASP A 43 13.44 -2.46 9.12
N THR A 44 13.52 -3.03 7.93
CA THR A 44 14.19 -2.38 6.81
C THR A 44 13.64 -0.97 6.58
N PHE A 45 12.36 -0.79 6.90
CA PHE A 45 11.71 0.51 6.73
C PHE A 45 12.32 1.54 7.67
N ARG A 46 12.36 1.21 8.96
CA ARG A 46 12.91 2.12 9.97
C ARG A 46 14.35 2.47 9.64
N ARG A 47 15.12 1.47 9.21
CA ARG A 47 16.52 1.67 8.87
C ARG A 47 16.65 2.49 7.59
N HIS A 48 15.55 2.63 6.86
CA HIS A 48 15.55 3.39 5.61
C HIS A 48 15.24 4.86 5.88
N GLY A 49 14.87 5.17 7.11
CA GLY A 49 14.56 6.54 7.48
C GLY A 49 13.06 6.78 7.59
N LEU A 50 12.30 5.70 7.68
CA LEU A 50 10.85 5.79 7.79
C LEU A 50 10.31 4.76 8.80
N ALA A 51 10.16 5.19 10.04
CA ALA A 51 9.65 4.32 11.09
C ALA A 51 8.17 4.57 11.36
N THR A 52 7.53 5.33 10.46
CA THR A 52 6.12 5.65 10.59
C THR A 52 5.45 5.74 9.23
N ALA A 53 4.15 5.47 9.19
CA ALA A 53 3.39 5.52 7.95
C ALA A 53 3.40 6.92 7.36
N GLY A 54 3.75 7.90 8.18
CA GLY A 54 3.80 9.28 7.72
C GLY A 54 5.12 9.62 7.07
N ALA A 55 6.19 8.95 7.49
CA ALA A 55 7.52 9.19 6.94
C ALA A 55 7.72 8.42 5.64
N ALA A 56 6.86 7.44 5.41
CA ALA A 56 6.95 6.63 4.19
C ALA A 56 5.92 7.08 3.17
N ARG A 57 5.00 7.94 3.58
CA ARG A 57 3.96 8.44 2.69
C ARG A 57 4.56 8.96 1.39
N GLY A 58 4.36 8.21 0.32
CA GLY A 58 4.90 8.61 -0.97
C GLY A 58 5.49 7.45 -1.74
N LEU A 59 5.95 6.44 -1.02
CA LEU A 59 6.55 5.26 -1.64
C LEU A 59 5.62 4.67 -2.70
N GLY A 60 6.22 4.15 -3.77
CA GLY A 60 5.43 3.56 -4.84
C GLY A 60 5.78 2.10 -5.08
N HIS A 61 5.25 1.54 -6.17
CA HIS A 61 5.52 0.15 -6.52
C HIS A 61 6.98 -0.05 -6.90
N GLU A 62 7.41 0.68 -7.93
CA GLU A 62 8.79 0.58 -8.40
C GLU A 62 9.77 0.89 -7.28
N GLU A 63 9.32 1.64 -6.29
CA GLU A 63 10.16 2.00 -5.15
C GLU A 63 10.25 0.85 -4.16
N LEU A 64 9.14 0.13 -3.98
CA LEU A 64 9.11 -0.99 -3.06
C LEU A 64 9.95 -2.15 -3.57
N LYS A 65 9.96 -2.35 -4.88
CA LYS A 65 10.73 -3.42 -5.49
C LYS A 65 12.22 -3.21 -5.28
N GLN A 66 12.66 -1.95 -5.35
CA GLN A 66 14.06 -1.61 -5.15
C GLN A 66 14.37 -1.39 -3.68
N LEU A 67 13.32 -1.29 -2.87
CA LEU A 67 13.48 -1.08 -1.43
C LEU A 67 13.98 -2.35 -0.76
N GLY A 68 13.77 -3.50 -1.40
CA GLY A 68 14.21 -4.76 -0.84
C GLY A 68 13.07 -5.76 -0.72
N ILE A 69 11.97 -5.48 -1.39
CA ILE A 69 10.81 -6.37 -1.35
C ILE A 69 10.68 -7.17 -2.64
N SER A 70 10.83 -8.49 -2.53
CA SER A 70 10.74 -9.37 -3.69
C SER A 70 9.39 -10.05 -3.74
N ALA A 71 8.74 -10.18 -2.58
CA ALA A 71 7.43 -10.81 -2.50
C ALA A 71 6.37 -9.97 -3.21
N THR A 72 6.14 -10.27 -4.49
CA THR A 72 5.15 -9.54 -5.27
C THR A 72 3.81 -9.48 -4.56
N GLY A 73 3.40 -10.61 -3.98
CA GLY A 73 2.14 -10.67 -3.27
C GLY A 73 2.12 -9.81 -2.03
N HIS A 74 3.31 -9.57 -1.47
CA HIS A 74 3.43 -8.76 -0.27
C HIS A 74 3.49 -7.28 -0.61
N ARG A 75 4.21 -6.96 -1.69
CA ARG A 75 4.34 -5.57 -2.13
C ARG A 75 2.98 -4.96 -2.42
N LYS A 76 2.19 -5.63 -3.25
CA LYS A 76 0.86 -5.16 -3.61
C LYS A 76 -0.07 -5.17 -2.41
N ARG A 77 0.34 -5.90 -1.36
CA ARG A 77 -0.47 -5.99 -0.15
C ARG A 77 -0.31 -4.74 0.71
N ILE A 78 0.81 -4.04 0.52
CA ILE A 78 1.09 -2.82 1.28
C ILE A 78 0.51 -1.61 0.58
N LEU A 79 0.86 -1.43 -0.69
CA LEU A 79 0.37 -0.30 -1.47
C LEU A 79 -1.15 -0.25 -1.46
N ARG A 80 -1.78 -1.42 -1.45
CA ARG A 80 -3.24 -1.50 -1.44
C ARG A 80 -3.81 -0.87 -0.17
N LEU A 81 -2.97 -0.76 0.85
CA LEU A 81 -3.39 -0.18 2.13
C LEU A 81 -3.02 1.29 2.20
N LEU A 82 -1.92 1.66 1.56
CA LEU A 82 -1.46 3.04 1.53
C LEU A 82 -2.51 3.96 0.92
N GLN A 83 -3.17 3.46 -0.12
CA GLN A 83 -4.19 4.24 -0.81
C GLN A 83 -5.37 4.52 0.12
N THR A 84 -5.87 3.47 0.78
CA THR A 84 -6.99 3.61 1.69
C THR A 84 -8.05 4.57 1.13
N GLY A 85 -8.28 4.48 -0.17
CA GLY A 85 -9.26 5.35 -0.81
C GLY A 85 -9.11 5.39 -2.31
N THR A 86 -9.48 6.52 -2.91
CA THR A 86 -9.39 6.68 -4.36
C THR A 86 -9.81 5.42 -5.08
N GLU A 87 -10.83 4.75 -4.56
CA GLU A 87 -11.33 3.52 -5.17
C GLU A 87 -12.24 3.82 -6.35
N GLU A 88 -12.95 4.95 -6.27
CA GLU A 88 -13.87 5.35 -7.33
C GLU A 88 -14.88 4.25 -7.63
N GLY A 89 -15.67 4.46 -8.67
CA GLY A 89 -16.68 3.47 -9.05
C GLY A 89 -17.84 4.08 -9.81
N SER A 90 -17.56 4.57 -11.01
CA SER A 90 -18.59 5.20 -11.84
C SER A 90 -18.62 4.57 -13.24
N LEU A 91 -18.99 3.30 -13.29
CA LEU A 91 -19.07 2.57 -14.56
C LEU A 91 -20.51 2.23 -14.90
N ASP A 92 -20.83 2.29 -16.19
CA ASP A 92 -22.19 1.98 -16.66
C ASP A 92 -22.14 1.11 -17.92
N PRO A 93 -21.77 -0.16 -17.75
CA PRO A 93 -21.68 -1.12 -18.86
C PRO A 93 -23.05 -1.49 -19.41
N LYS A 94 -23.17 -1.45 -20.74
CA LYS A 94 -24.42 -1.78 -21.40
C LYS A 94 -24.17 -2.29 -22.81
N SER A 95 -23.08 -3.02 -22.99
CA SER A 95 -22.72 -3.57 -24.29
C SER A 95 -23.54 -4.82 -24.60
N ASP A 96 -24.84 -4.65 -24.71
CA ASP A 96 -25.74 -5.77 -25.00
C ASP A 96 -26.01 -5.88 -26.50
N SER A 97 -25.32 -6.80 -27.16
CA SER A 97 -25.49 -6.99 -28.60
C SER A 97 -26.75 -7.81 -28.90
N ALA A 98 -27.04 -7.99 -30.18
CA ALA A 98 -28.21 -8.75 -30.59
C ALA A 98 -28.27 -8.88 -32.11
N MET A 99 -28.24 -7.73 -32.80
CA MET A 99 -28.28 -7.72 -34.26
C MET A 99 -29.59 -8.35 -34.76
N GLU A 100 -29.83 -8.23 -36.07
CA GLU A 100 -31.04 -8.77 -36.67
C GLU A 100 -32.28 -8.30 -35.93
N HIS A 20 -10.96 9.95 9.48
CA HIS A 20 -11.27 11.35 9.23
C HIS A 20 -10.08 12.07 8.60
N MET A 21 -10.25 12.51 7.36
CA MET A 21 -9.19 13.20 6.64
C MET A 21 -7.94 12.33 6.53
N ALA A 22 -8.10 11.16 5.94
CA ALA A 22 -6.99 10.23 5.78
C ALA A 22 -6.45 9.77 7.12
N ALA A 23 -5.60 8.75 7.09
CA ALA A 23 -5.01 8.22 8.32
C ALA A 23 -3.94 9.15 8.87
N PRO A 24 -3.64 9.02 10.17
CA PRO A 24 -2.64 9.84 10.84
C PRO A 24 -1.22 9.53 10.39
N GLN A 25 -0.35 10.54 10.42
CA GLN A 25 1.04 10.37 10.00
C GLN A 25 1.77 9.43 10.95
N ASP A 26 1.38 9.46 12.22
CA ASP A 26 2.01 8.61 13.24
C ASP A 26 1.34 7.25 13.30
N LEU A 27 1.31 6.56 12.16
CA LEU A 27 0.70 5.24 12.08
C LEU A 27 1.72 4.18 11.71
N ASP A 28 1.90 3.20 12.59
CA ASP A 28 2.85 2.12 12.35
C ASP A 28 2.66 1.53 10.96
N ILE A 29 3.78 1.30 10.26
CA ILE A 29 3.73 0.73 8.92
C ILE A 29 3.06 -0.63 8.91
N ALA A 30 3.00 -1.27 10.08
CA ALA A 30 2.37 -2.57 10.21
C ALA A 30 0.85 -2.45 10.21
N VAL A 31 0.34 -1.37 10.79
CA VAL A 31 -1.10 -1.14 10.85
C VAL A 31 -1.64 -0.72 9.49
N TRP A 32 -0.77 -0.16 8.67
CA TRP A 32 -1.17 0.30 7.34
C TRP A 32 -1.38 -0.89 6.40
N LEU A 33 -0.37 -1.75 6.31
CA LEU A 33 -0.44 -2.92 5.45
C LEU A 33 -1.36 -3.98 6.05
N ALA A 34 -1.57 -3.89 7.35
CA ALA A 34 -2.44 -4.84 8.05
C ALA A 34 -3.85 -4.80 7.51
N THR A 35 -4.22 -3.67 6.90
CA THR A 35 -5.55 -3.50 6.34
C THR A 35 -5.77 -4.43 5.15
N VAL A 36 -4.68 -4.81 4.51
CA VAL A 36 -4.75 -5.70 3.34
C VAL A 36 -4.12 -7.05 3.66
N HIS A 37 -3.89 -7.32 4.94
CA HIS A 37 -3.29 -8.58 5.37
C HIS A 37 -1.86 -8.71 4.81
N LEU A 38 -1.10 -7.63 4.91
CA LEU A 38 0.28 -7.63 4.42
C LEU A 38 1.19 -6.90 5.39
N GLU A 39 0.77 -6.80 6.65
CA GLU A 39 1.55 -6.13 7.68
C GLU A 39 2.94 -6.76 7.80
N GLN A 40 3.04 -8.03 7.41
CA GLN A 40 4.30 -8.74 7.48
C GLN A 40 5.38 -8.03 6.67
N TYR A 41 4.95 -7.27 5.67
CA TYR A 41 5.88 -6.53 4.81
C TYR A 41 6.44 -5.32 5.54
N ALA A 42 5.91 -5.04 6.72
CA ALA A 42 6.35 -3.91 7.52
C ALA A 42 7.83 -4.03 7.87
N ASP A 43 8.32 -5.26 7.92
CA ASP A 43 9.72 -5.50 8.24
C ASP A 43 10.64 -4.79 7.24
N THR A 44 10.61 -5.23 6.00
CA THR A 44 11.44 -4.64 4.96
C THR A 44 11.20 -3.14 4.85
N PHE A 45 9.97 -2.72 5.12
CA PHE A 45 9.61 -1.30 5.06
C PHE A 45 10.37 -0.51 6.12
N ARG A 46 10.28 -0.95 7.36
CA ARG A 46 10.95 -0.27 8.47
C ARG A 46 12.46 -0.20 8.21
N ARG A 47 13.04 -1.30 7.78
CA ARG A 47 14.47 -1.36 7.50
C ARG A 47 14.84 -0.43 6.35
N HIS A 48 13.83 0.01 5.60
CA HIS A 48 14.05 0.89 4.47
C HIS A 48 14.08 2.36 4.93
N GLY A 49 13.76 2.57 6.20
CA GLY A 49 13.74 3.92 6.74
C GLY A 49 12.35 4.50 6.82
N LEU A 50 11.34 3.63 6.74
CA LEU A 50 9.95 4.06 6.80
C LEU A 50 9.11 3.08 7.62
N ALA A 51 8.97 3.37 8.90
CA ALA A 51 8.19 2.51 9.80
C ALA A 51 6.80 3.09 10.03
N THR A 52 6.43 4.07 9.22
CA THR A 52 5.12 4.71 9.34
C THR A 52 4.58 5.11 7.97
N ALA A 53 3.26 5.14 7.85
CA ALA A 53 2.61 5.52 6.59
C ALA A 53 2.98 6.94 6.18
N GLY A 54 3.42 7.73 7.15
CA GLY A 54 3.80 9.11 6.88
C GLY A 54 5.23 9.23 6.40
N ALA A 55 6.04 8.20 6.67
CA ALA A 55 7.44 8.19 6.25
C ALA A 55 7.63 7.43 4.95
N ALA A 56 6.54 6.83 4.46
CA ALA A 56 6.59 6.07 3.21
C ALA A 56 5.83 6.78 2.10
N ARG A 57 5.03 7.78 2.49
CA ARG A 57 4.25 8.53 1.52
C ARG A 57 5.12 9.03 0.38
N GLY A 58 5.00 8.38 -0.78
CA GLY A 58 5.79 8.77 -1.93
C GLY A 58 6.28 7.57 -2.72
N LEU A 59 6.37 6.42 -2.07
CA LEU A 59 6.82 5.20 -2.72
C LEU A 59 6.05 4.94 -4.01
N GLY A 60 6.73 4.39 -5.01
CA GLY A 60 6.10 4.10 -6.28
C GLY A 60 6.08 2.63 -6.60
N HIS A 61 5.72 2.30 -7.84
CA HIS A 61 5.66 0.91 -8.27
C HIS A 61 7.06 0.35 -8.52
N GLU A 62 7.79 0.98 -9.44
CA GLU A 62 9.14 0.54 -9.77
C GLU A 62 10.02 0.49 -8.52
N GLU A 63 9.67 1.31 -7.52
CA GLU A 63 10.42 1.36 -6.28
C GLU A 63 10.05 0.19 -5.38
N LEU A 64 8.78 -0.20 -5.42
CA LEU A 64 8.28 -1.31 -4.60
C LEU A 64 8.89 -2.62 -5.06
N LYS A 65 9.22 -2.71 -6.34
CA LYS A 65 9.81 -3.91 -6.91
C LYS A 65 11.17 -4.21 -6.26
N GLN A 66 11.96 -3.16 -6.07
CA GLN A 66 13.28 -3.31 -5.46
C GLN A 66 13.18 -3.36 -3.94
N LEU A 67 12.01 -3.04 -3.42
CA LEU A 67 11.78 -3.05 -1.98
C LEU A 67 11.72 -4.48 -1.45
N GLY A 68 11.41 -5.41 -2.33
CA GLY A 68 11.32 -6.81 -1.93
C GLY A 68 9.96 -7.42 -2.24
N ILE A 69 9.18 -6.73 -3.08
CA ILE A 69 7.87 -7.21 -3.45
C ILE A 69 7.86 -7.79 -4.86
N SER A 70 7.84 -9.12 -4.96
CA SER A 70 7.85 -9.79 -6.26
C SER A 70 6.58 -10.60 -6.44
N ALA A 71 5.53 -10.23 -5.72
CA ALA A 71 4.25 -10.94 -5.80
C ALA A 71 3.34 -10.27 -6.83
N THR A 72 3.59 -9.00 -7.11
CA THR A 72 2.79 -8.26 -8.07
C THR A 72 1.40 -7.94 -7.51
N GLY A 73 0.58 -8.97 -7.36
CA GLY A 73 -0.75 -8.78 -6.82
C GLY A 73 -0.75 -8.07 -5.49
N HIS A 74 0.35 -8.18 -4.76
CA HIS A 74 0.48 -7.54 -3.46
C HIS A 74 0.95 -6.10 -3.61
N ARG A 75 1.88 -5.88 -4.52
CA ARG A 75 2.42 -4.55 -4.76
C ARG A 75 1.30 -3.56 -5.12
N LYS A 76 0.50 -3.93 -6.12
CA LYS A 76 -0.60 -3.08 -6.55
C LYS A 76 -1.67 -2.98 -5.48
N ARG A 77 -1.61 -3.88 -4.51
CA ARG A 77 -2.58 -3.89 -3.41
C ARG A 77 -2.22 -2.84 -2.37
N ILE A 78 -0.97 -2.39 -2.37
CA ILE A 78 -0.51 -1.39 -1.44
C ILE A 78 -0.66 0.02 -2.02
N LEU A 79 -0.08 0.22 -3.19
CA LEU A 79 -0.15 1.53 -3.86
C LEU A 79 -1.60 1.97 -4.02
N ARG A 80 -2.49 1.02 -4.29
CA ARG A 80 -3.90 1.32 -4.47
C ARG A 80 -4.50 1.92 -3.20
N LEU A 81 -3.83 1.69 -2.07
CA LEU A 81 -4.29 2.21 -0.79
C LEU A 81 -3.60 3.53 -0.46
N LEU A 82 -2.36 3.66 -0.90
CA LEU A 82 -1.59 4.87 -0.65
C LEU A 82 -2.27 6.10 -1.25
N GLN A 83 -2.86 5.90 -2.44
CA GLN A 83 -3.55 6.99 -3.12
C GLN A 83 -4.76 7.45 -2.32
N THR A 84 -5.59 6.50 -1.90
CA THR A 84 -6.79 6.81 -1.13
C THR A 84 -7.48 8.07 -1.66
N GLY A 85 -7.50 8.21 -2.99
CA GLY A 85 -8.14 9.36 -3.60
C GLY A 85 -8.56 9.09 -5.03
N THR A 86 -7.66 8.52 -5.82
CA THR A 86 -7.94 8.21 -7.22
C THR A 86 -9.12 7.27 -7.35
N GLU A 87 -9.34 6.46 -6.30
CA GLU A 87 -10.44 5.50 -6.31
C GLU A 87 -11.29 5.65 -5.05
N GLU A 88 -11.38 6.87 -4.54
CA GLU A 88 -12.15 7.15 -3.34
C GLU A 88 -13.57 6.59 -3.46
N GLY A 89 -13.92 5.69 -2.55
CA GLY A 89 -15.25 5.09 -2.57
C GLY A 89 -15.23 3.69 -3.14
N SER A 90 -16.14 2.84 -2.66
CA SER A 90 -16.23 1.46 -3.12
C SER A 90 -17.55 1.20 -3.82
N LEU A 91 -17.85 2.03 -4.82
CA LEU A 91 -19.09 1.90 -5.58
C LEU A 91 -18.80 1.54 -7.04
N ASP A 92 -17.99 0.52 -7.24
CA ASP A 92 -17.64 0.07 -8.59
C ASP A 92 -17.99 -1.40 -8.79
N PRO A 93 -18.12 -1.81 -10.07
CA PRO A 93 -18.46 -3.18 -10.43
C PRO A 93 -17.33 -4.16 -10.11
N LYS A 94 -17.56 -5.44 -10.39
CA LYS A 94 -16.56 -6.47 -10.15
C LYS A 94 -16.77 -7.66 -11.08
N SER A 95 -17.23 -7.38 -12.30
CA SER A 95 -17.47 -8.43 -13.28
C SER A 95 -16.19 -8.79 -14.02
N ASP A 96 -15.63 -7.82 -14.73
CA ASP A 96 -14.40 -8.04 -15.48
C ASP A 96 -14.48 -9.31 -16.32
N SER A 97 -13.35 -9.72 -16.88
CA SER A 97 -13.29 -10.92 -17.69
C SER A 97 -11.85 -11.36 -17.93
N ALA A 98 -11.09 -10.51 -18.62
CA ALA A 98 -9.69 -10.82 -18.91
C ALA A 98 -8.93 -9.55 -19.28
N MET A 99 -9.43 -8.83 -20.27
CA MET A 99 -8.79 -7.59 -20.73
C MET A 99 -7.35 -7.85 -21.16
N GLU A 100 -6.67 -6.79 -21.58
CA GLU A 100 -5.28 -6.91 -22.02
C GLU A 100 -4.46 -5.71 -21.54
N HIS A 20 -11.40 15.99 0.51
CA HIS A 20 -9.97 15.87 0.77
C HIS A 20 -9.70 15.28 2.15
N MET A 21 -8.89 14.24 2.20
CA MET A 21 -8.56 13.58 3.46
C MET A 21 -7.49 12.51 3.25
N ALA A 22 -7.02 11.93 4.35
CA ALA A 22 -6.01 10.88 4.29
C ALA A 22 -5.87 10.18 5.63
N ALA A 23 -5.33 8.95 5.59
CA ALA A 23 -5.15 8.17 6.81
C ALA A 23 -4.26 8.92 7.81
N PRO A 24 -4.38 8.53 9.09
CA PRO A 24 -3.60 9.15 10.17
C PRO A 24 -2.12 8.80 10.09
N GLN A 25 -1.34 9.29 11.05
CA GLN A 25 0.09 9.04 11.09
C GLN A 25 0.40 7.87 12.00
N ASP A 26 -0.39 7.69 13.04
CA ASP A 26 -0.20 6.61 14.00
C ASP A 26 -0.96 5.36 13.56
N LEU A 27 -0.79 4.99 12.29
CA LEU A 27 -1.45 3.81 11.75
C LEU A 27 -0.47 2.66 11.56
N ASP A 28 -0.72 1.56 12.24
CA ASP A 28 0.14 0.38 12.14
C ASP A 28 0.46 0.05 10.68
N ILE A 29 1.73 -0.21 10.41
CA ILE A 29 2.17 -0.54 9.05
C ILE A 29 1.44 -1.77 8.53
N ALA A 30 0.89 -2.57 9.44
CA ALA A 30 0.16 -3.77 9.06
C ALA A 30 -1.22 -3.44 8.52
N VAL A 31 -1.84 -2.41 9.08
CA VAL A 31 -3.16 -1.98 8.64
C VAL A 31 -3.09 -1.25 7.31
N TRP A 32 -1.93 -0.68 7.01
CA TRP A 32 -1.74 0.05 5.77
C TRP A 32 -1.58 -0.91 4.59
N LEU A 33 -0.68 -1.87 4.73
CA LEU A 33 -0.43 -2.85 3.68
C LEU A 33 -1.59 -3.85 3.59
N ALA A 34 -2.33 -3.99 4.68
CA ALA A 34 -3.46 -4.90 4.73
C ALA A 34 -4.54 -4.47 3.73
N THR A 35 -4.49 -3.21 3.32
CA THR A 35 -5.47 -2.68 2.38
C THR A 35 -5.32 -3.32 1.00
N VAL A 36 -4.11 -3.80 0.71
CA VAL A 36 -3.82 -4.43 -0.58
C VAL A 36 -3.51 -5.91 -0.40
N HIS A 37 -3.83 -6.44 0.78
CA HIS A 37 -3.59 -7.85 1.07
C HIS A 37 -2.09 -8.15 1.07
N LEU A 38 -1.31 -7.24 1.65
CA LEU A 38 0.14 -7.40 1.72
C LEU A 38 0.68 -6.98 3.07
N GLU A 39 -0.16 -7.08 4.09
CA GLU A 39 0.23 -6.71 5.45
C GLU A 39 1.46 -7.49 5.89
N GLN A 40 1.69 -8.64 5.26
CA GLN A 40 2.84 -9.48 5.59
C GLN A 40 4.14 -8.72 5.41
N TYR A 41 4.10 -7.67 4.58
CA TYR A 41 5.28 -6.86 4.32
C TYR A 41 5.54 -5.89 5.47
N ALA A 42 4.60 -5.82 6.40
CA ALA A 42 4.72 -4.94 7.56
C ALA A 42 5.89 -5.35 8.45
N ASP A 43 6.27 -6.62 8.35
CA ASP A 43 7.37 -7.15 9.15
C ASP A 43 8.67 -6.42 8.83
N THR A 44 9.20 -6.65 7.63
CA THR A 44 10.44 -6.01 7.20
C THR A 44 10.38 -4.50 7.40
N PHE A 45 9.18 -3.94 7.27
CA PHE A 45 8.99 -2.50 7.44
C PHE A 45 9.29 -2.07 8.87
N ARG A 46 8.65 -2.73 9.83
CA ARG A 46 8.84 -2.43 11.24
C ARG A 46 10.31 -2.59 11.64
N ARG A 47 10.95 -3.62 11.10
CA ARG A 47 12.35 -3.89 11.40
C ARG A 47 13.25 -2.83 10.78
N HIS A 48 12.70 -2.06 9.85
CA HIS A 48 13.45 -1.00 9.18
C HIS A 48 13.37 0.31 9.97
N GLY A 49 12.56 0.31 11.02
CA GLY A 49 12.40 1.49 11.84
C GLY A 49 11.13 2.25 11.52
N LEU A 50 10.22 1.60 10.81
CA LEU A 50 8.95 2.23 10.43
C LEU A 50 7.79 1.26 10.60
N ALA A 51 7.15 1.31 11.76
CA ALA A 51 6.02 0.43 12.05
C ALA A 51 4.70 1.15 11.80
N THR A 52 4.77 2.31 11.15
CA THR A 52 3.58 3.10 10.85
C THR A 52 3.71 3.80 9.51
N ALA A 53 2.58 4.05 8.86
CA ALA A 53 2.58 4.73 7.57
C ALA A 53 3.19 6.11 7.68
N GLY A 54 3.25 6.65 8.89
CA GLY A 54 3.81 7.96 9.10
C GLY A 54 5.33 7.93 9.21
N ALA A 55 5.88 6.74 9.46
CA ALA A 55 7.31 6.58 9.59
C ALA A 55 7.94 6.17 8.27
N ALA A 56 7.11 5.90 7.28
CA ALA A 56 7.58 5.50 5.96
C ALA A 56 7.32 6.58 4.93
N ARG A 57 6.58 7.61 5.33
CA ARG A 57 6.26 8.71 4.44
C ARG A 57 7.51 9.25 3.76
N GLY A 58 7.60 9.06 2.45
CA GLY A 58 8.76 9.53 1.71
C GLY A 58 9.33 8.46 0.80
N LEU A 59 9.17 7.21 1.19
CA LEU A 59 9.69 6.08 0.40
C LEU A 59 9.23 6.20 -1.05
N GLY A 60 10.09 5.76 -1.97
CA GLY A 60 9.77 5.82 -3.38
C GLY A 60 9.76 4.45 -4.03
N HIS A 61 9.74 4.42 -5.36
CA HIS A 61 9.74 3.17 -6.10
C HIS A 61 11.09 2.47 -6.01
N GLU A 62 12.13 3.15 -6.48
CA GLU A 62 13.48 2.59 -6.45
C GLU A 62 13.91 2.26 -5.03
N GLU A 63 13.25 2.89 -4.05
CA GLU A 63 13.56 2.66 -2.65
C GLU A 63 12.92 1.37 -2.16
N LEU A 64 11.72 1.09 -2.64
CA LEU A 64 10.99 -0.12 -2.25
C LEU A 64 11.70 -1.36 -2.78
N LYS A 65 12.22 -1.27 -3.99
CA LYS A 65 12.92 -2.39 -4.61
C LYS A 65 14.13 -2.80 -3.79
N GLN A 66 14.87 -1.81 -3.30
CA GLN A 66 16.06 -2.07 -2.49
C GLN A 66 15.68 -2.36 -1.04
N LEU A 67 14.42 -2.09 -0.70
CA LEU A 67 13.93 -2.31 0.65
C LEU A 67 13.65 -3.80 0.89
N GLY A 68 13.70 -4.58 -0.17
CA GLY A 68 13.46 -6.01 -0.06
C GLY A 68 12.38 -6.49 -1.01
N ILE A 69 11.65 -5.54 -1.60
CA ILE A 69 10.58 -5.88 -2.54
C ILE A 69 11.15 -6.14 -3.93
N SER A 70 10.55 -7.11 -4.64
CA SER A 70 10.99 -7.46 -5.98
C SER A 70 9.88 -8.16 -6.75
N ALA A 71 8.64 -7.90 -6.34
CA ALA A 71 7.49 -8.52 -7.00
C ALA A 71 6.92 -7.60 -8.07
N THR A 72 7.24 -6.32 -7.98
CA THR A 72 6.75 -5.33 -8.94
C THR A 72 5.27 -5.06 -8.75
N GLY A 73 4.44 -6.05 -9.09
CA GLY A 73 3.02 -5.90 -8.95
C GLY A 73 2.61 -5.48 -7.55
N HIS A 74 3.41 -5.85 -6.56
CA HIS A 74 3.12 -5.51 -5.17
C HIS A 74 3.66 -4.13 -4.83
N ARG A 75 4.85 -3.81 -5.36
CA ARG A 75 5.47 -2.51 -5.11
C ARG A 75 4.56 -1.38 -5.56
N LYS A 76 4.09 -1.46 -6.81
CA LYS A 76 3.21 -0.44 -7.36
C LYS A 76 1.87 -0.42 -6.63
N ARG A 77 1.59 -1.49 -5.89
CA ARG A 77 0.34 -1.60 -5.15
C ARG A 77 0.39 -0.76 -3.87
N ILE A 78 1.60 -0.55 -3.36
CA ILE A 78 1.80 0.23 -2.14
C ILE A 78 1.85 1.72 -2.45
N LEU A 79 2.76 2.11 -3.34
CA LEU A 79 2.91 3.51 -3.71
C LEU A 79 1.58 4.08 -4.22
N ARG A 80 0.81 3.24 -4.89
CA ARG A 80 -0.48 3.67 -5.42
C ARG A 80 -1.43 4.08 -4.30
N LEU A 81 -1.15 3.61 -3.09
CA LEU A 81 -1.97 3.92 -1.92
C LEU A 81 -1.40 5.11 -1.17
N LEU A 82 -0.08 5.24 -1.18
CA LEU A 82 0.59 6.34 -0.49
C LEU A 82 0.12 7.69 -1.03
N GLN A 83 -0.08 7.76 -2.35
CA GLN A 83 -0.53 8.99 -2.98
C GLN A 83 -1.94 9.37 -2.50
N THR A 84 -2.84 8.40 -2.56
CA THR A 84 -4.22 8.62 -2.14
C THR A 84 -4.72 10.00 -2.60
N GLY A 85 -4.34 10.38 -3.82
CA GLY A 85 -4.76 11.67 -4.35
C GLY A 85 -4.45 11.80 -5.83
N THR A 86 -5.04 10.93 -6.63
CA THR A 86 -4.82 10.95 -8.08
C THR A 86 -6.11 10.62 -8.83
N GLU A 87 -6.80 9.58 -8.39
CA GLU A 87 -8.04 9.16 -9.03
C GLU A 87 -8.70 8.03 -8.25
N GLU A 88 -9.80 7.51 -8.78
CA GLU A 88 -10.52 6.42 -8.14
C GLU A 88 -11.32 5.62 -9.16
N GLY A 89 -11.88 6.31 -10.14
CA GLY A 89 -12.67 5.65 -11.17
C GLY A 89 -14.01 5.16 -10.65
N SER A 90 -14.54 4.11 -11.27
CA SER A 90 -15.82 3.54 -10.88
C SER A 90 -15.68 2.05 -10.55
N LEU A 91 -15.16 1.30 -11.52
CA LEU A 91 -14.97 -0.14 -11.34
C LEU A 91 -16.31 -0.83 -11.12
N ASP A 92 -16.83 -1.45 -12.17
CA ASP A 92 -18.11 -2.16 -12.09
C ASP A 92 -18.00 -3.53 -12.74
N PRO A 93 -17.28 -4.45 -12.08
CA PRO A 93 -17.09 -5.82 -12.57
C PRO A 93 -18.37 -6.65 -12.50
N LYS A 94 -19.05 -6.57 -11.36
CA LYS A 94 -20.30 -7.31 -11.18
C LYS A 94 -21.46 -6.58 -11.83
N SER A 95 -21.88 -7.06 -13.00
CA SER A 95 -22.98 -6.46 -13.74
C SER A 95 -24.22 -7.36 -13.68
N ASP A 96 -24.00 -8.65 -13.85
CA ASP A 96 -25.10 -9.61 -13.83
C ASP A 96 -25.60 -9.83 -12.40
N SER A 97 -26.74 -10.50 -12.26
CA SER A 97 -27.32 -10.76 -10.95
C SER A 97 -26.88 -12.12 -10.43
N ALA A 98 -27.33 -13.19 -11.09
CA ALA A 98 -26.98 -14.54 -10.69
C ALA A 98 -27.12 -15.51 -11.86
N MET A 99 -26.00 -15.82 -12.51
CA MET A 99 -26.00 -16.73 -13.64
C MET A 99 -26.87 -16.20 -14.78
N GLU A 100 -26.92 -16.93 -15.88
CA GLU A 100 -27.70 -16.52 -17.04
C GLU A 100 -28.50 -17.70 -17.61
N HIS A 20 -9.99 18.51 4.81
CA HIS A 20 -9.52 17.34 4.07
C HIS A 20 -9.50 16.11 4.97
N MET A 21 -10.04 15.01 4.46
CA MET A 21 -10.10 13.77 5.21
C MET A 21 -9.05 12.78 4.71
N ALA A 22 -7.88 12.77 5.35
CA ALA A 22 -6.80 11.88 4.96
C ALA A 22 -6.50 10.87 6.07
N ALA A 23 -5.60 9.92 5.77
CA ALA A 23 -5.22 8.90 6.74
C ALA A 23 -4.30 9.47 7.81
N PRO A 24 -4.23 8.79 8.96
CA PRO A 24 -3.39 9.21 10.08
C PRO A 24 -1.89 9.03 9.78
N GLN A 25 -1.06 9.24 10.79
CA GLN A 25 0.38 9.10 10.64
C GLN A 25 0.92 7.96 11.49
N ASP A 26 0.33 7.78 12.66
CA ASP A 26 0.74 6.71 13.58
C ASP A 26 -0.04 5.44 13.31
N LEU A 27 -0.11 5.04 12.05
CA LEU A 27 -0.82 3.83 11.66
C LEU A 27 0.14 2.69 11.36
N ASP A 28 0.06 1.62 12.14
CA ASP A 28 0.93 0.46 11.97
C ASP A 28 0.99 0.05 10.50
N ILE A 29 2.19 -0.21 10.01
CA ILE A 29 2.39 -0.62 8.62
C ILE A 29 1.60 -1.88 8.30
N ALA A 30 1.26 -2.63 9.34
CA ALA A 30 0.49 -3.87 9.18
C ALA A 30 -0.97 -3.58 8.87
N VAL A 31 -1.50 -2.50 9.46
CA VAL A 31 -2.89 -2.11 9.24
C VAL A 31 -3.07 -1.49 7.87
N TRP A 32 -2.00 -0.95 7.32
CA TRP A 32 -2.05 -0.32 6.00
C TRP A 32 -2.07 -1.37 4.90
N LEU A 33 -1.11 -2.27 4.93
CA LEU A 33 -1.02 -3.34 3.93
C LEU A 33 -2.16 -4.34 4.09
N ALA A 34 -2.71 -4.40 5.30
CA ALA A 34 -3.80 -5.32 5.61
C ALA A 34 -5.03 -4.98 4.77
N THR A 35 -5.09 -3.75 4.27
CA THR A 35 -6.22 -3.30 3.46
C THR A 35 -6.24 -4.01 2.12
N VAL A 36 -5.06 -4.42 1.65
CA VAL A 36 -4.95 -5.12 0.37
C VAL A 36 -4.61 -6.59 0.58
N HIS A 37 -4.77 -7.06 1.81
CA HIS A 37 -4.49 -8.45 2.13
C HIS A 37 -3.00 -8.76 1.92
N LEU A 38 -2.14 -7.86 2.38
CA LEU A 38 -0.70 -8.04 2.25
C LEU A 38 0.03 -7.51 3.48
N GLU A 39 -0.66 -7.51 4.62
CA GLU A 39 -0.08 -7.03 5.86
C GLU A 39 1.24 -7.77 6.17
N GLN A 40 1.37 -8.98 5.63
CA GLN A 40 2.57 -9.78 5.85
C GLN A 40 3.81 -9.04 5.39
N TYR A 41 3.63 -8.12 4.45
CA TYR A 41 4.74 -7.34 3.91
C TYR A 41 5.21 -6.29 4.93
N ALA A 42 4.45 -6.16 6.01
CA ALA A 42 4.79 -5.19 7.05
C ALA A 42 6.13 -5.52 7.70
N ASP A 43 6.52 -6.79 7.62
CA ASP A 43 7.79 -7.24 8.18
C ASP A 43 8.97 -6.51 7.54
N THR A 44 9.19 -6.78 6.27
CA THR A 44 10.29 -6.16 5.53
C THR A 44 10.21 -4.63 5.63
N PHE A 45 8.99 -4.11 5.71
CA PHE A 45 8.79 -2.67 5.81
C PHE A 45 9.37 -2.12 7.11
N ARG A 46 8.97 -2.72 8.23
CA ARG A 46 9.43 -2.30 9.54
C ARG A 46 10.96 -2.37 9.62
N ARG A 47 11.52 -3.48 9.13
CA ARG A 47 12.96 -3.67 9.14
C ARG A 47 13.66 -2.63 8.26
N HIS A 48 12.89 -1.97 7.41
CA HIS A 48 13.43 -0.95 6.52
C HIS A 48 13.47 0.41 7.21
N GLY A 49 12.91 0.48 8.41
CA GLY A 49 12.89 1.72 9.15
C GLY A 49 11.56 2.44 9.04
N LEU A 50 10.54 1.73 8.60
CA LEU A 50 9.20 2.30 8.43
C LEU A 50 8.13 1.33 8.89
N ALA A 51 7.72 1.45 10.15
CA ALA A 51 6.69 0.58 10.71
C ALA A 51 5.33 1.27 10.71
N THR A 52 5.24 2.39 10.00
CA THR A 52 3.99 3.14 9.91
C THR A 52 3.83 3.78 8.55
N ALA A 53 2.58 3.97 8.13
CA ALA A 53 2.29 4.57 6.84
C ALA A 53 2.83 5.99 6.75
N GLY A 54 3.06 6.60 7.91
CA GLY A 54 3.58 7.95 7.95
C GLY A 54 5.10 8.00 7.81
N ALA A 55 5.74 6.87 8.08
CA ALA A 55 7.19 6.78 7.98
C ALA A 55 7.62 6.19 6.64
N ALA A 56 6.64 5.81 5.82
CA ALA A 56 6.92 5.23 4.52
C ALA A 56 6.42 6.14 3.40
N ARG A 57 5.57 7.10 3.76
CA ARG A 57 5.02 8.04 2.79
C ARG A 57 6.14 8.67 1.95
N GLY A 58 6.22 8.26 0.69
CA GLY A 58 7.24 8.79 -0.19
C GLY A 58 7.83 7.73 -1.10
N LEU A 59 7.86 6.49 -0.62
CA LEU A 59 8.41 5.38 -1.39
C LEU A 59 7.77 5.32 -2.77
N GLY A 60 8.56 4.93 -3.76
CA GLY A 60 8.06 4.83 -5.13
C GLY A 60 8.06 3.39 -5.64
N HIS A 61 7.85 3.24 -6.94
CA HIS A 61 7.81 1.93 -7.55
C HIS A 61 9.20 1.29 -7.55
N GLU A 62 10.17 1.99 -8.14
CA GLU A 62 11.54 1.50 -8.20
C GLU A 62 12.07 1.18 -6.81
N GLU A 63 11.50 1.84 -5.80
CA GLU A 63 11.91 1.63 -4.41
C GLU A 63 11.31 0.34 -3.86
N LEU A 64 10.09 0.05 -4.26
CA LEU A 64 9.40 -1.15 -3.79
C LEU A 64 10.07 -2.41 -4.33
N LYS A 65 10.63 -2.30 -5.53
CA LYS A 65 11.31 -3.43 -6.17
C LYS A 65 12.52 -3.87 -5.34
N GLN A 66 13.25 -2.89 -4.82
CA GLN A 66 14.43 -3.18 -4.02
C GLN A 66 14.05 -3.47 -2.57
N LEU A 67 12.80 -3.18 -2.23
CA LEU A 67 12.30 -3.41 -0.87
C LEU A 67 12.14 -4.90 -0.60
N GLY A 68 11.98 -5.68 -1.67
CA GLY A 68 11.82 -7.11 -1.52
C GLY A 68 10.51 -7.61 -2.09
N ILE A 69 9.89 -6.80 -2.95
CA ILE A 69 8.63 -7.16 -3.58
C ILE A 69 8.83 -7.63 -5.01
N SER A 70 8.50 -8.89 -5.27
CA SER A 70 8.65 -9.46 -6.62
C SER A 70 7.29 -9.58 -7.30
N ALA A 71 6.23 -9.51 -6.52
CA ALA A 71 4.87 -9.60 -7.07
C ALA A 71 4.43 -8.26 -7.64
N THR A 72 4.63 -8.10 -8.95
CA THR A 72 4.24 -6.86 -9.63
C THR A 72 2.79 -6.50 -9.32
N GLY A 73 1.92 -7.50 -9.31
CA GLY A 73 0.52 -7.25 -9.04
C GLY A 73 0.30 -6.71 -7.64
N HIS A 74 1.18 -7.06 -6.72
CA HIS A 74 1.08 -6.60 -5.33
C HIS A 74 1.66 -5.19 -5.18
N ARG A 75 2.85 -4.98 -5.76
CA ARG A 75 3.51 -3.69 -5.68
C ARG A 75 2.58 -2.57 -6.12
N LYS A 76 1.94 -2.76 -7.27
CA LYS A 76 1.01 -1.78 -7.81
C LYS A 76 -0.20 -1.61 -6.91
N ARG A 77 -0.46 -2.63 -6.09
CA ARG A 77 -1.60 -2.60 -5.17
C ARG A 77 -1.29 -1.71 -3.96
N ILE A 78 -0.01 -1.53 -3.68
CA ILE A 78 0.42 -0.72 -2.54
C ILE A 78 0.43 0.77 -2.91
N LEU A 79 1.15 1.10 -3.98
CA LEU A 79 1.24 2.47 -4.45
C LEU A 79 -0.13 3.03 -4.78
N ARG A 80 -1.00 2.19 -5.34
CA ARG A 80 -2.34 2.60 -5.70
C ARG A 80 -3.13 3.05 -4.48
N LEU A 81 -2.71 2.59 -3.31
CA LEU A 81 -3.36 2.94 -2.05
C LEU A 81 -2.71 4.17 -1.41
N LEU A 82 -1.40 4.29 -1.60
CA LEU A 82 -0.65 5.42 -1.05
C LEU A 82 -1.19 6.74 -1.58
N GLN A 83 -1.56 6.76 -2.86
CA GLN A 83 -2.10 7.96 -3.48
C GLN A 83 -3.43 8.35 -2.86
N THR A 84 -4.35 7.39 -2.77
CA THR A 84 -5.67 7.64 -2.19
C THR A 84 -6.19 9.02 -2.59
N GLY A 85 -6.86 9.08 -3.73
CA GLY A 85 -7.41 10.34 -4.20
C GLY A 85 -8.06 11.14 -3.09
N THR A 86 -7.40 12.20 -2.65
CA THR A 86 -7.92 13.04 -1.58
C THR A 86 -8.69 14.23 -2.15
N GLU A 87 -9.39 14.00 -3.25
CA GLU A 87 -10.16 15.06 -3.90
C GLU A 87 -11.28 14.47 -4.76
N GLU A 88 -11.72 13.26 -4.39
CA GLU A 88 -12.78 12.59 -5.13
C GLU A 88 -13.52 11.60 -4.24
N GLY A 89 -14.56 10.97 -4.80
CA GLY A 89 -15.33 10.01 -4.03
C GLY A 89 -15.94 8.93 -4.91
N SER A 90 -16.60 7.97 -4.29
CA SER A 90 -17.23 6.87 -5.02
C SER A 90 -16.18 6.04 -5.76
N LEU A 91 -16.58 4.85 -6.20
CA LEU A 91 -15.69 3.97 -6.93
C LEU A 91 -16.37 3.39 -8.17
N ASP A 92 -17.50 2.74 -7.96
CA ASP A 92 -18.26 2.15 -9.06
C ASP A 92 -17.45 1.05 -9.75
N PRO A 93 -17.31 -0.10 -9.08
CA PRO A 93 -16.56 -1.24 -9.61
C PRO A 93 -17.26 -1.90 -10.79
N LYS A 94 -16.55 -2.80 -11.46
CA LYS A 94 -17.12 -3.50 -12.62
C LYS A 94 -16.75 -4.98 -12.57
N SER A 95 -15.47 -5.27 -12.38
CA SER A 95 -14.99 -6.65 -12.32
C SER A 95 -13.87 -6.79 -11.29
N ASP A 96 -14.10 -7.65 -10.29
CA ASP A 96 -13.12 -7.88 -9.24
C ASP A 96 -13.59 -8.97 -8.29
N SER A 97 -12.81 -10.03 -8.18
CA SER A 97 -13.14 -11.15 -7.30
C SER A 97 -11.89 -11.89 -6.86
N ALA A 98 -11.24 -12.56 -7.80
CA ALA A 98 -10.02 -13.32 -7.50
C ALA A 98 -9.44 -13.93 -8.77
N MET A 99 -10.10 -14.96 -9.29
CA MET A 99 -9.64 -15.64 -10.49
C MET A 99 -10.66 -16.68 -10.96
N GLU A 100 -10.36 -17.34 -12.07
CA GLU A 100 -11.24 -18.36 -12.61
C GLU A 100 -12.62 -17.77 -12.90
#